data_3IFC
#
_entry.id   3IFC
#
_cell.length_a   218.14
_cell.length_b   234.54
_cell.length_c   71.75
_cell.angle_alpha   90.00
_cell.angle_beta   90.00
_cell.angle_gamma   90.00
#
_symmetry.space_group_name_H-M   'C 2 2 2'
#
loop_
_entity.id
_entity.type
_entity.pdbx_description
1 polymer 'Fructose-1,6-bisphosphatase isozyme 2'
2 non-polymer 'ADENOSINE MONOPHOSPHATE'
3 non-polymer 6-O-phosphono-alpha-D-fructofuranose
4 non-polymer 'SULFATE ION'
5 non-polymer GLYCEROL
6 water water
#
_entity_poly.entity_id   1
_entity_poly.type   'polypeptide(L)'
_entity_poly.pdbx_seq_one_letter_code
;TDRSPFETDMLTLTRYVMEKGRQAKGTGELTQLLNSMLTAIKAISSAVRKAGLAHLYGIAGSVNVTGDQVKKLDVLSNSL
VINMLQSSYSTCVLVSEENKDAIITAKEKRGKYVVCFDPLDGSSNIDCLASIGTIFAIYRKTSEDEPSEKDALQCGRNIV
AAGYALYGSATLVALSTGQGVDLFMLDPALGEFVLVEKDVKIKKKGKIYSLNEGYAKYFDAATTEYVQKKKFPEDGSAPY
GARYVGSMVADVHRTLVYGGIFLYPANQKSPKGKLRLLYECNPVAYIIEQAGGLATTGTQPVLDVKPEAIHQRVPLILGS
PEDVQEYLTCVQKNQAGS
;
_entity_poly.pdbx_strand_id   A,B,C,D
#
loop_
_chem_comp.id
_chem_comp.type
_chem_comp.name
_chem_comp.formula
AMP non-polymer 'ADENOSINE MONOPHOSPHATE' 'C10 H14 N5 O7 P'
GOL non-polymer GLYCEROL 'C3 H8 O3'
P6P D-saccharide, alpha linking 6-O-phosphono-alpha-D-fructofuranose 'C6 H13 O9 P'
SO4 non-polymer 'SULFATE ION' 'O4 S -2'
#
# COMPACT_ATOMS: atom_id res chain seq x y z
N ASP A 9 -10.80 -28.96 -2.20
CA ASP A 9 -9.45 -29.38 -1.76
C ASP A 9 -9.36 -29.72 -0.22
N MET A 10 -9.10 -28.69 0.58
CA MET A 10 -8.61 -28.82 1.92
C MET A 10 -9.69 -29.07 3.00
N LEU A 11 -10.97 -28.78 2.65
CA LEU A 11 -12.16 -29.09 3.45
C LEU A 11 -12.20 -28.15 4.69
N THR A 12 -11.24 -28.24 5.60
CA THR A 12 -11.27 -27.48 6.83
C THR A 12 -10.57 -26.14 6.74
N LEU A 13 -11.06 -25.19 7.50
CA LEU A 13 -10.43 -23.88 7.52
C LEU A 13 -8.97 -24.00 7.95
N THR A 14 -8.71 -24.82 8.98
CA THR A 14 -7.36 -25.07 9.46
C THR A 14 -6.36 -25.52 8.37
N ARG A 15 -6.72 -26.51 7.59
CA ARG A 15 -5.87 -26.92 6.48
C ARG A 15 -5.78 -25.84 5.41
N TYR A 16 -6.90 -25.14 5.17
CA TYR A 16 -6.98 -24.16 4.10
C TYR A 16 -6.03 -23.03 4.39
N VAL A 17 -6.13 -22.48 5.61
CA VAL A 17 -5.29 -21.39 6.06
C VAL A 17 -3.80 -21.81 6.07
N MET A 18 -3.52 -23.04 6.48
CA MET A 18 -2.14 -23.56 6.47
C MET A 18 -1.60 -23.58 5.06
N GLU A 19 -2.43 -24.07 4.15
CA GLU A 19 -2.01 -24.26 2.79
C GLU A 19 -1.80 -22.94 2.03
N LYS A 20 -2.66 -21.97 2.31
CA LYS A 20 -2.51 -20.60 1.82
C LYS A 20 -1.21 -19.97 2.33
N GLY A 21 -0.86 -20.23 3.61
CA GLY A 21 0.40 -19.77 4.21
C GLY A 21 1.60 -20.38 3.53
N ARG A 22 1.53 -21.67 3.29
CA ARG A 22 2.54 -22.36 2.46
C ARG A 22 2.71 -21.77 1.04
N GLN A 23 1.61 -21.56 0.31
CA GLN A 23 1.66 -20.96 -1.04
C GLN A 23 2.24 -19.53 -1.02
N ALA A 24 1.88 -18.76 0.01
CA ALA A 24 2.42 -17.41 0.22
C ALA A 24 3.91 -17.40 0.64
N LYS A 25 4.45 -18.56 0.98
CA LYS A 25 5.78 -18.69 1.53
C LYS A 25 5.98 -17.87 2.78
N GLY A 26 4.96 -17.84 3.62
CA GLY A 26 5.06 -17.27 4.96
C GLY A 26 5.93 -18.08 5.95
N THR A 27 6.39 -17.41 7.01
CA THR A 27 7.20 -18.01 8.07
C THR A 27 6.26 -18.68 9.09
N GLY A 28 4.94 -18.50 8.95
CA GLY A 28 3.96 -19.13 9.85
C GLY A 28 3.37 -18.19 10.87
N GLU A 29 3.83 -16.95 10.88
CA GLU A 29 3.41 -15.98 11.86
C GLU A 29 1.95 -15.53 11.65
N LEU A 30 1.57 -15.22 10.42
CA LEU A 30 0.17 -14.92 10.12
C LEU A 30 -0.70 -16.16 10.24
N THR A 31 -0.22 -17.32 9.80
CA THR A 31 -1.02 -18.55 9.99
C THR A 31 -1.36 -18.74 11.47
N GLN A 32 -0.39 -18.54 12.38
CA GLN A 32 -0.64 -18.69 13.83
C GLN A 32 -1.61 -17.66 14.35
N LEU A 33 -1.51 -16.44 13.83
CA LEU A 33 -2.46 -15.39 14.24
C LEU A 33 -3.85 -15.74 13.76
N LEU A 34 -3.97 -16.20 12.51
CA LEU A 34 -5.27 -16.60 12.01
C LEU A 34 -5.85 -17.77 12.81
N ASN A 35 -5.06 -18.82 13.08
CA ASN A 35 -5.50 -19.98 13.89
C ASN A 35 -5.99 -19.54 15.26
N SER A 36 -5.25 -18.62 15.86
CA SER A 36 -5.58 -18.05 17.16
C SER A 36 -6.93 -17.29 17.18
N MET A 37 -7.14 -16.41 16.20
CA MET A 37 -8.43 -15.73 16.08
C MET A 37 -9.62 -16.69 15.91
N LEU A 38 -9.41 -17.73 15.13
CA LEU A 38 -10.46 -18.67 14.78
C LEU A 38 -10.77 -19.57 15.95
N THR A 39 -9.78 -19.87 16.77
CA THR A 39 -10.02 -20.57 18.06
C THR A 39 -10.83 -19.68 18.99
N ALA A 40 -10.50 -18.39 19.06
CA ALA A 40 -11.27 -17.49 19.93
C ALA A 40 -12.73 -17.47 19.43
N ILE A 41 -12.90 -17.43 18.12
CA ILE A 41 -14.24 -17.43 17.52
C ILE A 41 -15.06 -18.69 17.88
N LYS A 42 -14.43 -19.85 17.88
CA LYS A 42 -15.10 -21.07 18.33
C LYS A 42 -15.53 -21.00 19.79
N ALA A 43 -14.67 -20.45 20.63
CA ALA A 43 -14.92 -20.32 22.03
C ALA A 43 -16.10 -19.33 22.23
N ILE A 44 -16.12 -18.25 21.46
CA ILE A 44 -17.23 -17.27 21.50
C ILE A 44 -18.55 -17.90 21.01
N SER A 45 -18.50 -18.64 19.91
CA SER A 45 -19.71 -19.31 19.42
C SER A 45 -20.31 -20.18 20.54
N SER A 46 -19.48 -20.97 21.20
CA SER A 46 -19.94 -21.83 22.28
C SER A 46 -20.65 -21.05 23.38
N ALA A 47 -20.06 -19.95 23.82
CA ALA A 47 -20.67 -19.10 24.84
C ALA A 47 -21.94 -18.41 24.36
N VAL A 48 -21.93 -17.93 23.11
CA VAL A 48 -23.10 -17.24 22.57
C VAL A 48 -24.30 -18.20 22.54
N ARG A 49 -24.05 -19.45 22.22
CA ARG A 49 -25.07 -20.46 22.16
C ARG A 49 -25.50 -20.95 23.56
N LYS A 50 -24.83 -20.50 24.59
CA LYS A 50 -25.18 -20.70 26.00
C LYS A 50 -24.84 -22.06 26.58
N ALA A 51 -23.74 -22.65 26.12
CA ALA A 51 -23.20 -23.82 26.79
C ALA A 51 -22.94 -23.44 28.22
N GLY A 52 -23.33 -24.30 29.16
CA GLY A 52 -23.05 -24.07 30.62
C GLY A 52 -24.08 -23.16 31.30
N LEU A 53 -25.08 -22.70 30.55
CA LEU A 53 -26.18 -21.91 31.16
C LEU A 53 -26.84 -22.57 32.37
N ALA A 54 -26.97 -23.89 32.35
CA ALA A 54 -27.65 -24.56 33.48
C ALA A 54 -26.90 -24.37 34.81
N HIS A 55 -25.58 -24.22 34.72
CA HIS A 55 -24.75 -23.99 35.91
C HIS A 55 -24.94 -22.60 36.45
N LEU A 56 -25.05 -21.61 35.57
CA LEU A 56 -25.45 -20.26 35.99
C LEU A 56 -26.79 -20.24 36.66
N TYR A 57 -27.73 -21.09 36.24
CA TYR A 57 -29.05 -21.12 36.89
C TYR A 57 -29.21 -22.07 38.04
N GLY A 58 -28.10 -22.61 38.55
CA GLY A 58 -28.14 -23.36 39.84
C GLY A 58 -28.29 -24.88 39.77
N ILE A 59 -27.83 -25.49 38.67
CA ILE A 59 -27.95 -26.96 38.48
C ILE A 59 -27.16 -27.75 39.58
N ALA A 60 -26.02 -27.19 40.00
CA ALA A 60 -25.18 -27.77 41.07
C ALA A 60 -25.34 -27.02 42.40
N GLY A 61 -26.45 -26.29 42.58
CA GLY A 61 -26.74 -25.56 43.85
C GLY A 61 -26.27 -24.11 43.97
N SER A 62 -26.01 -23.45 42.85
CA SER A 62 -25.41 -22.12 42.88
C SER A 62 -26.16 -21.10 41.99
N GLN A 69 -25.08 -9.84 32.51
CA GLN A 69 -25.00 -11.02 31.62
C GLN A 69 -24.45 -10.70 30.23
N VAL A 70 -24.99 -9.65 29.61
CA VAL A 70 -24.46 -9.19 28.32
C VAL A 70 -23.09 -8.53 28.59
N LYS A 71 -22.92 -7.87 29.73
CA LYS A 71 -21.62 -7.36 30.06
C LYS A 71 -20.63 -8.48 30.27
N LYS A 72 -21.03 -9.51 30.95
CA LYS A 72 -20.18 -10.64 31.16
C LYS A 72 -19.71 -11.27 29.84
N LEU A 73 -20.60 -11.48 28.89
CA LEU A 73 -20.28 -12.10 27.61
C LEU A 73 -19.40 -11.21 26.75
N ASP A 74 -19.61 -9.89 26.85
CA ASP A 74 -18.73 -8.89 26.23
C ASP A 74 -17.31 -8.97 26.74
N VAL A 75 -17.19 -9.03 28.06
CA VAL A 75 -15.90 -9.17 28.74
C VAL A 75 -15.24 -10.50 28.42
N LEU A 76 -15.99 -11.60 28.52
CA LEU A 76 -15.48 -12.89 28.14
C LEU A 76 -14.98 -12.96 26.67
N SER A 77 -15.81 -12.53 25.74
CA SER A 77 -15.46 -12.55 24.34
CA SER A 77 -15.45 -12.56 24.34
C SER A 77 -14.22 -11.68 24.09
N ASN A 78 -14.20 -10.50 24.67
CA ASN A 78 -13.02 -9.65 24.58
C ASN A 78 -11.77 -10.33 25.17
N SER A 79 -11.93 -10.97 26.34
CA SER A 79 -10.77 -11.66 26.95
C SER A 79 -10.32 -12.87 26.12
N LEU A 80 -11.23 -13.57 25.46
CA LEU A 80 -10.84 -14.69 24.58
C LEU A 80 -9.95 -14.17 23.46
N VAL A 81 -10.37 -13.08 22.83
CA VAL A 81 -9.68 -12.62 21.62
C VAL A 81 -8.30 -12.10 22.02
N ILE A 82 -8.28 -11.23 23.03
CA ILE A 82 -7.00 -10.69 23.47
C ILE A 82 -5.99 -11.79 23.87
N ASN A 83 -6.41 -12.72 24.72
CA ASN A 83 -5.47 -13.73 25.18
CA ASN A 83 -5.49 -13.78 25.18
C ASN A 83 -5.01 -14.64 24.02
N MET A 84 -5.92 -15.00 23.14
CA MET A 84 -5.55 -15.88 22.03
C MET A 84 -4.55 -15.17 21.09
N LEU A 85 -4.82 -13.92 20.80
CA LEU A 85 -3.96 -13.15 19.91
C LEU A 85 -2.58 -12.87 20.51
N GLN A 86 -2.55 -12.38 21.73
CA GLN A 86 -1.29 -12.13 22.42
C GLN A 86 -0.45 -13.39 22.52
N SER A 87 -1.06 -14.52 22.94
CA SER A 87 -0.32 -15.78 23.12
C SER A 87 0.09 -16.42 21.78
N SER A 88 -0.35 -15.85 20.67
CA SER A 88 0.10 -16.34 19.37
C SER A 88 1.57 -15.99 19.05
N TYR A 89 2.12 -14.95 19.70
CA TYR A 89 3.46 -14.40 19.43
C TYR A 89 3.53 -13.71 18.06
N SER A 90 2.39 -13.36 17.48
CA SER A 90 2.35 -12.73 16.17
C SER A 90 1.97 -11.26 16.21
N THR A 91 1.71 -10.70 17.39
CA THR A 91 1.10 -9.37 17.46
C THR A 91 1.99 -8.40 18.22
N CYS A 92 1.83 -7.11 17.89
CA CYS A 92 2.45 -6.03 18.68
C CYS A 92 1.45 -5.03 19.28
N VAL A 93 0.35 -4.82 18.58
CA VAL A 93 -0.68 -3.85 19.00
C VAL A 93 -2.08 -4.38 18.64
N LEU A 94 -3.01 -4.20 19.56
CA LEU A 94 -4.39 -4.62 19.33
C LEU A 94 -5.28 -3.43 19.65
N VAL A 95 -6.32 -3.23 18.85
CA VAL A 95 -7.35 -2.27 19.20
C VAL A 95 -8.68 -3.05 19.35
N SER A 96 -9.35 -2.87 20.47
CA SER A 96 -10.66 -3.51 20.68
C SER A 96 -11.73 -2.45 20.85
N GLU A 97 -12.91 -2.74 20.31
CA GLU A 97 -14.08 -1.94 20.58
C GLU A 97 -14.32 -1.79 22.10
N GLU A 98 -13.93 -2.81 22.86
CA GLU A 98 -14.19 -2.82 24.33
C GLU A 98 -13.18 -2.06 25.15
N ASN A 99 -12.03 -1.70 24.61
CA ASN A 99 -10.99 -0.95 25.39
C ASN A 99 -10.68 0.45 24.79
N LYS A 100 -10.68 1.43 25.69
CA LYS A 100 -10.45 2.85 25.39
C LYS A 100 -9.14 3.05 24.68
N ASP A 101 -8.08 2.42 25.17
CA ASP A 101 -6.74 2.59 24.57
C ASP A 101 -6.31 1.33 23.87
N ALA A 102 -5.35 1.52 22.98
CA ALA A 102 -4.71 0.44 22.27
C ALA A 102 -3.98 -0.46 23.29
N ILE A 103 -3.93 -1.75 23.02
CA ILE A 103 -3.32 -2.71 23.96
C ILE A 103 -1.98 -3.14 23.30
N ILE A 104 -0.86 -2.79 23.94
CA ILE A 104 0.46 -3.03 23.43
C ILE A 104 0.90 -4.42 23.93
N THR A 105 1.28 -5.31 23.01
CA THR A 105 1.69 -6.67 23.41
C THR A 105 3.01 -6.62 24.17
N ALA A 106 3.09 -7.36 25.26
CA ALA A 106 4.33 -7.51 26.04
C ALA A 106 5.53 -7.84 25.14
N LYS A 107 6.67 -7.25 25.43
CA LYS A 107 7.83 -7.43 24.58
C LYS A 107 8.18 -8.88 24.28
N GLU A 108 8.08 -9.73 25.26
CA GLU A 108 8.41 -11.13 25.11
C GLU A 108 7.55 -11.86 24.08
N LYS A 109 6.35 -11.38 23.83
CA LYS A 109 5.37 -12.02 22.95
C LYS A 109 5.11 -11.25 21.65
N ARG A 110 5.97 -10.28 21.38
CA ARG A 110 5.71 -9.32 20.31
C ARG A 110 6.04 -9.92 18.95
N GLY A 111 5.14 -9.77 18.00
CA GLY A 111 5.41 -10.09 16.62
C GLY A 111 5.05 -8.90 15.75
N LYS A 112 4.78 -9.17 14.50
CA LYS A 112 4.73 -8.18 13.41
C LYS A 112 3.38 -7.43 13.28
N TYR A 113 2.30 -8.09 13.67
CA TYR A 113 0.96 -7.72 13.24
C TYR A 113 0.16 -6.92 14.25
N VAL A 114 -0.73 -6.10 13.71
CA VAL A 114 -1.63 -5.24 14.45
C VAL A 114 -3.05 -5.76 14.15
N VAL A 115 -3.87 -5.93 15.18
CA VAL A 115 -5.23 -6.42 14.95
C VAL A 115 -6.24 -5.46 15.56
N CYS A 116 -7.21 -5.03 14.74
CA CYS A 116 -8.36 -4.23 15.17
C CYS A 116 -9.58 -5.15 15.14
N PHE A 117 -10.29 -5.24 16.26
CA PHE A 117 -11.43 -6.15 16.35
C PHE A 117 -12.56 -5.62 17.25
N ASP A 118 -13.73 -6.12 16.91
CA ASP A 118 -14.93 -5.94 17.70
C ASP A 118 -15.29 -7.37 18.08
N PRO A 119 -15.05 -7.73 19.36
CA PRO A 119 -15.16 -9.13 19.76
C PRO A 119 -16.58 -9.67 19.74
N LEU A 120 -17.55 -8.83 20.03
CA LEU A 120 -18.94 -9.32 20.01
C LEU A 120 -19.88 -8.21 19.61
N ASP A 121 -19.95 -7.92 18.31
CA ASP A 121 -20.75 -6.85 17.75
C ASP A 121 -22.22 -7.24 17.76
N GLY A 122 -23.04 -6.37 18.38
CA GLY A 122 -24.47 -6.58 18.50
C GLY A 122 -24.90 -7.07 19.88
N SER A 123 -23.94 -7.23 20.79
CA SER A 123 -24.20 -7.86 22.10
C SER A 123 -25.20 -7.09 22.97
N SER A 124 -25.37 -5.80 22.67
CA SER A 124 -26.36 -4.96 23.38
C SER A 124 -27.78 -5.60 23.25
N ASN A 125 -28.01 -6.27 22.11
CA ASN A 125 -29.33 -6.84 21.82
C ASN A 125 -29.39 -8.39 21.94
N ILE A 126 -28.45 -8.94 22.65
CA ILE A 126 -28.42 -10.35 22.87
C ILE A 126 -29.71 -10.85 23.51
N ASP A 127 -30.33 -10.07 24.39
CA ASP A 127 -31.58 -10.45 25.05
C ASP A 127 -32.72 -10.83 24.06
N CYS A 128 -32.67 -10.32 22.85
CA CYS A 128 -33.69 -10.75 21.85
C CYS A 128 -33.14 -11.81 20.89
N LEU A 129 -31.90 -12.23 21.12
CA LEU A 129 -31.34 -13.38 20.46
C LEU A 129 -31.06 -13.07 18.99
N ALA A 130 -30.84 -11.77 18.70
CA ALA A 130 -30.50 -11.29 17.38
C ALA A 130 -29.18 -11.94 17.02
N SER A 131 -29.00 -12.24 15.74
CA SER A 131 -27.70 -12.70 15.24
C SER A 131 -26.66 -11.68 15.67
N ILE A 132 -25.49 -12.12 16.09
CA ILE A 132 -24.40 -11.22 16.45
C ILE A 132 -23.12 -11.73 15.84
N GLY A 133 -22.01 -11.01 15.96
CA GLY A 133 -20.79 -11.38 15.28
C GLY A 133 -19.51 -10.85 15.85
N THR A 134 -18.40 -11.28 15.27
CA THR A 134 -17.08 -10.83 15.67
C THR A 134 -16.43 -10.31 14.38
N ILE A 135 -15.76 -9.16 14.42
CA ILE A 135 -15.20 -8.56 13.18
C ILE A 135 -13.75 -8.28 13.47
N PHE A 136 -12.87 -8.50 12.51
CA PHE A 136 -11.45 -8.18 12.69
C PHE A 136 -10.75 -7.78 11.36
N ALA A 137 -9.70 -6.98 11.51
CA ALA A 137 -8.78 -6.58 10.42
C ALA A 137 -7.38 -6.68 10.97
N ILE A 138 -6.47 -7.19 10.13
CA ILE A 138 -5.06 -7.39 10.48
C ILE A 138 -4.17 -6.51 9.56
N TYR A 139 -3.24 -5.78 10.15
CA TYR A 139 -2.23 -5.00 9.44
C TYR A 139 -0.85 -5.48 9.87
N ARG A 140 0.15 -5.16 9.06
CA ARG A 140 1.55 -5.35 9.41
C ARG A 140 2.01 -4.01 9.99
N LYS A 141 2.75 -4.06 11.08
CA LYS A 141 3.33 -2.84 11.64
C LYS A 141 4.43 -2.42 10.67
N THR A 142 4.36 -1.18 10.19
CA THR A 142 5.34 -0.67 9.21
C THR A 142 6.35 0.35 9.79
N SER A 143 6.06 0.88 10.98
CA SER A 143 7.01 1.74 11.67
C SER A 143 8.22 0.95 12.24
N GLU A 144 9.34 1.65 12.45
CA GLU A 144 10.55 1.04 13.08
C GLU A 144 10.62 1.37 14.55
N ASP A 145 9.86 2.38 14.97
CA ASP A 145 9.85 2.83 16.37
C ASP A 145 8.98 1.90 17.23
N GLU A 146 8.97 2.11 18.54
CA GLU A 146 8.24 1.25 19.48
C GLU A 146 6.75 1.19 19.11
N PRO A 147 6.13 0.02 19.28
CA PRO A 147 4.72 -0.09 18.89
C PRO A 147 3.87 0.85 19.72
N SER A 148 2.85 1.44 19.10
CA SER A 148 1.92 2.37 19.75
C SER A 148 0.58 2.35 18.98
N GLU A 149 -0.39 3.10 19.47
CA GLU A 149 -1.71 3.16 18.81
C GLU A 149 -1.55 3.65 17.38
N LYS A 150 -0.49 4.37 17.09
CA LYS A 150 -0.25 4.83 15.74
C LYS A 150 -0.21 3.70 14.72
N ASP A 151 0.32 2.54 15.09
CA ASP A 151 0.37 1.39 14.18
C ASP A 151 -1.00 0.88 13.81
N ALA A 152 -2.02 1.27 14.59
CA ALA A 152 -3.41 0.90 14.32
C ALA A 152 -4.13 1.92 13.46
N LEU A 153 -3.48 3.03 13.12
CA LEU A 153 -4.12 4.14 12.47
C LEU A 153 -3.79 4.11 10.96
N GLN A 154 -3.73 2.93 10.40
CA GLN A 154 -3.38 2.79 8.99
C GLN A 154 -4.66 2.80 8.17
N CYS A 155 -4.62 3.31 6.94
CA CYS A 155 -5.75 3.21 6.00
CA CYS A 155 -5.84 3.24 6.15
C CYS A 155 -6.10 1.78 5.74
N GLY A 156 -7.38 1.49 5.46
CA GLY A 156 -7.84 0.14 5.17
C GLY A 156 -7.20 -0.48 3.93
N ARG A 157 -6.70 0.34 3.02
CA ARG A 157 -5.90 -0.15 1.90
C ARG A 157 -4.72 -1.01 2.36
N ASN A 158 -4.26 -0.86 3.60
CA ASN A 158 -3.09 -1.61 4.10
C ASN A 158 -3.40 -2.96 4.76
N ILE A 159 -4.66 -3.37 4.75
CA ILE A 159 -5.08 -4.62 5.37
C ILE A 159 -4.38 -5.84 4.72
N VAL A 160 -3.82 -6.70 5.56
CA VAL A 160 -3.25 -7.98 5.07
C VAL A 160 -4.31 -9.11 5.07
N ALA A 161 -5.23 -9.06 6.03
CA ALA A 161 -6.31 -10.01 6.13
C ALA A 161 -7.43 -9.44 6.97
N ALA A 162 -8.64 -9.90 6.69
CA ALA A 162 -9.80 -9.46 7.47
C ALA A 162 -10.92 -10.46 7.32
N GLY A 163 -11.86 -10.38 8.26
CA GLY A 163 -12.98 -11.28 8.26
C GLY A 163 -14.00 -10.97 9.34
N TYR A 164 -15.02 -11.82 9.39
CA TYR A 164 -16.07 -11.74 10.42
C TYR A 164 -16.58 -13.13 10.68
N ALA A 165 -17.07 -13.31 11.91
CA ALA A 165 -17.85 -14.48 12.27
C ALA A 165 -19.25 -13.98 12.52
N LEU A 166 -20.20 -14.75 12.04
CA LEU A 166 -21.63 -14.48 12.24
C LEU A 166 -22.16 -15.64 13.06
N TYR A 167 -22.63 -15.36 14.27
CA TYR A 167 -23.32 -16.35 15.14
C TYR A 167 -24.82 -16.20 14.91
N GLY A 168 -25.32 -16.85 13.85
CA GLY A 168 -26.70 -16.73 13.37
C GLY A 168 -27.40 -18.04 13.62
N SER A 169 -28.22 -18.48 12.70
CA SER A 169 -28.81 -19.82 12.81
C SER A 169 -27.72 -20.92 12.84
N ALA A 170 -26.59 -20.65 12.16
CA ALA A 170 -25.35 -21.45 12.27
C ALA A 170 -24.26 -20.43 12.39
N THR A 171 -23.06 -20.86 12.78
CA THR A 171 -21.90 -19.99 12.88
C THR A 171 -21.09 -20.07 11.59
N LEU A 172 -20.86 -18.93 10.99
CA LEU A 172 -20.11 -18.84 9.75
C LEU A 172 -18.96 -17.84 9.91
N VAL A 173 -17.85 -18.10 9.20
CA VAL A 173 -16.74 -17.15 9.03
C VAL A 173 -16.56 -16.77 7.56
N ALA A 174 -16.53 -15.46 7.29
CA ALA A 174 -16.01 -14.90 6.05
C ALA A 174 -14.58 -14.43 6.24
N LEU A 175 -13.68 -14.90 5.37
CA LEU A 175 -12.26 -14.58 5.45
C LEU A 175 -11.69 -14.19 4.06
N SER A 176 -10.87 -13.14 4.06
CA SER A 176 -10.08 -12.76 2.92
C SER A 176 -8.67 -12.42 3.37
N THR A 177 -7.72 -12.90 2.58
CA THR A 177 -6.34 -12.55 2.74
C THR A 177 -5.85 -11.87 1.43
N GLY A 178 -6.77 -11.43 0.58
CA GLY A 178 -6.40 -10.62 -0.59
C GLY A 178 -6.69 -11.31 -1.91
N GLN A 179 -7.26 -12.51 -1.85
CA GLN A 179 -7.54 -13.26 -3.07
C GLN A 179 -9.00 -13.65 -3.08
N GLY A 180 -9.87 -12.71 -2.75
CA GLY A 180 -11.29 -13.00 -2.79
C GLY A 180 -11.79 -13.37 -1.39
N VAL A 181 -13.06 -13.72 -1.31
CA VAL A 181 -13.70 -14.02 -0.02
C VAL A 181 -14.08 -15.48 0.00
N ASP A 182 -13.66 -16.16 1.06
CA ASP A 182 -14.07 -17.53 1.26
C ASP A 182 -14.99 -17.66 2.50
N LEU A 183 -16.01 -18.52 2.34
CA LEU A 183 -16.98 -18.79 3.42
C LEU A 183 -16.84 -20.19 4.00
N PHE A 184 -16.86 -20.25 5.34
CA PHE A 184 -16.68 -21.44 6.14
C PHE A 184 -17.79 -21.51 7.19
N MET A 185 -18.31 -22.72 7.42
CA MET A 185 -19.31 -22.93 8.42
C MET A 185 -18.83 -23.87 9.51
N LEU A 186 -19.15 -23.51 10.75
CA LEU A 186 -18.78 -24.32 11.90
C LEU A 186 -19.66 -25.58 11.99
N ASP A 187 -19.03 -26.76 11.91
CA ASP A 187 -19.69 -28.02 12.23
C ASP A 187 -19.41 -28.27 13.70
N PRO A 188 -20.41 -28.05 14.55
CA PRO A 188 -20.20 -28.17 16.00
C PRO A 188 -19.94 -29.56 16.50
N ALA A 189 -20.44 -30.56 15.80
CA ALA A 189 -20.18 -31.94 16.18
C ALA A 189 -18.70 -32.25 15.93
N LEU A 190 -18.08 -31.61 14.96
CA LEU A 190 -16.67 -31.85 14.63
C LEU A 190 -15.73 -30.86 15.29
N GLY A 191 -16.20 -29.63 15.54
CA GLY A 191 -15.35 -28.58 16.09
C GLY A 191 -14.42 -27.91 15.13
N GLU A 192 -14.77 -27.93 13.83
CA GLU A 192 -13.95 -27.32 12.80
C GLU A 192 -14.88 -26.55 11.89
N PHE A 193 -14.33 -25.51 11.29
CA PHE A 193 -14.97 -24.79 10.23
C PHE A 193 -14.68 -25.53 8.93
N VAL A 194 -15.71 -25.67 8.11
CA VAL A 194 -15.69 -26.34 6.86
C VAL A 194 -15.94 -25.31 5.73
N LEU A 195 -15.13 -25.39 4.68
CA LEU A 195 -15.27 -24.53 3.47
C LEU A 195 -16.59 -24.84 2.78
N VAL A 196 -17.46 -23.85 2.63
CA VAL A 196 -18.71 -24.03 1.88
C VAL A 196 -18.83 -23.21 0.59
N GLU A 197 -18.03 -22.15 0.46
CA GLU A 197 -18.01 -21.40 -0.82
C GLU A 197 -16.69 -20.66 -0.93
N LYS A 198 -16.06 -20.88 -2.05
CA LYS A 198 -14.77 -20.32 -2.33
C LYS A 198 -15.00 -19.18 -3.29
N ASP A 199 -14.31 -18.07 -3.06
CA ASP A 199 -14.29 -16.92 -3.96
C ASP A 199 -15.68 -16.40 -4.27
N VAL A 200 -16.43 -16.05 -3.22
CA VAL A 200 -17.78 -15.55 -3.36
CA VAL A 200 -17.78 -15.56 -3.37
C VAL A 200 -17.77 -14.16 -4.00
N LYS A 201 -18.71 -13.92 -4.93
CA LYS A 201 -18.88 -12.61 -5.58
C LYS A 201 -20.26 -12.10 -5.36
N ILE A 202 -20.35 -10.84 -4.97
CA ILE A 202 -21.65 -10.22 -4.72
C ILE A 202 -22.32 -9.89 -6.08
N LYS A 203 -23.61 -10.02 -6.15
CA LYS A 203 -24.36 -9.61 -7.30
C LYS A 203 -24.07 -8.16 -7.68
N LYS A 204 -24.06 -7.89 -8.97
CA LYS A 204 -23.85 -6.54 -9.47
C LYS A 204 -24.96 -5.61 -9.09
N LYS A 205 -26.19 -6.13 -9.00
CA LYS A 205 -27.35 -5.33 -8.55
C LYS A 205 -28.29 -6.23 -7.76
N GLY A 206 -28.77 -5.75 -6.62
CA GLY A 206 -29.74 -6.51 -5.82
C GLY A 206 -31.13 -5.86 -5.77
N LYS A 207 -31.94 -6.38 -4.83
CA LYS A 207 -33.33 -6.01 -4.72
C LYS A 207 -33.74 -5.83 -3.22
N ILE A 208 -32.75 -5.62 -2.36
CA ILE A 208 -32.93 -5.38 -0.90
C ILE A 208 -32.16 -4.11 -0.51
N TYR A 209 -32.82 -3.26 0.27
CA TYR A 209 -32.18 -2.09 0.89
C TYR A 209 -32.30 -2.22 2.41
N SER A 210 -31.21 -1.85 3.10
CA SER A 210 -31.06 -2.15 4.51
C SER A 210 -30.52 -0.92 5.24
N LEU A 211 -31.39 -0.27 6.01
CA LEU A 211 -31.03 0.92 6.85
C LEU A 211 -32.16 1.15 7.82
N ASN A 212 -31.84 1.84 8.92
CA ASN A 212 -32.83 2.20 9.91
C ASN A 212 -33.58 3.42 9.44
N GLU A 213 -34.79 3.21 8.96
CA GLU A 213 -35.65 4.29 8.55
C GLU A 213 -36.25 5.12 9.67
N GLY A 214 -36.03 4.71 10.93
CA GLY A 214 -36.38 5.51 12.07
C GLY A 214 -35.57 6.78 12.17
N TYR A 215 -34.50 6.91 11.37
CA TYR A 215 -33.79 8.19 11.32
C TYR A 215 -34.19 9.07 10.13
N ALA A 216 -35.30 8.73 9.45
CA ALA A 216 -35.79 9.47 8.25
C ALA A 216 -35.83 11.00 8.53
N LYS A 217 -36.26 11.37 9.73
CA LYS A 217 -36.35 12.79 10.14
C LYS A 217 -35.00 13.50 10.10
N TYR A 218 -33.92 12.73 10.26
CA TYR A 218 -32.57 13.27 10.36
C TYR A 218 -31.71 13.06 9.06
N PHE A 219 -32.26 12.36 8.06
CA PHE A 219 -31.52 12.05 6.81
C PHE A 219 -31.14 13.30 6.03
N ASP A 220 -30.00 13.27 5.36
CA ASP A 220 -29.70 14.26 4.36
C ASP A 220 -30.59 14.07 3.12
N ALA A 221 -30.62 15.05 2.25
CA ALA A 221 -31.43 15.02 1.03
C ALA A 221 -31.10 13.82 0.14
N ALA A 222 -29.82 13.43 0.06
CA ALA A 222 -29.41 12.24 -0.71
C ALA A 222 -30.03 10.97 -0.26
N THR A 223 -29.97 10.73 1.05
CA THR A 223 -30.55 9.53 1.63
C THR A 223 -32.07 9.46 1.46
N THR A 224 -32.75 10.58 1.70
CA THR A 224 -34.19 10.69 1.52
C THR A 224 -34.56 10.36 0.08
N GLU A 225 -33.80 10.91 -0.86
CA GLU A 225 -34.11 10.68 -2.30
C GLU A 225 -33.94 9.19 -2.65
N TYR A 226 -32.83 8.58 -2.24
CA TYR A 226 -32.50 7.21 -2.55
C TYR A 226 -33.56 6.28 -1.97
N VAL A 227 -33.95 6.51 -0.72
CA VAL A 227 -34.98 5.63 -0.08
C VAL A 227 -36.32 5.73 -0.75
N GLN A 228 -36.69 6.93 -1.19
CA GLN A 228 -37.94 7.13 -1.91
C GLN A 228 -38.00 6.34 -3.20
N LYS A 229 -36.90 6.29 -3.92
CA LYS A 229 -36.79 5.55 -5.21
C LYS A 229 -36.71 4.06 -5.02
N LYS A 230 -36.25 3.62 -3.84
CA LYS A 230 -36.33 2.15 -3.53
C LYS A 230 -37.80 1.68 -3.40
N LYS A 231 -38.64 2.55 -2.85
CA LYS A 231 -40.01 2.22 -2.55
C LYS A 231 -40.92 2.59 -3.68
N PHE A 232 -40.57 3.66 -4.38
CA PHE A 232 -41.35 4.15 -5.47
C PHE A 232 -40.46 4.32 -6.74
N PRO A 233 -40.12 3.22 -7.41
CA PRO A 233 -39.17 3.32 -8.52
C PRO A 233 -39.73 4.12 -9.68
N GLU A 234 -38.85 4.71 -10.47
CA GLU A 234 -39.30 5.53 -11.61
C GLU A 234 -38.96 4.86 -12.92
N ASP A 235 -38.68 3.57 -12.86
CA ASP A 235 -38.27 2.83 -14.02
C ASP A 235 -39.23 1.70 -14.37
N GLY A 236 -40.41 1.67 -13.76
CA GLY A 236 -41.35 0.57 -13.97
C GLY A 236 -41.03 -0.75 -13.27
N SER A 237 -39.95 -0.83 -12.48
CA SER A 237 -39.60 -2.05 -11.72
C SER A 237 -40.36 -2.14 -10.35
N ALA A 238 -40.33 -3.32 -9.75
CA ALA A 238 -40.93 -3.57 -8.45
C ALA A 238 -40.06 -2.86 -7.41
N PRO A 239 -40.69 -2.30 -6.37
CA PRO A 239 -39.91 -1.76 -5.27
C PRO A 239 -38.95 -2.83 -4.68
N TYR A 240 -37.83 -2.38 -4.16
CA TYR A 240 -36.96 -3.23 -3.39
C TYR A 240 -37.63 -3.68 -2.08
N GLY A 241 -37.29 -4.90 -1.64
CA GLY A 241 -37.62 -5.38 -0.28
C GLY A 241 -36.74 -4.67 0.75
N ALA A 242 -37.26 -4.48 1.95
CA ALA A 242 -36.49 -3.94 3.05
C ALA A 242 -36.16 -5.04 4.06
N ARG A 243 -34.92 -4.97 4.57
CA ARG A 243 -34.46 -5.75 5.72
C ARG A 243 -33.55 -4.95 6.56
N TYR A 244 -33.71 -5.03 7.89
CA TYR A 244 -32.72 -4.41 8.78
C TYR A 244 -32.76 -5.09 10.13
N VAL A 245 -31.78 -5.95 10.36
CA VAL A 245 -31.66 -6.71 11.59
C VAL A 245 -31.23 -5.81 12.76
N GLY A 246 -30.41 -4.80 12.47
CA GLY A 246 -29.85 -3.92 13.51
C GLY A 246 -28.61 -4.52 14.12
N SER A 247 -28.05 -5.53 13.47
CA SER A 247 -26.79 -6.12 13.90
C SER A 247 -25.92 -6.20 12.61
N MET A 248 -24.84 -5.45 12.61
CA MET A 248 -24.12 -5.13 11.39
C MET A 248 -23.69 -6.37 10.63
N VAL A 249 -23.10 -7.34 11.32
CA VAL A 249 -22.60 -8.53 10.70
C VAL A 249 -23.73 -9.25 9.99
N ALA A 250 -24.89 -9.37 10.61
CA ALA A 250 -26.02 -10.05 10.00
C ALA A 250 -26.45 -9.32 8.68
N ASP A 251 -26.60 -8.00 8.76
CA ASP A 251 -27.03 -7.20 7.61
C ASP A 251 -25.98 -7.23 6.50
N VAL A 252 -24.70 -7.15 6.86
CA VAL A 252 -23.63 -7.12 5.86
C VAL A 252 -23.55 -8.50 5.21
N HIS A 253 -23.66 -9.57 6.01
CA HIS A 253 -23.58 -10.87 5.41
C HIS A 253 -24.71 -11.18 4.43
N ARG A 254 -25.93 -10.78 4.76
CA ARG A 254 -27.02 -10.94 3.84
C ARG A 254 -26.79 -10.14 2.54
N THR A 255 -26.26 -8.92 2.66
CA THR A 255 -25.89 -8.09 1.52
C THR A 255 -24.92 -8.83 0.59
N LEU A 256 -23.89 -9.43 1.17
CA LEU A 256 -22.94 -10.27 0.42
C LEU A 256 -23.61 -11.43 -0.29
N VAL A 257 -24.45 -12.20 0.40
CA VAL A 257 -24.94 -13.43 -0.24
C VAL A 257 -26.17 -13.18 -1.13
N TYR A 258 -26.96 -12.16 -0.83
CA TYR A 258 -28.18 -11.91 -1.59
C TYR A 258 -28.09 -10.67 -2.51
N GLY A 259 -27.13 -9.79 -2.29
CA GLY A 259 -26.99 -8.54 -3.04
C GLY A 259 -27.84 -7.45 -2.39
N GLY A 260 -27.68 -6.26 -2.89
CA GLY A 260 -28.43 -5.11 -2.49
C GLY A 260 -27.53 -4.15 -1.78
N ILE A 261 -28.11 -3.39 -0.84
CA ILE A 261 -27.38 -2.29 -0.24
C ILE A 261 -27.63 -2.25 1.25
N PHE A 262 -26.57 -1.91 1.98
CA PHE A 262 -26.64 -1.66 3.41
C PHE A 262 -26.08 -0.26 3.68
N LEU A 263 -26.82 0.52 4.47
CA LEU A 263 -26.46 1.91 4.77
C LEU A 263 -26.59 2.21 6.27
N TYR A 264 -25.55 2.84 6.77
CA TYR A 264 -25.60 3.64 7.99
C TYR A 264 -24.94 5.00 7.70
N PRO A 265 -25.72 5.91 7.07
CA PRO A 265 -25.13 7.17 6.67
C PRO A 265 -25.06 8.12 7.85
N ALA A 266 -24.29 9.18 7.73
CA ALA A 266 -24.41 10.35 8.64
C ALA A 266 -25.84 10.80 8.67
N ASN A 267 -26.26 11.36 9.80
CA ASN A 267 -27.54 11.99 9.86
C ASN A 267 -27.42 13.15 10.84
N GLN A 268 -28.45 13.93 11.00
CA GLN A 268 -28.40 15.08 11.88
C GLN A 268 -27.93 14.77 13.31
N LYS A 269 -28.26 13.59 13.85
CA LYS A 269 -27.87 13.28 15.25
C LYS A 269 -26.54 12.55 15.31
N SER A 270 -26.10 11.93 14.22
CA SER A 270 -24.82 11.29 14.12
C SER A 270 -24.09 11.86 12.91
N PRO A 271 -23.56 13.06 13.06
CA PRO A 271 -23.05 13.71 11.85
C PRO A 271 -21.83 13.03 11.25
N LYS A 272 -21.17 12.16 11.97
CA LYS A 272 -20.06 11.41 11.43
C LYS A 272 -20.38 9.94 11.24
N GLY A 273 -21.66 9.62 11.19
CA GLY A 273 -22.13 8.25 11.26
C GLY A 273 -22.08 7.66 12.67
N LYS A 274 -22.43 6.37 12.75
CA LYS A 274 -22.37 5.63 14.02
C LYS A 274 -21.24 4.59 14.07
N LEU A 275 -21.08 3.84 13.00
CA LEU A 275 -20.25 2.67 12.99
C LEU A 275 -18.78 3.08 13.03
N ARG A 276 -17.95 2.19 13.59
CA ARG A 276 -16.53 2.49 13.89
C ARG A 276 -15.62 2.12 12.70
N LEU A 277 -14.80 3.07 12.29
CA LEU A 277 -13.84 2.85 11.20
C LEU A 277 -12.92 1.64 11.35
N LEU A 278 -12.23 1.52 12.46
CA LEU A 278 -11.12 0.57 12.53
C LEU A 278 -11.55 -0.88 12.56
N TYR A 279 -12.64 -1.14 13.28
CA TYR A 279 -12.94 -2.53 13.61
C TYR A 279 -14.33 -2.99 13.22
N GLU A 280 -15.09 -2.11 12.62
CA GLU A 280 -16.34 -2.44 11.98
C GLU A 280 -16.27 -2.15 10.48
N CYS A 281 -16.07 -0.91 10.11
CA CYS A 281 -16.28 -0.50 8.72
C CYS A 281 -15.09 -0.91 7.82
N ASN A 282 -13.85 -0.71 8.23
CA ASN A 282 -12.72 -1.16 7.38
C ASN A 282 -12.77 -2.67 7.07
N PRO A 283 -13.00 -3.50 8.09
CA PRO A 283 -13.04 -4.93 7.84
C PRO A 283 -14.12 -5.35 6.85
N VAL A 284 -15.33 -4.83 7.02
CA VAL A 284 -16.39 -5.21 6.14
C VAL A 284 -16.23 -4.56 4.75
N ALA A 285 -15.66 -3.36 4.68
CA ALA A 285 -15.37 -2.73 3.38
C ALA A 285 -14.40 -3.62 2.55
N TYR A 286 -13.39 -4.15 3.21
CA TYR A 286 -12.41 -5.00 2.60
C TYR A 286 -13.00 -6.29 2.06
N ILE A 287 -13.81 -6.95 2.90
CA ILE A 287 -14.52 -8.14 2.50
C ILE A 287 -15.43 -7.86 1.28
N ILE A 288 -16.23 -6.85 1.41
CA ILE A 288 -17.17 -6.48 0.35
C ILE A 288 -16.43 -6.11 -0.98
N GLU A 289 -15.33 -5.33 -0.93
CA GLU A 289 -14.53 -5.05 -2.15
C GLU A 289 -13.84 -6.30 -2.70
N GLN A 290 -13.34 -7.14 -1.81
CA GLN A 290 -12.80 -8.42 -2.21
C GLN A 290 -13.80 -9.30 -2.95
N ALA A 291 -15.08 -9.15 -2.63
CA ALA A 291 -16.17 -9.92 -3.27
C ALA A 291 -16.75 -9.16 -4.47
N GLY A 292 -16.12 -8.05 -4.87
CA GLY A 292 -16.56 -7.30 -6.04
C GLY A 292 -17.65 -6.27 -5.80
N GLY A 293 -17.87 -5.90 -4.54
CA GLY A 293 -18.79 -4.81 -4.26
C GLY A 293 -18.07 -3.48 -4.00
N LEU A 294 -18.84 -2.51 -3.53
CA LEU A 294 -18.32 -1.17 -3.18
C LEU A 294 -18.65 -0.86 -1.74
N ALA A 295 -17.74 -0.14 -1.10
CA ALA A 295 -17.94 0.37 0.26
C ALA A 295 -17.46 1.81 0.36
N THR A 296 -18.38 2.72 0.62
CA THR A 296 -18.11 4.15 0.57
C THR A 296 -18.65 4.83 1.85
N THR A 297 -18.03 5.97 2.21
CA THR A 297 -18.56 6.87 3.25
C THR A 297 -19.62 7.80 2.71
N GLY A 298 -19.77 7.77 1.41
CA GLY A 298 -20.56 8.74 0.70
C GLY A 298 -19.72 9.69 -0.08
N THR A 299 -18.52 9.99 0.41
CA THR A 299 -17.60 10.91 -0.28
C THR A 299 -16.29 10.24 -0.74
N GLN A 300 -15.94 9.05 -0.27
CA GLN A 300 -14.72 8.33 -0.71
C GLN A 300 -14.84 6.88 -0.26
N PRO A 301 -13.99 6.00 -0.79
CA PRO A 301 -14.02 4.65 -0.30
C PRO A 301 -13.62 4.55 1.17
N VAL A 302 -14.33 3.70 1.92
CA VAL A 302 -14.00 3.50 3.36
C VAL A 302 -12.51 3.20 3.56
N LEU A 303 -11.96 2.32 2.72
CA LEU A 303 -10.57 1.89 2.80
C LEU A 303 -9.54 2.98 2.55
N ASP A 304 -9.98 4.12 1.99
CA ASP A 304 -9.08 5.28 1.76
C ASP A 304 -9.11 6.32 2.87
N VAL A 305 -10.06 6.19 3.81
CA VAL A 305 -10.11 7.08 4.96
C VAL A 305 -8.84 6.91 5.78
N LYS A 306 -8.23 8.02 6.11
CA LYS A 306 -7.04 8.02 6.87
C LYS A 306 -7.43 8.15 8.35
N PRO A 307 -7.29 7.07 9.13
CA PRO A 307 -7.78 7.17 10.50
C PRO A 307 -7.10 8.21 11.36
N GLU A 308 -7.89 8.96 12.14
CA GLU A 308 -7.35 9.94 13.08
C GLU A 308 -7.34 9.51 14.54
N ALA A 309 -8.19 8.56 14.90
CA ALA A 309 -8.30 8.16 16.30
C ALA A 309 -8.89 6.74 16.27
N ILE A 310 -8.49 5.92 17.22
CA ILE A 310 -8.78 4.48 17.14
C ILE A 310 -10.29 4.17 17.23
N HIS A 311 -11.08 5.04 17.88
CA HIS A 311 -12.56 4.83 17.94
C HIS A 311 -13.36 5.80 17.05
N GLN A 312 -12.69 6.33 16.02
CA GLN A 312 -13.35 7.17 15.02
C GLN A 312 -14.58 6.50 14.41
N ARG A 313 -15.66 7.26 14.25
CA ARG A 313 -16.86 6.82 13.50
C ARG A 313 -16.81 7.26 12.02
N VAL A 314 -17.38 6.46 11.12
CA VAL A 314 -17.62 6.90 9.76
C VAL A 314 -18.96 6.47 9.25
N PRO A 315 -19.49 7.20 8.28
CA PRO A 315 -20.65 6.72 7.56
C PRO A 315 -20.24 5.53 6.72
N LEU A 316 -21.20 4.64 6.50
CA LEU A 316 -20.96 3.42 5.75
C LEU A 316 -22.12 3.10 4.82
N ILE A 317 -21.80 2.91 3.55
CA ILE A 317 -22.76 2.48 2.51
C ILE A 317 -22.05 1.41 1.71
N LEU A 318 -22.63 0.20 1.62
CA LEU A 318 -21.91 -0.88 0.92
C LEU A 318 -22.86 -1.85 0.26
N GLY A 319 -22.32 -2.62 -0.69
CA GLY A 319 -23.06 -3.65 -1.33
C GLY A 319 -22.76 -3.77 -2.80
N SER A 320 -23.79 -4.18 -3.52
CA SER A 320 -23.76 -4.43 -4.92
C SER A 320 -23.36 -3.14 -5.63
N PRO A 321 -22.46 -3.22 -6.61
CA PRO A 321 -21.90 -1.99 -7.16
C PRO A 321 -22.90 -1.07 -7.85
N GLU A 322 -23.85 -1.62 -8.61
CA GLU A 322 -24.86 -0.79 -9.23
C GLU A 322 -25.73 -0.04 -8.21
N ASP A 323 -25.97 -0.65 -7.04
CA ASP A 323 -26.78 -0.04 -6.02
C ASP A 323 -26.01 1.06 -5.31
N VAL A 324 -24.78 0.78 -4.94
CA VAL A 324 -23.92 1.78 -4.30
C VAL A 324 -23.69 2.96 -5.27
N GLN A 325 -23.49 2.68 -6.56
CA GLN A 325 -23.42 3.76 -7.54
C GLN A 325 -24.65 4.69 -7.58
N GLU A 326 -25.84 4.09 -7.49
CA GLU A 326 -27.08 4.81 -7.46
C GLU A 326 -27.16 5.74 -6.24
N TYR A 327 -26.73 5.23 -5.10
CA TYR A 327 -26.68 6.05 -3.91
C TYR A 327 -25.68 7.20 -4.05
N LEU A 328 -24.49 6.89 -4.51
CA LEU A 328 -23.46 7.93 -4.73
C LEU A 328 -23.92 9.02 -5.68
N THR A 329 -24.74 8.65 -6.67
CA THR A 329 -25.29 9.61 -7.60
C THR A 329 -26.21 10.58 -6.89
N CYS A 330 -27.06 10.05 -6.01
CA CYS A 330 -27.89 10.91 -5.14
C CYS A 330 -27.04 11.87 -4.31
N VAL A 331 -25.95 11.36 -3.75
CA VAL A 331 -25.07 12.19 -2.92
C VAL A 331 -24.49 13.35 -3.74
N GLN A 332 -23.89 13.03 -4.89
CA GLN A 332 -23.29 14.07 -5.73
C GLN A 332 -24.27 15.09 -6.22
N LYS A 333 -25.42 14.63 -6.63
CA LYS A 333 -26.42 15.51 -7.15
C LYS A 333 -26.86 16.50 -6.11
N ASN A 334 -27.08 15.99 -4.89
CA ASN A 334 -27.62 16.80 -3.81
C ASN A 334 -26.55 17.68 -3.13
N GLN A 335 -25.30 17.39 -3.38
CA GLN A 335 -24.18 18.14 -2.87
C GLN A 335 -23.84 19.30 -3.83
N ALA A 336 -24.18 19.19 -5.10
CA ALA A 336 -23.84 20.20 -6.16
C ALA A 336 -24.62 21.52 -6.11
N GLY A 337 -23.95 22.60 -6.46
CA GLY A 337 -24.65 23.86 -6.86
C GLY A 337 -25.43 23.76 -8.18
N ASP B 9 2.79 -22.41 26.24
CA ASP B 9 1.92 -21.19 26.02
C ASP B 9 0.89 -21.38 24.90
N MET B 10 1.22 -22.28 23.96
CA MET B 10 0.43 -22.49 22.75
C MET B 10 -1.00 -23.06 22.98
N LEU B 11 -1.23 -23.75 24.12
CA LEU B 11 -2.56 -24.17 24.59
C LEU B 11 -3.14 -25.27 23.70
N THR B 12 -3.37 -24.97 22.43
CA THR B 12 -4.07 -25.88 21.54
C THR B 12 -3.11 -26.76 20.77
N LEU B 13 -3.59 -27.94 20.44
CA LEU B 13 -2.78 -28.88 19.68
C LEU B 13 -2.48 -28.33 18.29
N THR B 14 -3.44 -27.70 17.64
CA THR B 14 -3.19 -27.04 16.36
C THR B 14 -2.03 -26.00 16.44
N ARG B 15 -2.04 -25.10 17.42
CA ARG B 15 -0.94 -24.14 17.55
C ARG B 15 0.37 -24.84 17.91
N TYR B 16 0.30 -25.85 18.79
CA TYR B 16 1.47 -26.63 19.26
C TYR B 16 2.16 -27.29 18.08
N VAL B 17 1.38 -28.01 17.28
CA VAL B 17 1.91 -28.73 16.12
C VAL B 17 2.51 -27.76 15.10
N MET B 18 1.83 -26.64 14.91
CA MET B 18 2.28 -25.64 13.98
C MET B 18 3.62 -25.08 14.44
N GLU B 19 3.74 -24.76 15.73
CA GLU B 19 4.94 -24.16 16.27
C GLU B 19 6.14 -25.13 16.23
N LYS B 20 5.86 -26.41 16.44
CA LYS B 20 6.92 -27.40 16.38
C LYS B 20 7.39 -27.56 14.94
N GLY B 21 6.48 -27.42 13.97
CA GLY B 21 6.85 -27.45 12.55
C GLY B 21 7.70 -26.24 12.14
N ARG B 22 7.34 -25.05 12.64
CA ARG B 22 8.16 -23.87 12.46
C ARG B 22 9.55 -24.07 13.11
N GLN B 23 9.62 -24.66 14.30
CA GLN B 23 10.93 -24.96 14.94
C GLN B 23 11.77 -25.98 14.14
N ALA B 24 11.14 -27.03 13.62
CA ALA B 24 11.80 -27.99 12.77
C ALA B 24 12.25 -27.42 11.41
N LYS B 25 11.80 -26.21 11.07
CA LYS B 25 11.99 -25.64 9.72
C LYS B 25 11.45 -26.57 8.63
N GLY B 26 10.36 -27.26 8.93
CA GLY B 26 9.61 -28.09 7.96
C GLY B 26 8.92 -27.26 6.88
N THR B 27 8.56 -27.88 5.76
CA THR B 27 7.90 -27.19 4.64
C THR B 27 6.38 -27.10 4.93
N GLY B 28 5.91 -27.73 6.02
CA GLY B 28 4.47 -27.77 6.34
C GLY B 28 3.78 -29.10 6.00
N GLU B 29 4.50 -30.00 5.34
CA GLU B 29 3.92 -31.26 4.88
C GLU B 29 3.50 -32.20 6.03
N LEU B 30 4.40 -32.40 6.99
CA LEU B 30 4.09 -33.22 8.15
C LEU B 30 3.03 -32.54 9.01
N THR B 31 3.18 -31.23 9.22
CA THR B 31 2.18 -30.45 9.93
C THR B 31 0.79 -30.66 9.34
N GLN B 32 0.66 -30.59 8.01
CA GLN B 32 -0.64 -30.87 7.37
C GLN B 32 -1.13 -32.30 7.60
N LEU B 33 -0.21 -33.25 7.58
CA LEU B 33 -0.54 -34.62 7.83
CA LEU B 33 -0.49 -34.63 7.85
C LEU B 33 -1.06 -34.79 9.25
N LEU B 34 -0.35 -34.22 10.23
CA LEU B 34 -0.82 -34.28 11.60
C LEU B 34 -2.18 -33.57 11.79
N ASN B 35 -2.37 -32.42 11.16
CA ASN B 35 -3.68 -31.71 11.26
C ASN B 35 -4.78 -32.64 10.70
N SER B 36 -4.50 -33.35 9.60
CA SER B 36 -5.48 -34.24 8.96
C SER B 36 -5.88 -35.45 9.82
N MET B 37 -4.87 -36.04 10.44
CA MET B 37 -5.08 -37.14 11.39
C MET B 37 -5.92 -36.71 12.56
N LEU B 38 -5.56 -35.57 13.14
CA LEU B 38 -6.27 -35.05 14.27
C LEU B 38 -7.73 -34.68 13.98
N THR B 39 -7.99 -34.13 12.81
CA THR B 39 -9.36 -33.87 12.38
C THR B 39 -10.13 -35.21 12.27
N ALA B 40 -9.50 -36.24 11.70
CA ALA B 40 -10.09 -37.58 11.60
C ALA B 40 -10.45 -38.10 12.99
N ILE B 41 -9.54 -37.90 13.94
CA ILE B 41 -9.77 -38.30 15.32
C ILE B 41 -10.95 -37.62 15.97
N LYS B 42 -11.11 -36.32 15.72
CA LYS B 42 -12.22 -35.58 16.32
C LYS B 42 -13.53 -36.09 15.76
N ALA B 43 -13.52 -36.39 14.44
CA ALA B 43 -14.69 -36.98 13.77
C ALA B 43 -15.04 -38.36 14.31
N ILE B 44 -14.02 -39.19 14.51
CA ILE B 44 -14.21 -40.48 15.10
C ILE B 44 -14.73 -40.40 16.53
N SER B 45 -14.15 -39.52 17.35
CA SER B 45 -14.67 -39.28 18.69
C SER B 45 -16.19 -38.94 18.73
N SER B 46 -16.63 -37.98 17.95
CA SER B 46 -18.04 -37.63 17.81
C SER B 46 -18.89 -38.87 17.48
N ALA B 47 -18.43 -39.72 16.56
CA ALA B 47 -19.20 -40.87 16.14
C ALA B 47 -19.22 -41.94 17.26
N VAL B 48 -18.11 -42.11 17.94
CA VAL B 48 -17.96 -43.12 18.94
C VAL B 48 -18.90 -42.79 20.13
N ARG B 49 -19.02 -41.51 20.46
CA ARG B 49 -19.89 -41.00 21.53
C ARG B 49 -21.36 -41.00 21.11
N LYS B 50 -21.63 -41.39 19.87
CA LYS B 50 -22.97 -41.68 19.35
C LYS B 50 -23.78 -40.47 19.01
N ALA B 51 -23.10 -39.39 18.62
CA ALA B 51 -23.76 -38.27 17.93
C ALA B 51 -24.60 -38.77 16.78
N GLY B 52 -25.87 -38.36 16.76
CA GLY B 52 -26.81 -38.71 15.68
C GLY B 52 -27.49 -40.07 15.84
N LEU B 53 -27.24 -40.76 16.95
CA LEU B 53 -27.88 -42.05 17.20
C LEU B 53 -29.42 -41.99 17.10
N ALA B 54 -30.04 -40.88 17.55
CA ALA B 54 -31.50 -40.80 17.56
C ALA B 54 -32.07 -40.91 16.14
N HIS B 55 -31.28 -40.43 15.17
CA HIS B 55 -31.65 -40.54 13.73
C HIS B 55 -31.57 -41.98 13.20
N LEU B 56 -30.64 -42.77 13.71
CA LEU B 56 -30.58 -44.18 13.42
C LEU B 56 -31.78 -44.92 13.96
N TYR B 57 -32.32 -44.43 15.05
CA TYR B 57 -33.48 -45.07 15.74
C TYR B 57 -34.85 -44.49 15.39
N GLY B 58 -34.88 -43.71 14.30
CA GLY B 58 -36.13 -43.37 13.64
C GLY B 58 -36.78 -42.07 14.12
N ILE B 59 -35.99 -41.13 14.65
CA ILE B 59 -36.59 -39.87 15.19
C ILE B 59 -37.34 -39.05 14.10
N ALA B 60 -36.83 -39.11 12.85
CA ALA B 60 -37.40 -38.41 11.69
C ALA B 60 -38.23 -39.40 10.83
N GLY B 61 -38.63 -40.53 11.44
CA GLY B 61 -39.28 -41.64 10.73
C GLY B 61 -38.24 -42.49 10.04
N GLN B 69 -23.85 -52.35 13.40
CA GLN B 69 -23.41 -51.01 13.83
C GLN B 69 -21.89 -50.97 14.10
N VAL B 70 -21.34 -52.05 14.66
CA VAL B 70 -19.91 -52.09 14.97
C VAL B 70 -19.13 -52.15 13.63
N LYS B 71 -19.64 -52.88 12.67
CA LYS B 71 -19.10 -52.83 11.32
C LYS B 71 -19.23 -51.46 10.70
N LYS B 72 -20.41 -50.86 10.78
CA LYS B 72 -20.59 -49.52 10.20
C LYS B 72 -19.56 -48.51 10.77
N LEU B 73 -19.31 -48.57 12.08
CA LEU B 73 -18.38 -47.64 12.74
C LEU B 73 -16.89 -47.93 12.43
N ASP B 74 -16.54 -49.20 12.32
CA ASP B 74 -15.21 -49.58 11.81
C ASP B 74 -14.99 -48.98 10.44
N VAL B 75 -15.98 -49.14 9.56
CA VAL B 75 -15.87 -48.70 8.17
C VAL B 75 -15.81 -47.17 8.07
N LEU B 76 -16.73 -46.49 8.77
CA LEU B 76 -16.70 -45.02 8.92
C LEU B 76 -15.36 -44.51 9.44
N SER B 77 -14.90 -45.00 10.57
CA SER B 77 -13.61 -44.56 11.09
C SER B 77 -12.45 -44.76 10.08
N ASN B 78 -12.43 -45.90 9.38
CA ASN B 78 -11.39 -46.20 8.39
C ASN B 78 -11.49 -45.16 7.24
N SER B 79 -12.71 -44.93 6.77
CA SER B 79 -12.96 -43.94 5.70
C SER B 79 -12.58 -42.51 6.10
N LEU B 80 -12.88 -42.11 7.33
CA LEU B 80 -12.45 -40.82 7.84
C LEU B 80 -10.91 -40.67 7.79
N VAL B 81 -10.17 -41.65 8.33
CA VAL B 81 -8.73 -41.56 8.35
C VAL B 81 -8.15 -41.57 6.93
N ILE B 82 -8.59 -42.53 6.12
CA ILE B 82 -8.08 -42.63 4.74
C ILE B 82 -8.30 -41.29 3.99
N ASN B 83 -9.53 -40.80 4.03
CA ASN B 83 -9.84 -39.59 3.31
C ASN B 83 -9.08 -38.35 3.72
N MET B 84 -9.00 -38.15 5.04
CA MET B 84 -8.28 -37.05 5.58
C MET B 84 -6.77 -37.12 5.25
N LEU B 85 -6.19 -38.30 5.34
CA LEU B 85 -4.75 -38.48 5.05
C LEU B 85 -4.44 -38.30 3.56
N GLN B 86 -5.29 -38.84 2.73
CA GLN B 86 -5.07 -38.79 1.29
C GLN B 86 -5.19 -37.37 0.80
N SER B 87 -6.23 -36.66 1.27
CA SER B 87 -6.46 -35.27 0.89
C SER B 87 -5.50 -34.28 1.56
N SER B 88 -4.64 -34.73 2.46
CA SER B 88 -3.60 -33.85 2.99
C SER B 88 -2.54 -33.46 1.94
N TYR B 89 -2.40 -34.27 0.87
CA TYR B 89 -1.31 -34.17 -0.10
C TYR B 89 0.05 -34.47 0.49
N SER B 90 0.08 -35.12 1.64
CA SER B 90 1.32 -35.46 2.32
C SER B 90 1.70 -36.97 2.30
N THR B 91 0.89 -37.84 1.70
CA THR B 91 1.09 -39.29 1.83
C THR B 91 1.35 -39.95 0.48
N CYS B 92 2.04 -41.06 0.53
CA CYS B 92 2.20 -41.94 -0.64
C CYS B 92 1.67 -43.34 -0.44
N VAL B 93 1.76 -43.83 0.78
CA VAL B 93 1.28 -45.19 1.06
C VAL B 93 0.64 -45.20 2.46
N LEU B 94 -0.50 -45.88 2.56
CA LEU B 94 -1.16 -46.09 3.86
C LEU B 94 -1.31 -47.57 4.11
N VAL B 95 -1.14 -47.96 5.38
CA VAL B 95 -1.50 -49.31 5.83
C VAL B 95 -2.53 -49.17 6.97
N SER B 96 -3.67 -49.82 6.79
CA SER B 96 -4.74 -49.84 7.81
C SER B 96 -5.02 -51.25 8.29
N GLU B 97 -5.33 -51.36 9.58
CA GLU B 97 -5.83 -52.62 10.13
C GLU B 97 -7.02 -53.20 9.35
N GLU B 98 -7.82 -52.31 8.77
N GLU B 98 -7.81 -52.32 8.74
CA GLU B 98 -9.08 -52.67 8.10
CA GLU B 98 -9.06 -52.72 8.11
C GLU B 98 -8.92 -53.15 6.67
C GLU B 98 -8.92 -53.16 6.66
N ASN B 99 -7.75 -52.93 6.06
CA ASN B 99 -7.52 -53.27 4.64
C ASN B 99 -6.44 -54.32 4.42
N LYS B 100 -6.79 -55.35 3.63
CA LYS B 100 -5.90 -56.45 3.32
C LYS B 100 -4.57 -55.91 2.77
N ASP B 101 -4.67 -55.03 1.76
CA ASP B 101 -3.48 -54.52 1.07
C ASP B 101 -3.20 -53.07 1.48
N ALA B 102 -1.96 -52.62 1.26
CA ALA B 102 -1.59 -51.21 1.42
C ALA B 102 -2.36 -50.39 0.40
N ILE B 103 -2.67 -49.15 0.77
CA ILE B 103 -3.37 -48.24 -0.14
C ILE B 103 -2.36 -47.26 -0.72
N ILE B 104 -2.18 -47.27 -2.03
CA ILE B 104 -1.19 -46.37 -2.65
C ILE B 104 -1.93 -45.06 -3.01
N THR B 105 -1.45 -43.93 -2.51
CA THR B 105 -2.11 -42.63 -2.73
C THR B 105 -2.01 -42.25 -4.23
N ALA B 106 -3.12 -41.78 -4.82
CA ALA B 106 -3.15 -41.35 -6.23
C ALA B 106 -2.02 -40.34 -6.50
N LYS B 107 -1.42 -40.43 -7.68
CA LYS B 107 -0.22 -39.64 -8.00
C LYS B 107 -0.42 -38.15 -7.77
N GLU B 108 -1.59 -37.64 -8.12
CA GLU B 108 -1.90 -36.23 -7.93
C GLU B 108 -1.82 -35.74 -6.49
N LYS B 109 -2.02 -36.63 -5.53
CA LYS B 109 -2.13 -36.25 -4.13
C LYS B 109 -0.99 -36.71 -3.31
N ARG B 110 0.04 -37.10 -4.00
CA ARG B 110 1.18 -37.79 -3.42
C ARG B 110 2.14 -36.89 -2.65
N GLY B 111 2.58 -37.34 -1.49
CA GLY B 111 3.61 -36.63 -0.74
C GLY B 111 4.57 -37.66 -0.22
N LYS B 112 5.40 -37.28 0.73
CA LYS B 112 6.50 -38.17 1.10
C LYS B 112 6.29 -39.12 2.29
N TYR B 113 5.12 -39.08 2.94
CA TYR B 113 4.93 -39.83 4.17
C TYR B 113 4.13 -41.10 4.00
N VAL B 114 4.40 -42.06 4.90
CA VAL B 114 3.80 -43.39 4.91
C VAL B 114 3.13 -43.49 6.30
N VAL B 115 1.85 -43.86 6.33
CA VAL B 115 1.14 -43.92 7.61
C VAL B 115 0.56 -45.29 7.84
N CYS B 116 0.90 -45.88 8.99
CA CYS B 116 0.32 -47.13 9.44
C CYS B 116 -0.64 -46.84 10.58
N PHE B 117 -1.85 -47.35 10.47
CA PHE B 117 -2.84 -47.04 11.50
C PHE B 117 -3.89 -48.12 11.73
N ASP B 118 -4.42 -48.11 12.94
CA ASP B 118 -5.61 -48.87 13.29
C ASP B 118 -6.67 -47.79 13.63
N PRO B 119 -7.68 -47.62 12.77
CA PRO B 119 -8.61 -46.50 12.94
C PRO B 119 -9.55 -46.60 14.16
N LEU B 120 -9.90 -47.81 14.54
CA LEU B 120 -10.76 -48.02 15.71
C LEU B 120 -10.42 -49.32 16.38
N ASP B 121 -9.39 -49.32 17.21
CA ASP B 121 -8.91 -50.51 17.94
C ASP B 121 -9.77 -50.76 19.18
N GLY B 122 -10.29 -51.97 19.32
CA GLY B 122 -11.17 -52.34 20.44
C GLY B 122 -12.64 -52.38 20.06
N SER B 123 -12.95 -52.09 18.80
CA SER B 123 -14.34 -51.95 18.33
C SER B 123 -15.15 -53.26 18.29
N SER B 124 -14.47 -54.39 18.20
CA SER B 124 -15.15 -55.69 18.33
C SER B 124 -16.02 -55.72 19.58
N ASN B 125 -15.67 -54.87 20.54
CA ASN B 125 -16.32 -54.81 21.84
C ASN B 125 -16.98 -53.50 22.19
N ILE B 126 -17.26 -52.69 21.18
CA ILE B 126 -18.12 -51.46 21.31
C ILE B 126 -19.39 -51.69 22.15
N ASP B 127 -19.94 -52.89 21.99
CA ASP B 127 -21.20 -53.30 22.59
C ASP B 127 -21.22 -53.12 24.09
N CYS B 128 -20.06 -53.28 24.69
CA CYS B 128 -19.95 -53.10 26.15
C CYS B 128 -19.43 -51.72 26.53
N LEU B 129 -19.24 -50.84 25.53
CA LEU B 129 -18.83 -49.45 25.78
C LEU B 129 -17.43 -49.33 26.45
N ALA B 130 -16.59 -50.32 26.18
CA ALA B 130 -15.20 -50.26 26.63
C ALA B 130 -14.47 -49.13 25.93
N SER B 131 -13.50 -48.54 26.62
CA SER B 131 -12.65 -47.53 25.98
C SER B 131 -12.01 -48.14 24.76
N ILE B 132 -11.93 -47.36 23.68
CA ILE B 132 -11.34 -47.80 22.44
C ILE B 132 -10.50 -46.71 21.86
N GLY B 133 -9.76 -46.95 20.78
CA GLY B 133 -8.79 -45.95 20.35
C GLY B 133 -8.39 -46.01 18.91
N THR B 134 -7.61 -45.02 18.52
CA THR B 134 -7.05 -44.94 17.17
C THR B 134 -5.56 -44.85 17.39
N ILE B 135 -4.80 -45.62 16.60
CA ILE B 135 -3.36 -45.73 16.79
C ILE B 135 -2.70 -45.47 15.42
N PHE B 136 -1.62 -44.68 15.42
CA PHE B 136 -0.93 -44.37 14.17
C PHE B 136 0.59 -44.19 14.34
N ALA B 137 1.31 -44.50 13.28
CA ALA B 137 2.76 -44.28 13.12
C ALA B 137 3.04 -43.71 11.73
N ILE B 138 3.93 -42.72 11.69
CA ILE B 138 4.28 -42.02 10.46
C ILE B 138 5.79 -42.20 10.15
N TYR B 139 6.07 -42.53 8.88
CA TYR B 139 7.41 -42.74 8.32
C TYR B 139 7.63 -41.85 7.10
N ARG B 140 8.86 -41.46 6.86
CA ARG B 140 9.26 -40.81 5.64
C ARG B 140 9.60 -41.88 4.62
N LYS B 141 9.05 -41.81 3.45
CA LYS B 141 9.39 -42.79 2.40
C LYS B 141 10.85 -42.63 2.05
N THR B 142 11.57 -43.74 2.03
CA THR B 142 12.98 -43.71 1.72
C THR B 142 13.19 -44.41 0.36
N SER B 143 13.40 -43.60 -0.68
CA SER B 143 13.55 -44.05 -2.08
C SER B 143 12.80 -43.11 -3.03
N ASP B 145 12.70 -44.12 -5.57
CA ASP B 145 12.04 -45.29 -6.14
C ASP B 145 10.62 -45.04 -6.64
N GLU B 146 9.63 -45.72 -6.04
CA GLU B 146 8.22 -45.69 -6.46
C GLU B 146 7.32 -46.48 -5.51
N PRO B 147 6.35 -45.81 -4.90
CA PRO B 147 5.64 -46.31 -3.73
C PRO B 147 4.98 -47.68 -3.78
N SER B 148 5.24 -48.46 -2.76
CA SER B 148 4.59 -49.74 -2.57
C SER B 148 4.53 -50.13 -1.10
N GLU B 149 3.92 -51.25 -0.85
CA GLU B 149 3.85 -51.88 0.47
C GLU B 149 5.18 -51.92 1.24
N LYS B 150 6.28 -52.09 0.51
CA LYS B 150 7.63 -52.12 1.10
C LYS B 150 7.97 -50.86 1.91
N ASP B 151 7.45 -49.72 1.48
CA ASP B 151 7.66 -48.46 2.17
C ASP B 151 7.07 -48.44 3.58
N ALA B 152 6.13 -49.35 3.81
CA ALA B 152 5.49 -49.45 5.13
C ALA B 152 6.18 -50.46 6.06
N LEU B 153 7.22 -51.12 5.54
CA LEU B 153 7.90 -52.23 6.21
C LEU B 153 9.24 -51.81 6.77
N GLN B 154 9.32 -50.57 7.26
CA GLN B 154 10.50 -50.05 7.95
C GLN B 154 10.36 -50.36 9.44
N CYS B 155 11.49 -50.57 10.12
CA CYS B 155 11.45 -50.76 11.54
C CYS B 155 11.07 -49.51 12.26
N GLY B 156 10.52 -49.70 13.47
CA GLY B 156 10.04 -48.63 14.31
C GLY B 156 11.03 -47.54 14.65
N ARG B 157 12.31 -47.86 14.63
CA ARG B 157 13.37 -46.87 14.80
C ARG B 157 13.26 -45.72 13.81
N ASN B 158 12.69 -45.98 12.65
CA ASN B 158 12.56 -44.97 11.59
C ASN B 158 11.33 -44.07 11.68
N ILE B 159 10.55 -44.20 12.75
CA ILE B 159 9.32 -43.43 12.93
C ILE B 159 9.65 -41.95 13.03
N VAL B 160 8.89 -41.12 12.31
CA VAL B 160 9.01 -39.65 12.42
C VAL B 160 8.04 -39.05 13.46
N ALA B 161 6.88 -39.69 13.61
CA ALA B 161 5.86 -39.27 14.53
C ALA B 161 4.88 -40.41 14.75
N ALA B 162 4.35 -40.49 15.96
CA ALA B 162 3.38 -41.49 16.27
C ALA B 162 2.55 -41.07 17.47
N GLY B 163 1.40 -41.73 17.59
CA GLY B 163 0.61 -41.55 18.78
C GLY B 163 -0.68 -42.34 18.78
N TYR B 164 -1.55 -41.97 19.73
CA TYR B 164 -2.85 -42.60 19.83
C TYR B 164 -3.86 -41.62 20.36
N ALA B 165 -5.11 -41.95 20.04
CA ALA B 165 -6.32 -41.33 20.60
C ALA B 165 -7.02 -42.41 21.43
N LEU B 166 -7.37 -42.06 22.66
CA LEU B 166 -8.15 -42.91 23.51
C LEU B 166 -9.53 -42.21 23.68
N TYR B 167 -10.59 -42.95 23.35
CA TYR B 167 -11.98 -42.52 23.52
C TYR B 167 -12.50 -43.19 24.79
N GLY B 168 -12.17 -42.60 25.93
CA GLY B 168 -12.45 -43.15 27.27
C GLY B 168 -13.49 -42.26 27.95
N SER B 169 -13.30 -41.96 29.22
CA SER B 169 -14.24 -41.08 29.87
C SER B 169 -14.14 -39.67 29.23
N ALA B 170 -12.95 -39.30 28.79
CA ALA B 170 -12.73 -38.16 27.89
C ALA B 170 -11.90 -38.63 26.69
N THR B 171 -11.81 -37.79 25.66
CA THR B 171 -10.99 -38.12 24.51
C THR B 171 -9.61 -37.47 24.70
N LEU B 172 -8.56 -38.28 24.65
CA LEU B 172 -7.17 -37.81 24.80
C LEU B 172 -6.33 -38.29 23.63
N VAL B 173 -5.37 -37.47 23.27
CA VAL B 173 -4.30 -37.83 22.32
C VAL B 173 -2.91 -37.81 22.99
N ALA B 174 -2.13 -38.86 22.75
CA ALA B 174 -0.69 -38.94 23.12
C ALA B 174 0.07 -38.80 21.82
N LEU B 175 0.96 -37.83 21.75
CA LEU B 175 1.70 -37.59 20.52
C LEU B 175 3.21 -37.38 20.83
N SER B 176 4.05 -37.99 19.99
CA SER B 176 5.50 -37.70 19.99
C SER B 176 6.00 -37.51 18.56
N THR B 177 6.90 -36.55 18.41
CA THR B 177 7.57 -36.31 17.14
C THR B 177 9.08 -36.53 17.33
N GLY B 178 9.48 -37.18 18.42
CA GLY B 178 10.93 -37.46 18.69
C GLY B 178 11.47 -36.73 19.93
N GLN B 179 10.67 -35.85 20.56
CA GLN B 179 11.15 -35.03 21.68
C GLN B 179 10.31 -35.29 22.91
N GLY B 180 9.99 -36.56 23.13
CA GLY B 180 9.11 -36.92 24.24
C GLY B 180 7.66 -37.00 23.87
N VAL B 181 6.84 -37.23 24.88
CA VAL B 181 5.42 -37.48 24.69
C VAL B 181 4.63 -36.32 25.34
N ASP B 182 3.69 -35.78 24.56
CA ASP B 182 2.81 -34.73 25.08
C ASP B 182 1.39 -35.30 25.03
N LEU B 183 0.62 -34.91 26.04
CA LEU B 183 -0.78 -35.35 26.17
C LEU B 183 -1.72 -34.15 25.98
N PHE B 184 -2.80 -34.39 25.20
CA PHE B 184 -3.80 -33.43 24.83
C PHE B 184 -5.18 -34.02 25.08
N MET B 185 -6.07 -33.20 25.62
CA MET B 185 -7.46 -33.61 25.90
C MET B 185 -8.40 -32.79 24.99
N LEU B 186 -9.38 -33.47 24.40
CA LEU B 186 -10.38 -32.82 23.58
C LEU B 186 -11.41 -32.11 24.46
N ASP B 187 -11.56 -30.81 24.24
CA ASP B 187 -12.66 -30.01 24.83
C ASP B 187 -13.76 -29.99 23.77
N PRO B 188 -14.83 -30.77 23.99
CA PRO B 188 -15.87 -30.94 22.99
C PRO B 188 -16.71 -29.66 22.81
N ALA B 189 -16.72 -28.78 23.84
CA ALA B 189 -17.41 -27.47 23.77
C ALA B 189 -16.65 -26.51 22.79
N LEU B 190 -15.32 -26.58 22.81
CA LEU B 190 -14.47 -25.86 21.86
C LEU B 190 -14.21 -26.55 20.51
N GLY B 191 -14.13 -27.88 20.46
CA GLY B 191 -13.66 -28.56 19.23
C GLY B 191 -12.16 -28.54 18.98
N GLU B 192 -11.37 -28.49 20.05
CA GLU B 192 -9.93 -28.38 20.01
C GLU B 192 -9.36 -29.22 21.14
N PHE B 193 -8.23 -29.83 20.87
CA PHE B 193 -7.42 -30.50 21.85
C PHE B 193 -6.55 -29.51 22.57
N VAL B 194 -6.53 -29.60 23.88
CA VAL B 194 -5.82 -28.71 24.77
C VAL B 194 -4.65 -29.49 25.39
N LEU B 195 -3.47 -28.89 25.41
CA LEU B 195 -2.28 -29.49 26.03
C LEU B 195 -2.48 -29.62 27.55
N VAL B 196 -2.40 -30.85 28.08
CA VAL B 196 -2.59 -31.05 29.52
C VAL B 196 -1.34 -31.53 30.20
N GLU B 197 -0.41 -32.13 29.45
CA GLU B 197 0.85 -32.52 30.02
C GLU B 197 1.95 -32.57 28.96
N LYS B 198 3.07 -31.92 29.27
CA LYS B 198 4.19 -31.85 28.37
C LYS B 198 5.32 -32.77 28.84
N ASP B 199 5.87 -33.52 27.92
CA ASP B 199 7.05 -34.34 28.18
C ASP B 199 6.82 -35.38 29.29
N VAL B 200 5.76 -36.17 29.14
CA VAL B 200 5.41 -37.09 30.21
C VAL B 200 6.48 -38.19 30.30
N LYS B 201 6.81 -38.58 31.53
CA LYS B 201 7.74 -39.66 31.79
C LYS B 201 7.08 -40.79 32.61
N ILE B 202 7.26 -42.03 32.14
CA ILE B 202 6.74 -43.21 32.84
C ILE B 202 7.55 -43.45 34.13
N LYS B 203 6.91 -43.94 35.19
CA LYS B 203 7.62 -44.30 36.41
C LYS B 203 8.68 -45.38 36.10
N LYS B 204 9.80 -45.34 36.80
CA LYS B 204 10.84 -46.34 36.63
C LYS B 204 10.35 -47.75 36.93
N LYS B 205 9.46 -47.83 37.88
CA LYS B 205 8.88 -49.09 38.31
C LYS B 205 7.48 -48.82 38.87
N GLY B 206 6.51 -49.65 38.47
CA GLY B 206 5.13 -49.48 38.89
C GLY B 206 4.68 -50.61 39.80
N LYS B 207 3.36 -50.68 39.99
CA LYS B 207 2.73 -51.60 40.95
C LYS B 207 1.46 -52.24 40.36
N ILE B 208 1.42 -52.37 39.02
CA ILE B 208 0.28 -52.92 38.28
C ILE B 208 0.83 -53.80 37.17
N TYR B 209 0.26 -54.99 37.02
CA TYR B 209 0.55 -55.82 35.87
C TYR B 209 -0.75 -56.08 35.15
N SER B 210 -0.64 -56.24 33.84
CA SER B 210 -1.77 -56.21 32.96
C SER B 210 -1.59 -57.21 31.85
N LEU B 211 -2.32 -58.31 31.95
CA LEU B 211 -2.37 -59.31 30.89
C LEU B 211 -3.58 -60.19 31.10
N ASN B 212 -3.98 -60.87 30.05
CA ASN B 212 -5.12 -61.82 30.11
C ASN B 212 -4.65 -63.15 30.74
N GLU B 213 -4.93 -63.33 32.04
CA GLU B 213 -4.48 -64.53 32.73
C GLU B 213 -5.36 -65.74 32.42
N GLY B 214 -6.39 -65.51 31.60
CA GLY B 214 -7.19 -66.56 31.01
C GLY B 214 -6.42 -67.44 30.05
N TYR B 215 -5.22 -67.00 29.64
CA TYR B 215 -4.37 -67.84 28.79
C TYR B 215 -3.25 -68.54 29.59
N ALA B 216 -3.39 -68.57 30.91
CA ALA B 216 -2.38 -69.13 31.81
C ALA B 216 -1.99 -70.53 31.38
N LYS B 217 -2.98 -71.31 30.96
CA LYS B 217 -2.76 -72.67 30.54
C LYS B 217 -1.78 -72.76 29.37
N TYR B 218 -1.65 -71.67 28.61
CA TYR B 218 -0.84 -71.67 27.42
C TYR B 218 0.44 -70.84 27.55
N PHE B 219 0.68 -70.25 28.72
CA PHE B 219 1.87 -69.38 28.88
C PHE B 219 3.17 -70.19 28.76
N ASP B 220 4.24 -69.55 28.31
CA ASP B 220 5.58 -70.11 28.51
C ASP B 220 6.01 -70.02 29.99
N ALA B 221 7.07 -70.75 30.33
CA ALA B 221 7.56 -70.81 31.72
C ALA B 221 7.93 -69.42 32.25
N ALA B 222 8.57 -68.57 31.43
CA ALA B 222 8.97 -67.21 31.87
C ALA B 222 7.77 -66.38 32.28
N THR B 223 6.70 -66.40 31.50
CA THR B 223 5.48 -65.59 31.82
C THR B 223 4.81 -66.09 33.09
N THR B 224 4.70 -67.41 33.20
CA THR B 224 4.16 -68.06 34.40
C THR B 224 4.94 -67.68 35.64
N GLU B 225 6.26 -67.73 35.53
CA GLU B 225 7.11 -67.38 36.65
C GLU B 225 6.98 -65.88 37.00
N TYR B 226 6.94 -65.01 35.98
CA TYR B 226 6.83 -63.58 36.25
C TYR B 226 5.53 -63.24 36.96
N VAL B 227 4.41 -63.74 36.42
CA VAL B 227 3.08 -63.49 37.01
C VAL B 227 3.01 -63.95 38.48
N GLN B 228 3.61 -65.09 38.76
CA GLN B 228 3.67 -65.60 40.12
C GLN B 228 4.47 -64.67 41.07
N LYS B 229 5.59 -64.13 40.57
CA LYS B 229 6.38 -63.13 41.31
C LYS B 229 5.57 -61.84 41.63
N LYS B 230 4.70 -61.45 40.70
CA LYS B 230 3.82 -60.28 40.92
C LYS B 230 2.80 -60.46 42.04
N LYS B 231 2.28 -61.68 42.16
CA LYS B 231 1.22 -62.01 43.13
C LYS B 231 1.78 -62.51 44.44
N PHE B 232 2.92 -63.19 44.37
CA PHE B 232 3.58 -63.76 45.52
C PHE B 232 5.03 -63.30 45.55
N PRO B 233 5.28 -62.03 45.90
CA PRO B 233 6.68 -61.56 45.93
C PRO B 233 7.47 -62.26 47.04
N GLU B 234 8.76 -62.44 46.84
CA GLU B 234 9.56 -63.10 47.86
C GLU B 234 10.32 -62.15 48.79
N ASP B 235 10.43 -60.91 48.37
CA ASP B 235 11.18 -59.86 49.10
C ASP B 235 10.37 -59.06 50.16
N GLY B 236 9.20 -59.55 50.56
CA GLY B 236 8.34 -58.83 51.51
C GLY B 236 7.58 -57.62 50.97
N SER B 237 7.66 -57.34 49.68
CA SER B 237 6.90 -56.23 49.09
C SER B 237 5.42 -56.64 48.87
N ALA B 238 4.53 -55.65 48.78
CA ALA B 238 3.10 -55.92 48.50
C ALA B 238 2.94 -56.44 47.08
N PRO B 239 2.05 -57.41 46.87
CA PRO B 239 1.77 -57.91 45.52
C PRO B 239 1.30 -56.77 44.57
N TYR B 240 1.59 -56.86 43.28
CA TYR B 240 1.08 -55.86 42.32
C TYR B 240 -0.45 -56.01 42.19
N GLY B 241 -1.09 -54.91 41.82
CA GLY B 241 -2.49 -54.94 41.42
C GLY B 241 -2.60 -55.41 39.99
N ALA B 242 -3.74 -56.03 39.67
CA ALA B 242 -4.05 -56.44 38.30
C ALA B 242 -5.11 -55.54 37.64
N ARG B 243 -4.84 -55.17 36.39
CA ARG B 243 -5.81 -54.48 35.53
C ARG B 243 -5.68 -55.00 34.12
N TYR B 244 -6.80 -55.28 33.44
CA TYR B 244 -6.78 -55.68 32.03
C TYR B 244 -8.13 -55.34 31.41
N VAL B 245 -8.14 -54.23 30.66
CA VAL B 245 -9.36 -53.76 30.03
C VAL B 245 -9.67 -54.63 28.81
N GLY B 246 -8.63 -55.11 28.13
CA GLY B 246 -8.84 -55.90 26.91
C GLY B 246 -8.95 -54.98 25.72
N SER B 247 -8.64 -53.70 25.92
CA SER B 247 -8.57 -52.76 24.84
C SER B 247 -7.19 -52.13 24.94
N MET B 248 -6.40 -52.33 23.91
CA MET B 248 -4.98 -52.07 23.99
C MET B 248 -4.62 -50.63 24.33
N VAL B 249 -5.28 -49.65 23.71
CA VAL B 249 -4.97 -48.23 23.99
C VAL B 249 -5.32 -47.85 25.46
N ALA B 250 -6.38 -48.40 26.02
CA ALA B 250 -6.79 -48.13 27.43
C ALA B 250 -5.73 -48.70 28.35
N ASP B 251 -5.27 -49.93 28.07
CA ASP B 251 -4.28 -50.60 28.96
C ASP B 251 -2.89 -49.96 28.83
N VAL B 252 -2.51 -49.60 27.60
CA VAL B 252 -1.22 -48.91 27.36
C VAL B 252 -1.23 -47.51 27.98
N HIS B 253 -2.32 -46.77 27.81
CA HIS B 253 -2.38 -45.45 28.40
C HIS B 253 -2.28 -45.47 29.91
N ARG B 254 -2.99 -46.41 30.56
CA ARG B 254 -2.92 -46.53 31.98
C ARG B 254 -1.45 -46.86 32.42
N THR B 255 -0.76 -47.70 31.67
CA THR B 255 0.59 -48.06 31.99
C THR B 255 1.50 -46.82 31.88
N LEU B 256 1.26 -45.97 30.88
CA LEU B 256 2.02 -44.74 30.72
C LEU B 256 1.82 -43.83 31.89
N VAL B 257 0.57 -43.65 32.31
CA VAL B 257 0.32 -42.64 33.30
C VAL B 257 0.45 -43.10 34.75
N TYR B 258 0.25 -44.38 35.02
CA TYR B 258 0.39 -44.89 36.40
C TYR B 258 1.59 -45.78 36.58
N GLY B 259 2.12 -46.29 35.47
CA GLY B 259 3.26 -47.19 35.54
C GLY B 259 2.89 -48.64 35.69
N GLY B 260 3.92 -49.50 35.58
CA GLY B 260 3.77 -50.94 35.66
C GLY B 260 4.06 -51.56 34.32
N ILE B 261 3.38 -52.66 34.05
CA ILE B 261 3.70 -53.43 32.88
C ILE B 261 2.46 -53.92 32.19
N PHE B 262 2.56 -53.99 30.87
CA PHE B 262 1.51 -54.52 30.05
C PHE B 262 2.09 -55.61 29.17
N LEU B 263 1.41 -56.75 29.12
CA LEU B 263 1.90 -57.88 28.36
C LEU B 263 0.81 -58.55 27.51
N TYR B 264 1.11 -58.72 26.23
CA TYR B 264 0.49 -59.74 25.41
C TYR B 264 1.59 -60.61 24.76
N PRO B 265 2.19 -61.53 25.55
CA PRO B 265 3.24 -62.39 25.05
C PRO B 265 2.69 -63.45 24.11
N ALA B 266 3.60 -64.16 23.47
CA ALA B 266 3.27 -65.36 22.73
C ALA B 266 2.76 -66.39 23.74
N ASN B 267 1.82 -67.23 23.27
CA ASN B 267 1.40 -68.37 24.03
C ASN B 267 1.14 -69.55 23.11
N GLN B 268 0.87 -70.71 23.68
CA GLN B 268 0.63 -71.89 22.84
C GLN B 268 -0.38 -71.70 21.72
N LYS B 269 -1.45 -70.96 21.96
CA LYS B 269 -2.50 -70.74 20.99
C LYS B 269 -2.24 -69.59 20.00
N SER B 270 -1.44 -68.62 20.43
CA SER B 270 -0.98 -67.49 19.60
C SER B 270 0.54 -67.46 19.62
N PRO B 271 1.18 -68.36 18.85
CA PRO B 271 2.64 -68.47 18.94
C PRO B 271 3.40 -67.24 18.43
N LYS B 272 2.79 -66.45 17.55
CA LYS B 272 3.38 -65.16 17.10
C LYS B 272 2.91 -63.99 17.98
N GLY B 273 2.07 -64.27 18.97
CA GLY B 273 1.40 -63.21 19.70
C GLY B 273 0.12 -62.82 18.98
N LYS B 274 -0.58 -61.81 19.50
CA LYS B 274 -1.82 -61.35 18.87
C LYS B 274 -1.74 -59.97 18.19
N LEU B 275 -1.06 -59.03 18.83
CA LEU B 275 -1.09 -57.64 18.43
C LEU B 275 -0.25 -57.40 17.15
N ARG B 276 -0.62 -56.39 16.37
CA ARG B 276 -0.07 -56.22 15.05
C ARG B 276 1.11 -55.28 15.12
N LEU B 277 2.23 -55.69 14.52
CA LEU B 277 3.45 -54.89 14.52
C LEU B 277 3.31 -53.45 13.99
N LEU B 278 2.78 -53.29 12.78
CA LEU B 278 2.90 -52.01 12.08
C LEU B 278 2.07 -50.87 12.72
N TYR B 279 0.86 -51.20 13.17
CA TYR B 279 -0.12 -50.19 13.56
C TYR B 279 -0.66 -50.37 14.97
N GLU B 280 -0.13 -51.32 15.72
CA GLU B 280 -0.42 -51.40 17.17
CA GLU B 280 -0.45 -51.39 17.14
C GLU B 280 0.85 -51.34 17.96
N CYS B 281 1.77 -52.29 17.74
CA CYS B 281 2.97 -52.42 18.56
C CYS B 281 4.04 -51.34 18.33
N ASN B 282 4.40 -51.07 17.09
CA ASN B 282 5.37 -50.02 16.85
C ASN B 282 4.91 -48.63 17.38
N PRO B 283 3.67 -48.21 17.12
CA PRO B 283 3.28 -46.89 17.60
C PRO B 283 3.36 -46.75 19.13
N VAL B 284 2.84 -47.74 19.88
CA VAL B 284 2.82 -47.64 21.35
C VAL B 284 4.20 -47.83 21.93
N ALA B 285 5.03 -48.64 21.27
CA ALA B 285 6.40 -48.79 21.65
C ALA B 285 7.15 -47.49 21.56
N TYR B 286 6.95 -46.78 20.45
CA TYR B 286 7.59 -45.51 20.26
C TYR B 286 7.22 -44.52 21.36
N ILE B 287 5.92 -44.44 21.68
CA ILE B 287 5.43 -43.55 22.74
C ILE B 287 6.02 -43.96 24.08
N ILE B 288 5.91 -45.24 24.40
CA ILE B 288 6.44 -45.71 25.71
C ILE B 288 7.98 -45.45 25.87
N GLU B 289 8.75 -45.66 24.79
CA GLU B 289 10.20 -45.43 24.83
C GLU B 289 10.47 -43.93 24.85
N GLN B 290 9.73 -43.15 24.05
CA GLN B 290 9.85 -41.71 24.12
C GLN B 290 9.58 -41.23 25.56
N ALA B 291 8.73 -41.93 26.29
CA ALA B 291 8.44 -41.60 27.70
C ALA B 291 9.37 -42.24 28.74
N GLY B 292 10.43 -42.93 28.28
CA GLY B 292 11.41 -43.46 29.19
C GLY B 292 11.16 -44.89 29.62
N GLY B 293 10.26 -45.58 28.93
CA GLY B 293 9.93 -46.97 29.23
C GLY B 293 10.58 -47.90 28.22
N LEU B 294 10.25 -49.18 28.32
CA LEU B 294 10.81 -50.20 27.42
C LEU B 294 9.69 -50.92 26.72
N ALA B 295 9.95 -51.38 25.50
CA ALA B 295 8.97 -52.18 24.76
C ALA B 295 9.67 -53.30 23.94
N THR B 296 9.29 -54.54 24.22
CA THR B 296 10.07 -55.72 23.81
C THR B 296 9.10 -56.81 23.30
N THR B 297 9.57 -57.62 22.36
CA THR B 297 8.87 -58.83 21.99
C THR B 297 9.17 -59.97 22.96
N GLY B 298 10.14 -59.77 23.86
CA GLY B 298 10.76 -60.85 24.69
C GLY B 298 12.03 -61.41 24.06
N THR B 299 12.26 -61.05 22.81
CA THR B 299 13.46 -61.41 22.09
C THR B 299 14.34 -60.20 21.71
N GLN B 300 13.70 -59.03 21.60
CA GLN B 300 14.23 -57.90 20.82
C GLN B 300 13.38 -56.68 21.16
N PRO B 301 13.95 -55.47 21.16
CA PRO B 301 13.01 -54.31 21.26
C PRO B 301 12.07 -54.26 20.05
N VAL B 302 10.80 -53.92 20.29
CA VAL B 302 9.82 -53.91 19.21
C VAL B 302 10.26 -53.03 18.04
N LEU B 303 10.83 -51.88 18.39
CA LEU B 303 11.22 -50.87 17.42
C LEU B 303 12.40 -51.33 16.56
N ASP B 304 13.08 -52.41 16.96
CA ASP B 304 14.17 -52.96 16.15
C ASP B 304 13.74 -54.14 15.32
N VAL B 305 12.46 -54.55 15.39
CA VAL B 305 11.99 -55.64 14.56
C VAL B 305 11.88 -55.15 13.13
N LYS B 306 12.52 -55.87 12.23
CA LYS B 306 12.39 -55.62 10.83
C LYS B 306 11.12 -56.31 10.36
N PRO B 307 10.12 -55.54 9.91
CA PRO B 307 8.83 -56.13 9.53
C PRO B 307 8.87 -56.96 8.25
N GLU B 308 8.23 -58.13 8.28
CA GLU B 308 8.23 -59.03 7.11
C GLU B 308 6.95 -58.86 6.28
N ALA B 309 5.84 -58.45 6.93
CA ALA B 309 4.54 -58.38 6.22
C ALA B 309 3.66 -57.36 6.93
N ILE B 310 2.75 -56.70 6.18
CA ILE B 310 2.06 -55.49 6.75
C ILE B 310 1.11 -55.84 7.92
N HIS B 311 0.53 -57.04 7.92
CA HIS B 311 -0.36 -57.45 9.03
C HIS B 311 0.30 -58.44 9.99
N GLN B 312 1.63 -58.39 10.08
CA GLN B 312 2.40 -59.27 10.95
C GLN B 312 2.07 -59.07 12.41
N ARG B 313 2.05 -60.17 13.15
CA ARG B 313 1.86 -60.11 14.57
C ARG B 313 3.16 -60.28 15.30
N VAL B 314 3.26 -59.68 16.49
CA VAL B 314 4.38 -59.85 17.43
C VAL B 314 3.93 -59.92 18.86
N PRO B 315 4.72 -60.62 19.70
CA PRO B 315 4.53 -60.47 21.12
C PRO B 315 4.82 -59.04 21.60
N LEU B 316 4.20 -58.63 22.72
CA LEU B 316 4.37 -57.28 23.23
C LEU B 316 4.41 -57.22 24.76
N ILE B 317 5.49 -56.68 25.28
CA ILE B 317 5.63 -56.45 26.71
C ILE B 317 6.19 -55.03 26.80
N LEU B 318 5.49 -54.15 27.53
CA LEU B 318 5.97 -52.77 27.61
C LEU B 318 5.62 -52.14 28.94
N GLY B 319 6.29 -51.04 29.23
CA GLY B 319 6.02 -50.33 30.48
C GLY B 319 7.22 -49.75 31.17
N SER B 320 7.10 -49.65 32.49
CA SER B 320 8.12 -49.08 33.31
C SER B 320 9.38 -49.96 33.10
N PRO B 321 10.56 -49.31 32.96
CA PRO B 321 11.74 -50.05 32.49
C PRO B 321 12.18 -51.11 33.48
N GLU B 322 12.09 -50.84 34.78
CA GLU B 322 12.46 -51.83 35.76
C GLU B 322 11.54 -53.06 35.77
N ASP B 323 10.25 -52.87 35.48
CA ASP B 323 9.34 -54.00 35.37
C ASP B 323 9.60 -54.79 34.10
N VAL B 324 9.75 -54.12 32.97
CA VAL B 324 10.12 -54.85 31.74
C VAL B 324 11.47 -55.62 31.89
N GLN B 325 12.45 -55.02 32.56
CA GLN B 325 13.72 -55.71 32.77
CA GLN B 325 13.74 -55.66 32.83
C GLN B 325 13.54 -56.92 33.65
N GLU B 326 12.71 -56.84 34.71
CA GLU B 326 12.43 -58.03 35.53
CA GLU B 326 12.40 -58.03 35.54
C GLU B 326 11.79 -59.15 34.69
N TYR B 327 10.83 -58.81 33.82
CA TYR B 327 10.29 -59.77 32.88
C TYR B 327 11.34 -60.42 31.94
N LEU B 328 12.23 -59.61 31.38
CA LEU B 328 13.26 -60.11 30.44
C LEU B 328 14.27 -61.02 31.14
N THR B 329 14.53 -60.71 32.41
CA THR B 329 15.35 -61.59 33.23
C THR B 329 14.72 -62.94 33.40
N CYS B 330 13.39 -63.03 33.53
CA CYS B 330 12.70 -64.34 33.55
C CYS B 330 12.72 -65.01 32.18
N VAL B 331 12.59 -64.26 31.10
CA VAL B 331 12.65 -64.88 29.76
C VAL B 331 14.04 -65.52 29.55
N GLN B 332 15.09 -64.75 29.84
CA GLN B 332 16.48 -65.18 29.58
C GLN B 332 16.85 -66.37 30.46
N LYS B 333 16.51 -66.27 31.75
CA LYS B 333 16.70 -67.38 32.71
C LYS B 333 16.09 -68.73 32.26
N ASN B 334 14.85 -68.71 31.78
CA ASN B 334 14.13 -69.91 31.31
C ASN B 334 14.38 -70.37 29.86
N GLN B 335 15.20 -69.64 29.12
CA GLN B 335 15.46 -69.91 27.68
C GLN B 335 15.83 -71.39 27.31
N ALA B 336 16.68 -72.05 28.10
CA ALA B 336 17.11 -73.45 27.82
C ALA B 336 16.35 -74.49 28.65
N ASP C 9 -2.79 33.84 -4.21
CA ASP C 9 -1.51 33.54 -3.52
C ASP C 9 -0.29 33.36 -4.50
N MET C 10 0.04 32.11 -4.80
CA MET C 10 1.28 31.71 -5.46
C MET C 10 1.41 32.09 -6.95
N LEU C 11 0.25 32.29 -7.61
CA LEU C 11 0.13 32.80 -8.97
C LEU C 11 0.54 31.74 -10.01
N THR C 12 1.80 31.23 -9.97
CA THR C 12 2.27 30.32 -11.00
C THR C 12 2.11 28.89 -10.59
N LEU C 13 1.89 28.03 -11.58
CA LEU C 13 1.79 26.60 -11.35
C LEU C 13 3.07 26.06 -10.66
N THR C 14 4.26 26.51 -11.08
CA THR C 14 5.49 26.05 -10.44
C THR C 14 5.51 26.26 -8.91
N ARG C 15 5.14 27.47 -8.47
CA ARG C 15 5.06 27.82 -7.06
C ARG C 15 3.93 27.17 -6.31
N TYR C 16 2.77 27.09 -6.97
CA TYR C 16 1.61 26.46 -6.40
C TYR C 16 1.90 24.99 -6.11
N VAL C 17 2.46 24.28 -7.08
CA VAL C 17 2.82 22.87 -6.96
C VAL C 17 3.87 22.64 -5.86
N MET C 18 4.92 23.46 -5.88
CA MET C 18 5.97 23.44 -4.83
C MET C 18 5.32 23.58 -3.48
N GLU C 19 4.48 24.59 -3.37
CA GLU C 19 3.90 24.94 -2.08
C GLU C 19 2.98 23.82 -1.59
N LYS C 20 2.27 23.16 -2.50
CA LYS C 20 1.39 22.04 -2.09
C LYS C 20 2.25 20.85 -1.64
N GLY C 21 3.44 20.72 -2.23
CA GLY C 21 4.37 19.64 -1.87
C GLY C 21 4.94 19.88 -0.50
N ARG C 22 5.12 21.15 -0.16
CA ARG C 22 5.55 21.55 1.18
C ARG C 22 4.47 21.24 2.21
N GLN C 23 3.21 21.62 1.94
CA GLN C 23 2.09 21.34 2.86
C GLN C 23 1.90 19.84 3.08
N ALA C 24 2.14 19.05 2.03
CA ALA C 24 2.03 17.59 2.10
C ALA C 24 3.16 16.99 2.94
N LYS C 25 4.18 17.78 3.29
CA LYS C 25 5.43 17.30 3.91
C LYS C 25 6.13 16.28 2.97
N GLY C 26 5.94 16.44 1.66
CA GLY C 26 6.57 15.55 0.66
C GLY C 26 8.09 15.60 0.64
N THR C 27 8.73 14.58 0.06
CA THR C 27 10.19 14.59 -0.07
C THR C 27 10.62 15.37 -1.34
N GLY C 28 9.68 15.77 -2.18
CA GLY C 28 10.01 16.45 -3.39
C GLY C 28 9.96 15.57 -4.65
N GLU C 29 9.75 14.26 -4.48
CA GLU C 29 9.72 13.35 -5.59
C GLU C 29 8.52 13.60 -6.54
N LEU C 30 7.33 13.79 -5.98
CA LEU C 30 6.14 14.05 -6.78
C LEU C 30 6.21 15.46 -7.36
N THR C 31 6.72 16.40 -6.59
CA THR C 31 6.93 17.76 -7.08
C THR C 31 7.80 17.72 -8.34
N GLN C 32 8.88 16.96 -8.33
CA GLN C 32 9.77 16.91 -9.49
C GLN C 32 9.05 16.23 -10.63
N LEU C 33 8.26 15.21 -10.32
CA LEU C 33 7.52 14.53 -11.36
C LEU C 33 6.55 15.46 -12.10
N LEU C 34 5.79 16.23 -11.33
CA LEU C 34 4.83 17.14 -11.82
C LEU C 34 5.49 18.28 -12.62
N ASN C 35 6.57 18.84 -12.10
CA ASN C 35 7.37 19.86 -12.78
C ASN C 35 7.80 19.31 -14.16
N SER C 36 8.22 18.05 -14.18
CA SER C 36 8.65 17.37 -15.39
C SER C 36 7.54 17.21 -16.44
N MET C 37 6.38 16.73 -15.98
CA MET C 37 5.22 16.63 -16.84
C MET C 37 4.78 17.99 -17.42
N LEU C 38 4.79 19.04 -16.59
CA LEU C 38 4.40 20.38 -17.00
C LEU C 38 5.39 21.03 -17.98
N THR C 39 6.68 20.69 -17.84
CA THR C 39 7.70 21.10 -18.79
C THR C 39 7.46 20.44 -20.16
N ALA C 40 7.14 19.14 -20.15
CA ALA C 40 6.78 18.41 -21.37
C ALA C 40 5.55 19.07 -22.00
N ILE C 41 4.52 19.39 -21.21
CA ILE C 41 3.31 20.01 -21.70
C ILE C 41 3.62 21.40 -22.38
N LYS C 42 4.51 22.19 -21.82
CA LYS C 42 4.94 23.44 -22.46
C LYS C 42 5.62 23.20 -23.78
N ALA C 43 6.47 22.17 -23.88
CA ALA C 43 7.13 21.85 -25.12
C ALA C 43 6.14 21.37 -26.17
N ILE C 44 5.17 20.60 -25.75
CA ILE C 44 4.20 20.09 -26.68
C ILE C 44 3.33 21.26 -27.21
N SER C 45 2.90 22.15 -26.32
CA SER C 45 2.07 23.30 -26.68
C SER C 45 2.81 24.12 -27.79
N SER C 46 4.10 24.33 -27.62
CA SER C 46 4.93 25.11 -28.54
C SER C 46 4.94 24.43 -29.94
N ALA C 47 5.14 23.12 -29.98
CA ALA C 47 5.14 22.33 -31.18
C ALA C 47 3.76 22.26 -31.83
N VAL C 48 2.71 22.09 -31.04
CA VAL C 48 1.34 22.07 -31.50
C VAL C 48 0.94 23.41 -32.21
N ARG C 49 1.34 24.52 -31.62
CA ARG C 49 1.14 25.85 -32.20
C ARG C 49 2.06 26.07 -33.44
N LYS C 50 2.96 25.15 -33.73
CA LYS C 50 3.80 25.16 -34.94
C LYS C 50 4.99 26.12 -34.91
N ALA C 51 5.52 26.45 -33.73
CA ALA C 51 6.79 27.11 -33.63
C ALA C 51 7.81 26.40 -34.54
N GLY C 52 8.53 27.16 -35.38
CA GLY C 52 9.56 26.57 -36.23
C GLY C 52 9.04 25.93 -37.52
N LEU C 53 7.74 26.03 -37.77
CA LEU C 53 7.22 25.55 -39.06
C LEU C 53 7.93 26.15 -40.33
N ALA C 54 8.34 27.42 -40.32
CA ALA C 54 9.02 28.03 -41.49
C ALA C 54 10.28 27.28 -41.92
N HIS C 55 10.95 26.71 -40.91
CA HIS C 55 12.14 25.88 -41.11
C HIS C 55 11.83 24.54 -41.78
N LEU C 56 10.70 23.95 -41.44
CA LEU C 56 10.22 22.76 -42.16
C LEU C 56 9.92 23.08 -43.67
N TYR C 57 9.50 24.31 -43.95
CA TYR C 57 9.05 24.70 -45.29
C TYR C 57 10.11 25.46 -46.07
N GLY C 58 11.38 25.33 -45.69
CA GLY C 58 12.49 25.73 -46.53
C GLY C 58 13.00 27.16 -46.38
N ILE C 59 12.64 27.87 -45.30
CA ILE C 59 13.12 29.27 -45.06
C ILE C 59 14.64 29.44 -45.17
N ALA C 60 15.39 28.45 -44.67
CA ALA C 60 16.85 28.47 -44.72
C ALA C 60 17.38 27.63 -45.88
N GLY C 61 16.51 27.31 -46.85
CA GLY C 61 16.89 26.55 -48.07
C GLY C 61 16.85 25.02 -48.04
N SER C 62 16.35 24.42 -46.95
CA SER C 62 16.14 22.96 -46.88
C SER C 62 14.71 22.68 -46.41
N GLN C 69 4.08 16.81 -39.65
CA GLN C 69 3.27 15.62 -39.77
C GLN C 69 2.59 15.19 -38.46
N VAL C 70 1.54 14.36 -38.60
CA VAL C 70 0.74 13.84 -37.47
C VAL C 70 1.53 12.77 -36.66
N LYS C 71 2.09 11.78 -37.34
CA LYS C 71 2.96 10.80 -36.74
C LYS C 71 4.24 11.40 -36.17
N LYS C 72 4.71 12.47 -36.77
CA LYS C 72 5.89 13.08 -36.25
C LYS C 72 5.61 13.79 -34.95
N LEU C 73 4.49 14.46 -34.86
CA LEU C 73 4.10 15.19 -33.65
C LEU C 73 3.72 14.24 -32.50
N ASP C 74 3.05 13.15 -32.83
CA ASP C 74 2.77 12.01 -31.93
C ASP C 74 4.01 11.48 -31.30
N VAL C 75 5.01 11.21 -32.15
CA VAL C 75 6.24 10.62 -31.72
C VAL C 75 6.98 11.64 -30.87
N LEU C 76 7.02 12.89 -31.32
CA LEU C 76 7.69 13.96 -30.55
C LEU C 76 7.07 14.12 -29.18
N SER C 77 5.74 14.23 -29.15
N SER C 77 5.75 14.24 -29.14
CA SER C 77 5.02 14.47 -27.91
CA SER C 77 5.04 14.45 -27.89
C SER C 77 5.24 13.31 -26.93
C SER C 77 5.28 13.30 -26.92
N ASN C 78 5.19 12.08 -27.44
CA ASN C 78 5.46 10.87 -26.65
C ASN C 78 6.90 10.91 -26.12
N SER C 79 7.87 11.21 -26.97
CA SER C 79 9.27 11.33 -26.56
C SER C 79 9.50 12.43 -25.50
N LEU C 80 8.82 13.55 -25.64
CA LEU C 80 8.95 14.64 -24.65
C LEU C 80 8.53 14.17 -23.28
N VAL C 81 7.38 13.50 -23.24
CA VAL C 81 6.82 13.06 -21.97
C VAL C 81 7.68 11.94 -21.36
N ILE C 82 7.98 10.91 -22.15
CA ILE C 82 8.84 9.81 -21.67
C ILE C 82 10.22 10.29 -21.17
N ASN C 83 10.88 11.13 -21.94
CA ASN C 83 12.18 11.65 -21.50
CA ASN C 83 12.18 11.60 -21.50
C ASN C 83 12.09 12.52 -20.27
N MET C 84 11.11 13.44 -20.23
CA MET C 84 11.00 14.31 -19.07
C MET C 84 10.63 13.53 -17.78
N LEU C 85 9.72 12.58 -17.90
CA LEU C 85 9.34 11.74 -16.75
C LEU C 85 10.50 10.83 -16.28
N GLN C 86 11.16 10.15 -17.20
CA GLN C 86 12.25 9.24 -16.83
C GLN C 86 13.38 10.02 -16.16
N SER C 87 13.77 11.14 -16.76
CA SER C 87 14.83 11.98 -16.22
C SER C 87 14.46 12.65 -14.90
N SER C 88 13.21 12.59 -14.45
CA SER C 88 12.82 13.24 -13.18
C SER C 88 13.37 12.50 -11.94
N TYR C 89 13.77 11.25 -12.13
CA TYR C 89 14.16 10.29 -11.07
C TYR C 89 12.99 9.91 -10.16
N SER C 90 11.77 10.12 -10.64
CA SER C 90 10.58 9.85 -9.80
C SER C 90 9.72 8.68 -10.26
N THR C 91 10.12 7.98 -11.33
CA THR C 91 9.24 7.01 -11.97
C THR C 91 9.84 5.64 -11.98
N CYS C 92 8.97 4.63 -11.93
CA CYS C 92 9.41 3.25 -12.15
C CYS C 92 8.73 2.61 -13.37
N VAL C 93 7.53 3.06 -13.72
CA VAL C 93 6.75 2.43 -14.81
C VAL C 93 5.94 3.48 -15.52
N LEU C 94 6.05 3.51 -16.86
CA LEU C 94 5.15 4.35 -17.63
C LEU C 94 4.27 3.54 -18.55
N VAL C 95 3.02 3.98 -18.69
CA VAL C 95 2.15 3.43 -19.74
C VAL C 95 1.77 4.60 -20.64
N SER C 96 2.01 4.44 -21.95
CA SER C 96 1.64 5.43 -22.94
C SER C 96 0.66 4.85 -23.89
N GLU C 97 -0.28 5.68 -24.35
CA GLU C 97 -1.16 5.34 -25.46
C GLU C 97 -0.36 4.90 -26.70
N GLU C 98 0.87 5.39 -26.82
CA GLU C 98 1.67 5.15 -28.04
C GLU C 98 2.50 3.88 -28.07
N ASN C 99 2.62 3.21 -26.92
CA ASN C 99 3.51 2.06 -26.76
C ASN C 99 2.70 0.85 -26.37
N LYS C 100 2.93 -0.24 -27.08
CA LYS C 100 2.23 -1.51 -26.85
C LYS C 100 2.44 -1.98 -25.44
N ASP C 101 3.66 -1.81 -24.93
CA ASP C 101 4.03 -2.34 -23.64
C ASP C 101 4.38 -1.24 -22.67
N ALA C 102 4.24 -1.57 -21.39
CA ALA C 102 4.62 -0.66 -20.32
C ALA C 102 6.12 -0.40 -20.47
N ILE C 103 6.54 0.82 -20.17
CA ILE C 103 7.96 1.19 -20.29
C ILE C 103 8.50 1.24 -18.87
N ILE C 104 9.50 0.40 -18.58
CA ILE C 104 10.04 0.27 -17.22
C ILE C 104 11.27 1.18 -17.18
N THR C 105 11.28 2.08 -16.20
CA THR C 105 12.39 3.01 -16.04
C THR C 105 13.67 2.25 -15.69
N ALA C 106 14.79 2.61 -16.33
CA ALA C 106 16.09 2.07 -15.98
C ALA C 106 16.34 2.22 -14.47
N LYS C 107 16.95 1.19 -13.89
CA LYS C 107 17.16 1.09 -12.43
C LYS C 107 17.82 2.34 -11.82
N GLU C 108 18.83 2.90 -12.50
CA GLU C 108 19.54 4.08 -11.98
C GLU C 108 18.61 5.31 -11.77
N LYS C 109 17.53 5.42 -12.55
CA LYS C 109 16.65 6.60 -12.52
C LYS C 109 15.31 6.32 -11.86
N ARG C 110 15.23 5.21 -11.13
CA ARG C 110 13.97 4.67 -10.70
C ARG C 110 13.51 5.36 -9.45
N GLY C 111 12.26 5.79 -9.48
CA GLY C 111 11.58 6.25 -8.29
C GLY C 111 10.29 5.47 -8.07
N LYS C 112 9.41 6.06 -7.31
CA LYS C 112 8.28 5.43 -6.65
C LYS C 112 7.01 5.41 -7.52
N TYR C 113 6.92 6.29 -8.53
CA TYR C 113 5.65 6.60 -9.19
C TYR C 113 5.44 5.93 -10.55
N VAL C 114 4.16 5.62 -10.81
CA VAL C 114 3.70 5.07 -12.07
C VAL C 114 2.89 6.15 -12.79
N VAL C 115 3.15 6.37 -14.08
CA VAL C 115 2.38 7.39 -14.83
C VAL C 115 1.78 6.76 -16.06
N CYS C 116 0.47 6.93 -16.20
CA CYS C 116 -0.30 6.52 -17.36
C CYS C 116 -0.68 7.79 -18.13
N PHE C 117 -0.36 7.89 -19.41
CA PHE C 117 -0.60 9.10 -20.16
C PHE C 117 -0.90 8.85 -21.65
N ASP C 118 -1.65 9.80 -22.20
CA ASP C 118 -1.93 9.96 -23.60
C ASP C 118 -1.24 11.30 -23.95
N PRO C 119 -0.08 11.24 -24.59
CA PRO C 119 0.75 12.43 -24.80
C PRO C 119 0.10 13.45 -25.78
N LEU C 120 -0.69 12.98 -26.73
CA LEU C 120 -1.38 13.82 -27.69
C LEU C 120 -2.69 13.23 -28.21
N ASP C 121 -3.71 13.36 -27.38
CA ASP C 121 -5.03 12.83 -27.61
C ASP C 121 -5.73 13.77 -28.58
N GLY C 122 -6.30 13.19 -29.63
CA GLY C 122 -6.95 13.90 -30.74
C GLY C 122 -6.05 14.15 -31.96
N SER C 123 -4.78 13.76 -31.88
CA SER C 123 -3.78 14.04 -32.94
C SER C 123 -3.99 13.39 -34.33
N SER C 124 -4.85 12.39 -34.45
CA SER C 124 -5.15 11.90 -35.80
C SER C 124 -5.85 13.03 -36.56
N ASN C 125 -6.48 13.95 -35.82
CA ASN C 125 -7.16 15.11 -36.39
C ASN C 125 -6.55 16.50 -35.99
N ILE C 126 -5.21 16.53 -35.99
CA ILE C 126 -4.45 17.76 -35.88
C ILE C 126 -4.53 18.54 -37.23
N ASP C 127 -4.75 17.82 -38.33
CA ASP C 127 -4.79 18.47 -39.65
C ASP C 127 -6.01 19.39 -39.88
N CYS C 128 -7.06 19.24 -39.07
CA CYS C 128 -8.17 20.21 -39.12
C CYS C 128 -8.07 21.22 -37.97
N LEU C 129 -6.94 21.18 -37.26
CA LEU C 129 -6.64 22.13 -36.18
C LEU C 129 -7.66 22.09 -35.05
N ALA C 130 -8.30 20.95 -34.87
CA ALA C 130 -9.16 20.69 -33.70
C ALA C 130 -8.35 20.86 -32.40
N SER C 131 -9.00 21.35 -31.36
CA SER C 131 -8.44 21.30 -30.01
C SER C 131 -7.93 19.88 -29.76
N ILE C 132 -6.72 19.76 -29.23
CA ILE C 132 -6.21 18.47 -28.79
C ILE C 132 -5.59 18.58 -27.43
N GLY C 133 -5.14 17.47 -26.85
CA GLY C 133 -4.67 17.51 -25.48
C GLY C 133 -3.74 16.42 -25.04
N THR C 134 -3.31 16.55 -23.80
CA THR C 134 -2.48 15.57 -23.12
C THR C 134 -3.20 15.20 -21.80
N ILE C 135 -3.21 13.91 -21.46
CA ILE C 135 -3.97 13.40 -20.33
C ILE C 135 -3.01 12.53 -19.51
N PHE C 136 -3.06 12.65 -18.22
CA PHE C 136 -2.18 11.80 -17.37
C PHE C 136 -2.78 11.50 -15.99
N ALA C 137 -2.39 10.36 -15.45
CA ALA C 137 -2.72 9.90 -14.09
C ALA C 137 -1.46 9.28 -13.48
N ILE C 138 -1.22 9.61 -12.22
CA ILE C 138 -0.06 9.21 -11.46
C ILE C 138 -0.50 8.37 -10.27
N TYR C 139 0.19 7.24 -10.07
CA TYR C 139 -0.05 6.29 -8.99
C TYR C 139 1.27 6.04 -8.29
N ARG C 140 1.19 5.65 -7.05
CA ARG C 140 2.33 5.18 -6.31
C ARG C 140 2.43 3.70 -6.50
N LYS C 141 3.62 3.20 -6.76
CA LYS C 141 3.85 1.76 -6.81
C LYS C 141 3.67 1.21 -5.38
N THR C 142 2.80 0.21 -5.25
CA THR C 142 2.50 -0.31 -3.91
C THR C 142 3.06 -1.74 -3.72
N SER C 143 3.42 -2.43 -4.81
CA SER C 143 4.09 -3.74 -4.70
C SER C 143 5.58 -3.62 -4.31
N GLU C 144 6.14 -4.73 -3.83
CA GLU C 144 7.54 -4.78 -3.45
C GLU C 144 8.30 -5.53 -4.54
N ASP C 145 7.54 -6.17 -5.39
CA ASP C 145 8.09 -6.84 -6.57
C ASP C 145 8.91 -5.90 -7.43
N GLU C 146 9.73 -6.46 -8.32
CA GLU C 146 10.35 -5.70 -9.40
C GLU C 146 9.26 -4.99 -10.18
N PRO C 147 9.50 -3.73 -10.59
CA PRO C 147 8.49 -2.99 -11.33
C PRO C 147 8.12 -3.67 -12.65
N SER C 148 6.83 -3.62 -12.99
CA SER C 148 6.27 -4.35 -14.13
C SER C 148 4.99 -3.65 -14.51
N GLU C 149 4.37 -4.10 -15.60
CA GLU C 149 3.12 -3.51 -16.03
C GLU C 149 1.98 -3.68 -15.03
N LYS C 150 2.03 -4.72 -14.18
CA LYS C 150 1.03 -4.89 -13.12
C LYS C 150 0.92 -3.65 -12.20
N ASP C 151 2.01 -2.90 -12.02
CA ASP C 151 1.96 -1.66 -11.21
C ASP C 151 1.08 -0.54 -11.80
N ALA C 152 0.84 -0.60 -13.11
CA ALA C 152 -0.10 0.30 -13.77
C ALA C 152 -1.54 -0.21 -13.74
N LEU C 153 -1.84 -1.37 -13.16
CA LEU C 153 -3.19 -1.91 -13.29
C LEU C 153 -3.97 -1.66 -12.00
N GLN C 154 -3.76 -0.49 -11.41
CA GLN C 154 -4.48 -0.10 -10.20
C GLN C 154 -5.79 0.60 -10.58
N CYS C 155 -6.83 0.39 -9.82
CA CYS C 155 -8.05 1.14 -10.06
C CYS C 155 -7.88 2.66 -9.82
N GLY C 156 -8.72 3.45 -10.45
CA GLY C 156 -8.61 4.89 -10.36
C GLY C 156 -8.70 5.49 -8.96
N ARG C 157 -9.31 4.77 -8.03
CA ARG C 157 -9.32 5.22 -6.60
C ARG C 157 -7.94 5.41 -6.02
N ASN C 158 -6.92 4.80 -6.60
CA ASN C 158 -5.54 4.93 -6.11
C ASN C 158 -4.74 6.07 -6.72
N ILE C 159 -5.38 6.89 -7.53
CA ILE C 159 -4.73 8.06 -8.12
C ILE C 159 -4.18 8.99 -7.04
N VAL C 160 -2.93 9.44 -7.25
CA VAL C 160 -2.30 10.42 -6.37
C VAL C 160 -2.45 11.84 -6.95
N ALA C 161 -2.37 11.94 -8.29
CA ALA C 161 -2.59 13.19 -8.99
C ALA C 161 -3.00 12.83 -10.43
N ALA C 162 -3.80 13.68 -11.04
CA ALA C 162 -4.16 13.53 -12.44
C ALA C 162 -4.52 14.87 -13.01
N GLY C 163 -4.62 14.90 -14.32
CA GLY C 163 -4.92 16.13 -15.00
C GLY C 163 -4.84 15.99 -16.52
N TYR C 164 -5.03 17.12 -17.15
CA TYR C 164 -4.99 17.24 -18.58
C TYR C 164 -4.50 18.57 -18.99
N ALA C 165 -3.86 18.60 -20.18
CA ALA C 165 -3.58 19.87 -20.90
C ALA C 165 -4.48 19.93 -22.10
N LEU C 166 -5.10 21.09 -22.35
CA LEU C 166 -5.90 21.34 -23.53
C LEU C 166 -5.20 22.41 -24.34
N TYR C 167 -4.83 22.05 -25.57
CA TYR C 167 -4.25 22.97 -26.52
C TYR C 167 -5.38 23.42 -27.40
N GLY C 168 -6.10 24.47 -26.95
CA GLY C 168 -7.25 25.01 -27.70
C GLY C 168 -6.96 26.42 -28.12
N SER C 169 -7.92 27.32 -27.97
CA SER C 169 -7.65 28.70 -28.31
C SER C 169 -6.49 29.26 -27.46
N ALA C 170 -6.40 28.79 -26.22
CA ALA C 170 -5.26 29.03 -25.34
C ALA C 170 -4.90 27.66 -24.80
N THR C 171 -3.75 27.57 -24.18
CA THR C 171 -3.35 26.33 -23.53
C THR C 171 -3.65 26.36 -22.00
N LEU C 172 -4.40 25.36 -21.55
CA LEU C 172 -4.84 25.25 -20.16
C LEU C 172 -4.45 23.92 -19.58
N VAL C 173 -4.14 23.92 -18.27
CA VAL C 173 -4.00 22.70 -17.54
C VAL C 173 -5.06 22.64 -16.41
N ALA C 174 -5.69 21.49 -16.33
CA ALA C 174 -6.52 21.10 -15.17
C ALA C 174 -5.74 20.08 -14.32
N LEU C 175 -5.65 20.34 -13.02
CA LEU C 175 -4.85 19.53 -12.13
C LEU C 175 -5.59 19.28 -10.83
N SER C 176 -5.55 18.02 -10.38
CA SER C 176 -5.95 17.66 -9.03
C SER C 176 -4.95 16.73 -8.37
N THR C 177 -4.69 17.03 -7.09
CA THR C 177 -3.94 16.17 -6.22
C THR C 177 -4.80 15.67 -5.04
N GLY C 178 -6.11 15.68 -5.23
CA GLY C 178 -7.04 15.15 -4.23
C GLY C 178 -7.76 16.21 -3.41
N GLN C 179 -7.49 17.49 -3.65
CA GLN C 179 -8.20 18.57 -2.90
C GLN C 179 -8.93 19.50 -3.91
N GLY C 180 -9.72 18.92 -4.78
CA GLY C 180 -10.42 19.64 -5.83
C GLY C 180 -9.60 19.86 -7.10
N VAL C 181 -10.17 20.63 -8.00
CA VAL C 181 -9.57 20.85 -9.30
C VAL C 181 -9.18 22.30 -9.43
N ASP C 182 -7.93 22.52 -9.83
CA ASP C 182 -7.45 23.86 -10.14
C ASP C 182 -7.12 23.99 -11.65
N LEU C 183 -7.38 25.17 -12.17
CA LEU C 183 -7.20 25.53 -13.60
C LEU C 183 -6.14 26.59 -13.75
N PHE C 184 -5.19 26.29 -14.62
CA PHE C 184 -4.09 27.17 -14.96
C PHE C 184 -4.01 27.41 -16.46
N MET C 185 -3.65 28.63 -16.85
CA MET C 185 -3.52 28.98 -18.25
C MET C 185 -2.09 29.33 -18.57
N LEU C 186 -1.57 28.79 -19.67
CA LEU C 186 -0.24 29.18 -20.14
C LEU C 186 -0.20 30.63 -20.67
N ASP C 187 0.66 31.46 -20.10
CA ASP C 187 0.97 32.78 -20.62
C ASP C 187 2.23 32.55 -21.44
N PRO C 188 2.09 32.51 -22.76
CA PRO C 188 3.25 32.22 -23.60
C PRO C 188 4.32 33.32 -23.65
N ALA C 189 3.97 34.54 -23.27
CA ALA C 189 4.97 35.60 -23.19
C ALA C 189 5.82 35.43 -21.92
N LEU C 190 5.23 34.94 -20.85
CA LEU C 190 5.99 34.61 -19.63
C LEU C 190 6.59 33.20 -19.67
N GLY C 191 5.92 32.26 -20.35
CA GLY C 191 6.35 30.86 -20.33
C GLY C 191 6.02 30.15 -19.04
N GLU C 192 4.93 30.57 -18.40
CA GLU C 192 4.50 29.96 -17.15
C GLU C 192 3.00 29.80 -17.18
N PHE C 193 2.53 28.82 -16.42
CA PHE C 193 1.13 28.60 -16.21
C PHE C 193 0.73 29.45 -15.04
N VAL C 194 -0.40 30.13 -15.20
CA VAL C 194 -0.92 31.07 -14.23
C VAL C 194 -2.22 30.51 -13.67
N LEU C 195 -2.36 30.49 -12.34
CA LEU C 195 -3.62 30.04 -11.71
C LEU C 195 -4.78 30.94 -12.09
N VAL C 196 -5.82 30.40 -12.71
CA VAL C 196 -6.96 31.22 -13.05
C VAL C 196 -8.27 30.83 -12.33
N GLU C 197 -8.38 29.61 -11.86
CA GLU C 197 -9.51 29.22 -11.05
C GLU C 197 -9.09 28.13 -10.11
N LYS C 198 -9.34 28.38 -8.85
CA LYS C 198 -9.05 27.48 -7.77
C LYS C 198 -10.34 26.73 -7.37
N ASP C 199 -10.26 25.40 -7.24
CA ASP C 199 -11.34 24.57 -6.71
C ASP C 199 -12.63 24.68 -7.54
N VAL C 200 -12.48 24.45 -8.83
CA VAL C 200 -13.61 24.62 -9.76
C VAL C 200 -14.66 23.53 -9.48
N LYS C 201 -15.95 23.89 -9.49
CA LYS C 201 -17.04 22.92 -9.28
C LYS C 201 -17.96 22.89 -10.51
N ILE C 202 -18.36 21.70 -10.92
CA ILE C 202 -19.25 21.52 -12.09
C ILE C 202 -20.69 21.88 -11.64
N LYS C 203 -21.52 22.42 -12.53
CA LYS C 203 -22.93 22.71 -12.22
C LYS C 203 -23.67 21.39 -11.92
N LYS C 204 -24.68 21.48 -11.05
CA LYS C 204 -25.52 20.35 -10.74
C LYS C 204 -26.18 19.80 -12.00
N LYS C 205 -26.63 20.68 -12.89
CA LYS C 205 -27.35 20.27 -14.12
C LYS C 205 -27.00 21.26 -15.22
N GLY C 206 -26.64 20.74 -16.38
CA GLY C 206 -26.28 21.59 -17.50
C GLY C 206 -27.33 21.57 -18.59
N LYS C 207 -26.94 22.07 -19.77
CA LYS C 207 -27.86 22.22 -20.89
C LYS C 207 -27.23 21.78 -22.24
N ILE C 208 -26.19 20.97 -22.18
CA ILE C 208 -25.48 20.51 -23.33
C ILE C 208 -25.30 19.00 -23.18
N TYR C 209 -25.60 18.27 -24.24
CA TYR C 209 -25.23 16.87 -24.27
C TYR C 209 -24.22 16.65 -25.42
N SER C 210 -23.30 15.72 -25.20
CA SER C 210 -22.13 15.57 -26.04
C SER C 210 -21.82 14.09 -26.33
N LEU C 211 -22.15 13.66 -27.53
CA LEU C 211 -21.80 12.32 -28.06
C LEU C 211 -21.93 12.26 -29.55
N ASN C 212 -21.33 11.21 -30.13
CA ASN C 212 -21.37 11.02 -31.56
C ASN C 212 -22.68 10.36 -31.94
N GLU C 213 -23.63 11.14 -32.44
CA GLU C 213 -24.91 10.56 -32.86
C GLU C 213 -24.89 9.82 -34.19
N GLY C 214 -23.74 9.82 -34.85
CA GLY C 214 -23.52 8.98 -36.04
C GLY C 214 -23.59 7.51 -35.73
N TYR C 215 -23.43 7.15 -34.44
CA TYR C 215 -23.56 5.78 -33.97
C TYR C 215 -24.97 5.36 -33.52
N ALA C 216 -25.97 6.15 -33.90
CA ALA C 216 -27.35 5.97 -33.44
C ALA C 216 -27.90 4.53 -33.60
N LYS C 217 -27.59 3.91 -34.74
CA LYS C 217 -28.12 2.58 -35.03
C LYS C 217 -27.43 1.46 -34.24
N TYR C 218 -26.33 1.79 -33.58
CA TYR C 218 -25.58 0.88 -32.75
C TYR C 218 -25.85 1.09 -31.24
N PHE C 219 -26.61 2.14 -30.90
CA PHE C 219 -26.81 2.46 -29.51
C PHE C 219 -27.63 1.37 -28.82
N ASP C 220 -27.37 1.22 -27.52
CA ASP C 220 -28.27 0.45 -26.68
C ASP C 220 -29.51 1.28 -26.44
N ALA C 221 -30.58 0.65 -25.96
CA ALA C 221 -31.87 1.32 -25.79
C ALA C 221 -31.76 2.46 -24.73
N ALA C 222 -30.89 2.33 -23.73
CA ALA C 222 -30.75 3.41 -22.71
C ALA C 222 -30.30 4.71 -23.33
N THR C 223 -29.30 4.63 -24.21
CA THR C 223 -28.73 5.82 -24.89
C THR C 223 -29.71 6.48 -25.86
N THR C 224 -30.41 5.65 -26.61
CA THR C 224 -31.47 6.09 -27.54
C THR C 224 -32.54 6.88 -26.80
N GLU C 225 -32.94 6.34 -25.68
CA GLU C 225 -33.98 6.97 -24.89
C GLU C 225 -33.48 8.28 -24.25
N TYR C 226 -32.28 8.28 -23.68
CA TYR C 226 -31.67 9.50 -23.16
C TYR C 226 -31.60 10.61 -24.19
N VAL C 227 -31.07 10.27 -25.39
CA VAL C 227 -30.95 11.26 -26.47
C VAL C 227 -32.31 11.83 -26.86
N GLN C 228 -33.30 10.96 -26.95
CA GLN C 228 -34.67 11.36 -27.26
CA GLN C 228 -34.63 11.40 -27.28
C GLN C 228 -35.20 12.36 -26.20
N LYS C 229 -34.90 12.13 -24.92
CA LYS C 229 -35.37 13.02 -23.82
C LYS C 229 -34.69 14.39 -23.88
N LYS C 230 -33.43 14.43 -24.34
CA LYS C 230 -32.72 15.69 -24.49
C LYS C 230 -33.32 16.52 -25.61
N LYS C 231 -33.88 15.85 -26.60
CA LYS C 231 -34.42 16.57 -27.76
C LYS C 231 -35.90 16.91 -27.59
N PHE C 232 -36.61 16.08 -26.85
CA PHE C 232 -38.06 16.25 -26.67
C PHE C 232 -38.31 16.26 -25.14
N PRO C 233 -37.99 17.37 -24.45
CA PRO C 233 -38.14 17.37 -22.97
C PRO C 233 -39.59 17.23 -22.55
N GLU C 234 -39.81 16.54 -21.44
CA GLU C 234 -41.15 16.37 -20.95
C GLU C 234 -41.85 17.65 -20.47
N ASP C 235 -41.13 18.53 -19.81
CA ASP C 235 -41.80 19.61 -19.05
C ASP C 235 -41.92 20.96 -19.80
N GLY C 236 -41.71 20.98 -21.10
CA GLY C 236 -41.79 22.24 -21.84
C GLY C 236 -40.51 23.07 -21.86
N SER C 237 -39.47 22.65 -21.14
CA SER C 237 -38.20 23.34 -21.17
C SER C 237 -37.54 23.17 -22.57
N ALA C 238 -36.59 24.05 -22.85
CA ALA C 238 -35.93 24.03 -24.15
C ALA C 238 -35.10 22.75 -24.21
N PRO C 239 -35.04 22.11 -25.40
CA PRO C 239 -34.10 21.00 -25.60
C PRO C 239 -32.68 21.41 -25.30
N TYR C 240 -31.86 20.46 -24.91
CA TYR C 240 -30.40 20.66 -24.75
C TYR C 240 -29.79 20.94 -26.12
N GLY C 241 -28.75 21.78 -26.12
CA GLY C 241 -27.85 22.00 -27.21
C GLY C 241 -26.91 20.82 -27.29
N ALA C 242 -26.51 20.50 -28.51
CA ALA C 242 -25.58 19.42 -28.77
C ALA C 242 -24.23 20.03 -29.13
N ARG C 243 -23.17 19.42 -28.58
CA ARG C 243 -21.80 19.70 -28.95
C ARG C 243 -20.97 18.43 -28.95
N TYR C 244 -20.13 18.24 -29.98
CA TYR C 244 -19.19 17.14 -30.02
C TYR C 244 -18.01 17.47 -30.89
N VAL C 245 -16.95 17.93 -30.23
CA VAL C 245 -15.71 18.26 -30.87
C VAL C 245 -15.08 16.98 -31.52
N GLY C 246 -15.16 15.86 -30.81
CA GLY C 246 -14.54 14.61 -31.28
C GLY C 246 -13.13 14.54 -30.73
N SER C 247 -12.77 15.46 -29.82
CA SER C 247 -11.51 15.44 -29.15
C SER C 247 -11.83 15.44 -27.63
N MET C 248 -11.51 14.32 -26.99
CA MET C 248 -12.03 14.02 -25.68
C MET C 248 -11.74 15.13 -24.72
N VAL C 249 -10.52 15.66 -24.76
CA VAL C 249 -10.13 16.66 -23.74
C VAL C 249 -10.94 17.92 -23.90
N ALA C 250 -11.17 18.33 -25.16
CA ALA C 250 -11.96 19.51 -25.46
C ALA C 250 -13.41 19.36 -24.94
N ASP C 251 -14.00 18.20 -25.22
CA ASP C 251 -15.37 17.93 -24.83
C ASP C 251 -15.51 17.82 -23.32
N VAL C 252 -14.56 17.15 -22.67
CA VAL C 252 -14.59 17.03 -21.19
C VAL C 252 -14.40 18.38 -20.55
N HIS C 253 -13.44 19.17 -21.04
CA HIS C 253 -13.23 20.48 -20.45
C HIS C 253 -14.45 21.37 -20.56
N ARG C 254 -15.10 21.34 -21.72
CA ARG C 254 -16.32 22.12 -21.89
C ARG C 254 -17.36 21.68 -20.86
N THR C 255 -17.47 20.37 -20.67
CA THR C 255 -18.45 19.76 -19.76
C THR C 255 -18.17 20.27 -18.32
N LEU C 256 -16.88 20.30 -17.96
CA LEU C 256 -16.48 20.84 -16.64
C LEU C 256 -16.88 22.29 -16.41
N VAL C 257 -16.57 23.13 -17.40
CA VAL C 257 -16.78 24.56 -17.24
C VAL C 257 -18.18 25.05 -17.53
N TYR C 258 -18.92 24.41 -18.43
CA TYR C 258 -20.27 24.84 -18.78
C TYR C 258 -21.39 23.93 -18.22
N GLY C 259 -21.05 22.70 -17.82
CA GLY C 259 -22.02 21.74 -17.35
C GLY C 259 -22.55 20.91 -18.49
N GLY C 260 -23.29 19.89 -18.11
CA GLY C 260 -23.92 18.98 -18.99
C GLY C 260 -23.31 17.61 -18.93
N ILE C 261 -23.33 16.94 -20.08
CA ILE C 261 -23.00 15.57 -20.12
C ILE C 261 -22.21 15.20 -21.40
N PHE C 262 -21.24 14.34 -21.16
CA PHE C 262 -20.38 13.77 -22.22
C PHE C 262 -20.45 12.27 -22.13
N LEU C 263 -20.66 11.61 -23.28
CA LEU C 263 -20.91 10.19 -23.35
C LEU C 263 -20.14 9.57 -24.53
N TYR C 264 -19.45 8.48 -24.24
CA TYR C 264 -18.99 7.45 -25.19
C TYR C 264 -19.33 6.07 -24.58
N PRO C 265 -20.63 5.72 -24.66
CA PRO C 265 -21.14 4.49 -24.16
C PRO C 265 -20.74 3.32 -25.04
N ALA C 266 -20.92 2.11 -24.54
CA ALA C 266 -20.83 0.93 -25.40
C ALA C 266 -21.87 1.04 -26.48
N ASN C 267 -21.55 0.41 -27.61
CA ASN C 267 -22.47 0.29 -28.68
C ASN C 267 -22.18 -1.03 -29.43
N GLN C 268 -23.00 -1.38 -30.40
CA GLN C 268 -22.83 -2.63 -31.18
C GLN C 268 -21.44 -2.84 -31.71
N LYS C 269 -20.84 -1.81 -32.27
CA LYS C 269 -19.52 -1.87 -32.82
C LYS C 269 -18.38 -1.84 -31.81
N SER C 270 -18.58 -1.11 -30.71
CA SER C 270 -17.64 -1.05 -29.62
C SER C 270 -18.38 -1.52 -28.35
N PRO C 271 -18.44 -2.85 -28.15
CA PRO C 271 -19.20 -3.40 -27.00
C PRO C 271 -18.58 -3.15 -25.62
N LYS C 272 -17.33 -2.77 -25.53
CA LYS C 272 -16.72 -2.33 -24.29
C LYS C 272 -16.41 -0.85 -24.28
N GLY C 273 -17.02 -0.10 -25.15
CA GLY C 273 -16.69 1.31 -25.32
C GLY C 273 -15.44 1.46 -26.21
N LYS C 274 -15.06 2.70 -26.48
CA LYS C 274 -13.85 2.99 -27.27
C LYS C 274 -12.73 3.56 -26.40
N LEU C 275 -13.06 4.43 -25.46
CA LEU C 275 -12.04 5.16 -24.74
C LEU C 275 -11.25 4.26 -23.78
N ARG C 276 -10.00 4.64 -23.55
CA ARG C 276 -9.05 3.82 -22.81
C ARG C 276 -9.11 4.12 -21.32
N LEU C 277 -9.33 3.08 -20.49
CA LEU C 277 -9.39 3.22 -19.04
C LEU C 277 -8.17 3.90 -18.39
N LEU C 278 -6.97 3.49 -18.74
CA LEU C 278 -5.85 3.91 -17.88
C LEU C 278 -5.49 5.36 -18.01
N TYR C 279 -5.47 5.86 -19.26
CA TYR C 279 -4.88 7.12 -19.58
C TYR C 279 -5.83 8.11 -20.29
N GLU C 280 -7.09 7.73 -20.44
CA GLU C 280 -8.15 8.62 -20.88
C GLU C 280 -9.24 8.72 -19.83
N CYS C 281 -9.87 7.59 -19.53
CA CYS C 281 -11.07 7.58 -18.72
C CYS C 281 -10.79 7.81 -17.22
N ASN C 282 -9.88 7.07 -16.63
CA ASN C 282 -9.52 7.30 -15.22
C ASN C 282 -9.08 8.75 -14.91
N PRO C 283 -8.16 9.30 -15.71
CA PRO C 283 -7.81 10.70 -15.38
C PRO C 283 -8.97 11.70 -15.44
N VAL C 284 -9.80 11.64 -16.46
CA VAL C 284 -10.91 12.58 -16.57
C VAL C 284 -11.99 12.26 -15.52
N ALA C 285 -12.18 10.98 -15.17
CA ALA C 285 -13.15 10.62 -14.12
C ALA C 285 -12.71 11.23 -12.81
N TYR C 286 -11.39 11.21 -12.60
CA TYR C 286 -10.81 11.72 -11.39
C TYR C 286 -11.04 13.23 -11.31
N ILE C 287 -10.76 13.97 -12.41
CA ILE C 287 -10.98 15.40 -12.42
C ILE C 287 -12.46 15.75 -12.22
N ILE C 288 -13.35 15.11 -12.98
CA ILE C 288 -14.76 15.37 -12.90
C ILE C 288 -15.36 15.08 -11.50
N GLU C 289 -14.97 13.96 -10.90
CA GLU C 289 -15.43 13.65 -9.54
C GLU C 289 -14.90 14.67 -8.50
N GLN C 290 -13.64 15.06 -8.60
CA GLN C 290 -13.04 16.06 -7.76
C GLN C 290 -13.74 17.41 -7.84
N ALA C 291 -14.31 17.69 -9.01
CA ALA C 291 -15.09 18.90 -9.26
C ALA C 291 -16.58 18.76 -8.90
N GLY C 292 -16.95 17.61 -8.33
CA GLY C 292 -18.34 17.41 -7.85
C GLY C 292 -19.26 16.76 -8.87
N GLY C 293 -18.67 16.19 -9.90
CA GLY C 293 -19.41 15.52 -10.97
C GLY C 293 -19.42 14.02 -10.78
N LEU C 294 -19.89 13.30 -11.81
CA LEU C 294 -19.95 11.82 -11.84
C LEU C 294 -19.32 11.31 -13.11
N ALA C 295 -18.74 10.13 -13.03
CA ALA C 295 -18.14 9.47 -14.16
C ALA C 295 -18.41 8.00 -14.01
N THR C 296 -19.21 7.45 -14.92
CA THR C 296 -19.71 6.10 -14.80
C THR C 296 -19.48 5.31 -16.10
N THR C 297 -19.36 3.99 -15.98
CA THR C 297 -19.38 3.15 -17.14
C THR C 297 -20.83 2.80 -17.54
N GLY C 298 -21.78 3.18 -16.68
CA GLY C 298 -23.16 2.77 -16.82
C GLY C 298 -23.53 1.83 -15.69
N THR C 299 -22.58 1.05 -15.21
CA THR C 299 -22.88 0.10 -14.13
C THR C 299 -21.98 0.24 -12.88
N GLN C 300 -20.92 1.02 -12.98
CA GLN C 300 -20.06 1.32 -11.84
C GLN C 300 -19.26 2.57 -12.12
N PRO C 301 -18.74 3.18 -11.06
CA PRO C 301 -17.92 4.36 -11.27
C PRO C 301 -16.66 3.94 -11.99
N VAL C 302 -16.25 4.74 -12.97
CA VAL C 302 -15.04 4.47 -13.75
C VAL C 302 -13.86 4.22 -12.82
N LEU C 303 -13.75 5.06 -11.80
CA LEU C 303 -12.67 4.95 -10.83
C LEU C 303 -12.65 3.66 -9.99
N ASP C 304 -13.75 2.89 -9.99
CA ASP C 304 -13.76 1.59 -9.32
C ASP C 304 -13.50 0.38 -10.20
N VAL C 305 -13.36 0.58 -11.50
CA VAL C 305 -13.09 -0.49 -12.45
C VAL C 305 -11.69 -1.02 -12.16
N LYS C 306 -11.56 -2.33 -12.01
CA LYS C 306 -10.26 -2.91 -11.73
C LYS C 306 -9.61 -3.26 -13.04
N PRO C 307 -8.52 -2.55 -13.40
CA PRO C 307 -7.94 -2.81 -14.70
C PRO C 307 -7.36 -4.21 -14.87
N GLU C 308 -7.66 -4.78 -16.02
CA GLU C 308 -7.15 -6.08 -16.43
C GLU C 308 -6.04 -6.03 -17.49
N ALA C 309 -6.05 -5.01 -18.34
CA ALA C 309 -4.98 -4.87 -19.36
C ALA C 309 -4.68 -3.37 -19.57
N ILE C 310 -3.44 -3.05 -19.91
CA ILE C 310 -3.02 -1.62 -19.92
C ILE C 310 -3.77 -0.81 -20.99
N HIS C 311 -4.19 -1.44 -22.09
CA HIS C 311 -4.97 -0.74 -23.13
C HIS C 311 -6.45 -1.09 -23.15
N GLN C 312 -6.96 -1.58 -22.02
CA GLN C 312 -8.39 -1.82 -21.85
C GLN C 312 -9.24 -0.63 -22.17
N ARG C 313 -10.36 -0.88 -22.83
CA ARG C 313 -11.38 0.11 -23.12
C ARG C 313 -12.52 0.04 -22.11
N VAL C 314 -13.17 1.16 -21.82
CA VAL C 314 -14.38 1.21 -20.96
C VAL C 314 -15.37 2.21 -21.57
N PRO C 315 -16.67 1.94 -21.43
CA PRO C 315 -17.70 2.94 -21.64
C PRO C 315 -17.54 4.15 -20.68
N LEU C 316 -17.87 5.36 -21.13
CA LEU C 316 -17.70 6.56 -20.35
C LEU C 316 -18.90 7.48 -20.45
N ILE C 317 -19.50 7.82 -19.30
CA ILE C 317 -20.59 8.79 -19.24
C ILE C 317 -20.22 9.67 -18.05
N LEU C 318 -20.13 10.98 -18.26
CA LEU C 318 -19.62 11.88 -17.22
C LEU C 318 -20.19 13.27 -17.31
N GLY C 319 -20.12 13.99 -16.21
CA GLY C 319 -20.49 15.38 -16.20
C GLY C 319 -21.27 15.78 -15.00
N SER C 320 -22.19 16.70 -15.22
CA SER C 320 -23.03 17.24 -14.15
C SER C 320 -23.81 16.09 -13.54
N PRO C 321 -23.92 16.09 -12.19
CA PRO C 321 -24.45 14.88 -11.58
C PRO C 321 -25.92 14.60 -11.87
N GLU C 322 -26.76 15.64 -11.99
CA GLU C 322 -28.15 15.41 -12.28
C GLU C 322 -28.30 14.83 -13.69
N ASP C 323 -27.48 15.27 -14.61
CA ASP C 323 -27.55 14.76 -16.02
C ASP C 323 -27.07 13.31 -16.06
N VAL C 324 -25.97 13.00 -15.36
CA VAL C 324 -25.53 11.59 -15.25
C VAL C 324 -26.61 10.68 -14.59
N GLN C 325 -27.26 11.19 -13.55
CA GLN C 325 -28.39 10.54 -12.93
C GLN C 325 -29.53 10.24 -13.87
N GLU C 326 -29.89 11.19 -14.73
CA GLU C 326 -30.92 10.93 -15.74
C GLU C 326 -30.52 9.89 -16.78
N TYR C 327 -29.25 9.84 -17.20
CA TYR C 327 -28.76 8.78 -18.03
C TYR C 327 -28.88 7.42 -17.31
N LEU C 328 -28.43 7.34 -16.03
CA LEU C 328 -28.54 6.08 -15.25
C LEU C 328 -30.00 5.63 -15.10
N THR C 329 -30.93 6.56 -15.03
CA THR C 329 -32.33 6.20 -15.03
C THR C 329 -32.72 5.52 -16.33
N CYS C 330 -32.22 6.02 -17.46
CA CYS C 330 -32.45 5.35 -18.75
C CYS C 330 -31.82 3.99 -18.79
N VAL C 331 -30.68 3.81 -18.13
CA VAL C 331 -30.03 2.50 -18.07
C VAL C 331 -30.94 1.52 -17.30
N GLN C 332 -31.50 2.00 -16.18
CA GLN C 332 -32.44 1.21 -15.35
C GLN C 332 -33.75 0.92 -16.06
N LYS C 333 -34.31 1.94 -16.73
CA LYS C 333 -35.58 1.80 -17.49
C LYS C 333 -35.47 0.76 -18.63
N ASN C 334 -34.25 0.34 -18.98
CA ASN C 334 -33.99 -0.68 -20.04
C ASN C 334 -33.21 -1.91 -19.58
N GLN C 335 -33.02 -2.09 -18.27
CA GLN C 335 -32.30 -3.28 -17.78
C GLN C 335 -33.05 -4.61 -17.81
N ASP D 9 21.55 15.90 -16.85
CA ASP D 9 20.69 15.49 -15.71
C ASP D 9 19.32 16.25 -15.72
N MET D 10 19.20 17.27 -14.87
CA MET D 10 17.93 17.97 -14.68
C MET D 10 17.47 18.86 -15.87
N LEU D 11 18.40 19.31 -16.71
CA LEU D 11 18.07 20.05 -17.93
C LEU D 11 17.58 21.47 -17.57
N THR D 12 16.45 21.60 -16.88
CA THR D 12 15.88 22.92 -16.59
C THR D 12 16.29 23.49 -15.27
N LEU D 13 16.36 24.82 -15.21
CA LEU D 13 16.66 25.54 -13.99
C LEU D 13 15.67 25.17 -12.87
N THR D 14 14.39 25.09 -13.20
CA THR D 14 13.38 24.66 -12.22
C THR D 14 13.75 23.34 -11.56
N ARG D 15 14.07 22.32 -12.37
CA ARG D 15 14.42 21.01 -11.82
C ARG D 15 15.74 21.07 -11.09
N TYR D 16 16.69 21.80 -11.66
CA TYR D 16 18.03 21.90 -11.09
C TYR D 16 17.97 22.49 -9.70
N VAL D 17 17.31 23.63 -9.57
CA VAL D 17 17.18 24.29 -8.29
C VAL D 17 16.45 23.43 -7.25
N MET D 18 15.42 22.72 -7.72
CA MET D 18 14.60 21.89 -6.82
C MET D 18 15.48 20.78 -6.29
N GLU D 19 16.30 20.21 -7.17
CA GLU D 19 17.16 19.08 -6.80
C GLU D 19 18.25 19.52 -5.84
N LYS D 20 18.86 20.66 -6.13
CA LYS D 20 19.84 21.22 -5.20
C LYS D 20 19.21 21.52 -3.82
N GLY D 21 17.92 21.83 -3.77
CA GLY D 21 17.25 22.05 -2.49
C GLY D 21 16.99 20.74 -1.75
N ARG D 22 16.58 19.71 -2.48
CA ARG D 22 16.46 18.37 -1.91
C ARG D 22 17.82 17.87 -1.34
N GLN D 23 18.89 18.01 -2.13
CA GLN D 23 20.28 17.73 -1.74
C GLN D 23 20.70 18.44 -0.44
N ALA D 24 20.36 19.72 -0.34
CA ALA D 24 20.71 20.52 0.84
C ALA D 24 19.79 20.21 2.03
N LYS D 25 18.76 19.40 1.82
CA LYS D 25 17.75 19.16 2.86
C LYS D 25 17.10 20.49 3.29
N GLY D 26 16.85 21.38 2.35
CA GLY D 26 16.09 22.62 2.65
C GLY D 26 14.61 22.36 2.96
N THR D 27 13.95 23.34 3.58
CA THR D 27 12.51 23.23 3.84
C THR D 27 11.75 23.76 2.62
N GLY D 28 12.46 24.09 1.53
CA GLY D 28 11.83 24.61 0.31
C GLY D 28 11.67 26.13 0.25
N GLU D 29 12.06 26.81 1.33
CA GLU D 29 11.95 28.26 1.39
C GLU D 29 12.88 28.96 0.36
N LEU D 30 14.15 28.59 0.32
CA LEU D 30 15.05 29.22 -0.63
C LEU D 30 14.67 28.82 -2.06
N THR D 31 14.25 27.58 -2.22
CA THR D 31 13.81 27.08 -3.52
C THR D 31 12.64 27.95 -4.00
N GLN D 32 11.66 28.24 -3.14
CA GLN D 32 10.58 29.14 -3.57
C GLN D 32 11.07 30.56 -3.87
N LEU D 33 12.06 31.04 -3.13
CA LEU D 33 12.64 32.35 -3.38
C LEU D 33 13.32 32.37 -4.73
N LEU D 34 14.18 31.42 -5.00
CA LEU D 34 14.80 31.33 -6.29
C LEU D 34 13.79 31.23 -7.46
N ASN D 35 12.79 30.34 -7.34
CA ASN D 35 11.71 30.26 -8.34
C ASN D 35 11.03 31.64 -8.60
N SER D 36 10.75 32.38 -7.54
CA SER D 36 10.10 33.70 -7.60
C SER D 36 10.97 34.70 -8.38
N MET D 37 12.27 34.69 -8.03
CA MET D 37 13.21 35.58 -8.68
C MET D 37 13.33 35.25 -10.16
N LEU D 38 13.43 33.98 -10.49
CA LEU D 38 13.56 33.56 -11.88
C LEU D 38 12.34 33.85 -12.73
N THR D 39 11.15 33.78 -12.14
CA THR D 39 9.92 34.18 -12.81
C THR D 39 9.92 35.69 -13.08
N ALA D 40 10.37 36.47 -12.10
CA ALA D 40 10.53 37.90 -12.30
C ALA D 40 11.41 38.17 -13.51
N ILE D 41 12.54 37.45 -13.60
CA ILE D 41 13.52 37.60 -14.65
C ILE D 41 12.93 37.25 -16.04
N LYS D 42 12.17 36.16 -16.13
CA LYS D 42 11.43 35.86 -17.36
C LYS D 42 10.47 36.94 -17.77
N ALA D 43 9.74 37.50 -16.80
CA ALA D 43 8.82 38.60 -17.08
C ALA D 43 9.58 39.87 -17.54
N ILE D 44 10.72 40.13 -16.92
CA ILE D 44 11.52 41.27 -17.31
C ILE D 44 12.11 41.09 -18.70
N SER D 45 12.65 39.92 -19.02
CA SER D 45 13.17 39.64 -20.36
C SER D 45 12.15 39.95 -21.44
N SER D 46 10.94 39.47 -21.22
CA SER D 46 9.85 39.63 -22.18
C SER D 46 9.53 41.12 -22.43
N ALA D 47 9.46 41.89 -21.36
CA ALA D 47 9.28 43.33 -21.40
C ALA D 47 10.48 44.10 -22.04
N VAL D 48 11.71 43.69 -21.74
CA VAL D 48 12.87 44.28 -22.29
C VAL D 48 12.96 44.02 -23.81
N ARG D 49 12.58 42.84 -24.28
CA ARG D 49 12.54 42.53 -25.73
C ARG D 49 11.32 43.20 -26.45
N LYS D 50 10.48 43.92 -25.70
CA LYS D 50 9.39 44.79 -26.22
C LYS D 50 8.13 44.05 -26.65
N ALA D 51 7.82 42.95 -25.96
CA ALA D 51 6.55 42.23 -26.20
C ALA D 51 5.45 43.23 -25.96
N GLY D 52 4.52 43.36 -26.92
CA GLY D 52 3.35 44.27 -26.73
C GLY D 52 3.53 45.72 -27.12
N LEU D 53 4.70 46.04 -27.65
CA LEU D 53 5.00 47.39 -28.09
C LEU D 53 3.98 47.92 -29.13
N ALA D 54 3.47 47.04 -30.00
CA ALA D 54 2.52 47.48 -31.04
C ALA D 54 1.27 48.06 -30.39
N HIS D 55 0.92 47.56 -29.19
CA HIS D 55 -0.22 48.11 -28.44
C HIS D 55 0.02 49.52 -27.89
N LEU D 56 1.26 49.79 -27.44
CA LEU D 56 1.69 51.15 -27.02
C LEU D 56 1.61 52.09 -28.18
N TYR D 57 1.90 51.62 -29.38
CA TYR D 57 1.88 52.48 -30.57
C TYR D 57 0.57 52.50 -31.36
N GLY D 58 -0.53 52.06 -30.72
CA GLY D 58 -1.88 52.30 -31.25
C GLY D 58 -2.44 51.29 -32.26
N ILE D 59 -1.98 50.05 -32.19
CA ILE D 59 -2.49 49.00 -33.11
C ILE D 59 -4.05 48.80 -33.00
N ALA D 60 -4.56 48.95 -31.77
CA ALA D 60 -6.00 48.86 -31.45
C ALA D 60 -6.71 50.23 -31.29
N GLY D 61 -6.08 51.33 -31.71
CA GLY D 61 -6.63 52.71 -31.52
C GLY D 61 -5.81 53.59 -30.57
N VAL D 70 11.36 54.47 -20.60
CA VAL D 70 12.57 54.06 -19.87
C VAL D 70 12.31 54.05 -18.35
N LYS D 71 11.71 55.08 -17.81
CA LYS D 71 11.35 54.99 -16.44
C LYS D 71 10.22 54.01 -16.23
N LYS D 72 9.36 53.83 -17.21
CA LYS D 72 8.31 52.85 -17.06
C LYS D 72 8.87 51.42 -16.97
N LEU D 73 9.84 51.10 -17.79
CA LEU D 73 10.47 49.77 -17.77
C LEU D 73 11.19 49.57 -16.41
N ASP D 74 11.75 50.65 -15.86
CA ASP D 74 12.39 50.61 -14.53
C ASP D 74 11.43 50.32 -13.43
N VAL D 75 10.33 51.05 -13.40
CA VAL D 75 9.27 50.86 -12.42
C VAL D 75 8.72 49.43 -12.55
N LEU D 76 8.39 49.01 -13.78
CA LEU D 76 7.84 47.68 -14.00
C LEU D 76 8.78 46.56 -13.52
N SER D 77 10.05 46.62 -13.94
CA SER D 77 11.06 45.63 -13.54
CA SER D 77 11.01 45.60 -13.54
C SER D 77 11.18 45.55 -12.00
N ASN D 78 11.21 46.72 -11.38
CA ASN D 78 11.28 46.82 -9.93
C ASN D 78 10.04 46.18 -9.28
N SER D 79 8.86 46.48 -9.82
CA SER D 79 7.60 45.95 -9.25
C SER D 79 7.45 44.46 -9.44
N LEU D 80 7.88 43.97 -10.59
CA LEU D 80 7.99 42.55 -10.80
C LEU D 80 8.83 41.80 -9.77
N VAL D 81 10.02 42.30 -9.47
CA VAL D 81 10.87 41.63 -8.51
C VAL D 81 10.27 41.74 -7.10
N ILE D 82 9.86 42.95 -6.71
CA ILE D 82 9.28 43.15 -5.40
C ILE D 82 8.07 42.26 -5.15
N ASN D 83 7.11 42.27 -6.05
CA ASN D 83 5.92 41.44 -5.87
CA ASN D 83 5.92 41.45 -5.85
C ASN D 83 6.21 39.94 -5.88
N MET D 84 7.04 39.48 -6.78
CA MET D 84 7.37 38.07 -6.88
C MET D 84 8.10 37.64 -5.61
N LEU D 85 8.99 38.47 -5.08
CA LEU D 85 9.74 38.08 -3.88
C LEU D 85 8.85 38.14 -2.64
N GLN D 86 8.08 39.21 -2.46
CA GLN D 86 7.28 39.29 -1.28
C GLN D 86 6.28 38.13 -1.29
N SER D 87 5.65 37.83 -2.42
CA SER D 87 4.59 36.81 -2.40
C SER D 87 5.15 35.36 -2.30
N SER D 88 6.47 35.20 -2.20
CA SER D 88 7.12 33.89 -2.12
C SER D 88 6.98 33.31 -0.70
N TYR D 89 6.62 34.19 0.25
CA TYR D 89 6.65 33.93 1.69
C TYR D 89 8.06 33.60 2.22
N SER D 90 9.11 33.94 1.49
CA SER D 90 10.45 33.57 1.88
C SER D 90 11.30 34.77 2.37
N THR D 91 10.76 35.99 2.31
CA THR D 91 11.55 37.23 2.57
C THR D 91 11.09 38.04 3.79
N CYS D 92 12.03 38.81 4.39
CA CYS D 92 11.71 39.83 5.42
C CYS D 92 12.12 41.24 5.06
N VAL D 93 13.21 41.39 4.28
CA VAL D 93 13.80 42.67 3.91
C VAL D 93 14.34 42.59 2.45
N LEU D 94 14.04 43.62 1.66
CA LEU D 94 14.57 43.73 0.28
C LEU D 94 15.26 45.07 0.17
N VAL D 95 16.39 45.08 -0.49
CA VAL D 95 16.96 46.34 -0.87
C VAL D 95 16.95 46.41 -2.37
N SER D 96 16.33 47.48 -2.89
CA SER D 96 16.40 47.74 -4.32
C SER D 96 17.21 48.95 -4.68
N GLU D 97 17.94 48.85 -5.80
CA GLU D 97 18.59 50.01 -6.39
C GLU D 97 17.59 51.12 -6.57
N GLU D 98 16.31 50.78 -6.79
CA GLU D 98 15.27 51.77 -7.15
C GLU D 98 14.61 52.43 -5.97
N ASN D 99 14.78 51.92 -4.77
CA ASN D 99 14.11 52.51 -3.62
C ASN D 99 15.12 53.05 -2.59
N LYS D 100 14.86 54.25 -2.06
CA LYS D 100 15.75 54.94 -1.10
C LYS D 100 15.91 54.13 0.18
N ASP D 101 14.81 53.52 0.66
CA ASP D 101 14.83 52.70 1.88
C ASP D 101 14.62 51.24 1.64
N ALA D 102 15.10 50.44 2.60
CA ALA D 102 14.89 49.01 2.57
C ALA D 102 13.36 48.76 2.56
N ILE D 103 12.91 47.67 1.99
CA ILE D 103 11.49 47.35 2.01
C ILE D 103 11.26 46.18 2.94
N ILE D 104 10.49 46.40 4.00
CA ILE D 104 10.27 45.37 5.00
C ILE D 104 9.02 44.60 4.59
N THR D 105 9.15 43.28 4.42
CA THR D 105 7.99 42.41 4.10
C THR D 105 6.94 42.42 5.21
N ALA D 106 5.66 42.49 4.80
CA ALA D 106 4.52 42.45 5.72
C ALA D 106 4.56 41.14 6.52
N LYS D 107 4.19 41.23 7.81
CA LYS D 107 4.34 40.12 8.76
C LYS D 107 3.73 38.82 8.27
N GLU D 108 2.54 38.89 7.66
CA GLU D 108 1.84 37.67 7.10
C GLU D 108 2.66 36.89 6.07
N LYS D 109 3.54 37.62 5.37
CA LYS D 109 4.28 37.09 4.23
C LYS D 109 5.77 36.88 4.55
N ARG D 110 6.13 37.12 5.82
CA ARG D 110 7.53 37.24 6.22
C ARG D 110 8.17 35.87 6.32
N GLY D 111 9.30 35.69 5.63
CA GLY D 111 10.17 34.53 5.84
C GLY D 111 11.54 35.01 6.29
N LYS D 112 12.57 34.23 6.00
CA LYS D 112 13.86 34.42 6.66
C LYS D 112 14.95 35.00 5.81
N TYR D 113 14.67 35.29 4.53
CA TYR D 113 15.71 35.70 3.60
C TYR D 113 15.68 37.23 3.31
N VAL D 114 16.86 37.75 3.01
CA VAL D 114 17.08 39.16 2.70
C VAL D 114 17.60 39.16 1.28
N VAL D 115 17.02 39.99 0.43
CA VAL D 115 17.47 40.03 -0.98
C VAL D 115 17.85 41.46 -1.32
N CYS D 116 19.04 41.61 -1.88
CA CYS D 116 19.53 42.88 -2.40
C CYS D 116 19.57 42.73 -3.92
N PHE D 117 18.98 43.68 -4.64
CA PHE D 117 18.91 43.53 -6.08
C PHE D 117 18.87 44.85 -6.81
N ASP D 118 19.36 44.79 -8.04
CA ASP D 118 19.21 45.85 -9.01
C ASP D 118 18.34 45.23 -10.12
N PRO D 119 17.07 45.63 -10.17
CA PRO D 119 16.05 44.97 -10.99
C PRO D 119 16.33 45.18 -12.48
N LEU D 120 16.90 46.31 -12.80
CA LEU D 120 17.27 46.61 -14.18
C LEU D 120 18.49 47.52 -14.37
N ASP D 121 19.66 46.91 -14.42
CA ASP D 121 20.93 47.63 -14.40
C ASP D 121 21.35 47.90 -15.80
N GLY D 122 21.64 49.18 -16.11
CA GLY D 122 22.02 49.62 -17.45
C GLY D 122 20.87 50.24 -18.21
N SER D 123 19.72 50.34 -17.54
CA SER D 123 18.45 50.80 -18.14
C SER D 123 18.44 52.25 -18.63
N SER D 124 19.26 53.10 -18.03
CA SER D 124 19.44 54.46 -18.54
C SER D 124 19.91 54.50 -20.00
N ASN D 125 20.70 53.49 -20.38
CA ASN D 125 21.19 53.33 -21.75
C ASN D 125 20.38 52.34 -22.62
N ILE D 126 19.12 52.06 -22.21
CA ILE D 126 18.19 51.14 -22.95
C ILE D 126 17.84 51.64 -24.37
N ASP D 127 17.85 52.96 -24.54
CA ASP D 127 17.43 53.55 -25.80
C ASP D 127 18.46 53.29 -26.89
N CYS D 128 19.67 52.84 -26.52
CA CYS D 128 20.64 52.40 -27.55
C CYS D 128 20.69 50.89 -27.71
N LEU D 129 19.75 50.23 -27.00
CA LEU D 129 19.61 48.77 -26.98
C LEU D 129 20.85 48.04 -26.46
N ALA D 130 21.60 48.72 -25.59
CA ALA D 130 22.63 48.08 -24.77
C ALA D 130 22.09 46.84 -24.13
N SER D 131 22.89 45.79 -24.13
CA SER D 131 22.75 44.68 -23.16
C SER D 131 22.54 45.25 -21.77
N ILE D 132 21.51 44.77 -21.09
CA ILE D 132 21.22 45.15 -19.71
C ILE D 132 20.97 43.91 -18.87
N GLY D 133 20.81 44.12 -17.57
CA GLY D 133 20.78 43.04 -16.64
C GLY D 133 19.98 43.19 -15.37
N THR D 134 19.79 42.06 -14.71
CA THR D 134 19.23 42.06 -13.35
C THR D 134 20.25 41.39 -12.42
N ILE D 135 20.53 41.99 -11.26
CA ILE D 135 21.56 41.47 -10.34
C ILE D 135 20.92 41.23 -8.96
N PHE D 136 21.28 40.14 -8.29
CA PHE D 136 20.72 39.88 -6.94
C PHE D 136 21.68 39.09 -6.03
N ALA D 137 21.61 39.38 -4.72
CA ALA D 137 22.29 38.56 -3.70
C ALA D 137 21.32 38.25 -2.58
N ILE D 138 21.40 37.02 -2.10
CA ILE D 138 20.46 36.56 -1.06
C ILE D 138 21.23 36.23 0.23
N TYR D 139 20.71 36.74 1.37
CA TYR D 139 21.23 36.51 2.69
C TYR D 139 20.13 35.94 3.58
N ARG D 140 20.54 35.23 4.64
CA ARG D 140 19.65 34.78 5.71
C ARG D 140 19.69 35.83 6.83
N LYS D 141 18.53 36.15 7.39
CA LYS D 141 18.43 37.11 8.46
C LYS D 141 19.08 36.41 9.65
N THR D 142 20.28 36.88 10.01
CA THR D 142 20.90 36.63 11.33
C THR D 142 20.22 37.64 12.26
N SER D 143 20.01 37.25 13.51
CA SER D 143 19.38 38.12 14.52
C SER D 143 17.97 37.61 14.80
N ASP D 145 16.29 39.20 16.23
CA ASP D 145 15.39 40.18 16.85
C ASP D 145 14.12 40.53 16.03
N GLU D 146 14.27 41.33 14.97
CA GLU D 146 13.14 41.90 14.20
C GLU D 146 13.63 42.63 12.95
N PRO D 147 13.04 42.31 11.78
CA PRO D 147 13.61 42.74 10.48
C PRO D 147 13.77 44.26 10.28
N SER D 148 14.93 44.63 9.76
CA SER D 148 15.25 46.02 9.46
C SER D 148 16.30 46.08 8.37
N GLU D 149 16.51 47.27 7.88
CA GLU D 149 17.61 47.55 6.96
C GLU D 149 18.96 46.99 7.41
N LYS D 150 19.21 46.91 8.71
CA LYS D 150 20.47 46.38 9.17
C LYS D 150 20.68 44.96 8.71
N ASP D 151 19.61 44.25 8.52
CA ASP D 151 19.72 42.88 8.02
C ASP D 151 20.29 42.77 6.62
N ALA D 152 20.27 43.87 5.88
CA ALA D 152 20.84 43.91 4.54
C ALA D 152 22.32 44.33 4.56
N LEU D 153 22.85 44.68 5.74
CA LEU D 153 24.21 45.22 5.84
C LEU D 153 25.24 44.15 6.22
N GLN D 154 25.08 42.95 5.69
CA GLN D 154 26.00 41.87 5.97
C GLN D 154 27.10 41.89 4.93
N CYS D 155 28.27 41.39 5.29
CA CYS D 155 29.33 41.34 4.32
CA CYS D 155 29.38 41.26 4.37
C CYS D 155 29.01 40.21 3.33
N GLY D 156 29.59 40.32 2.15
CA GLY D 156 29.34 39.39 1.07
C GLY D 156 29.78 37.96 1.33
N ARG D 157 30.68 37.78 2.27
CA ARG D 157 31.03 36.43 2.74
C ARG D 157 29.81 35.68 3.32
N ASN D 158 28.76 36.38 3.72
CA ASN D 158 27.54 35.76 4.29
C ASN D 158 26.44 35.37 3.24
N ILE D 159 26.73 35.55 1.95
CA ILE D 159 25.76 35.28 0.87
C ILE D 159 25.41 33.79 0.84
N VAL D 160 24.11 33.49 0.74
CA VAL D 160 23.65 32.10 0.55
C VAL D 160 23.50 31.71 -0.93
N ALA D 161 23.06 32.70 -1.72
CA ALA D 161 22.93 32.56 -3.18
C ALA D 161 23.03 33.93 -3.86
N ALA D 162 23.56 33.96 -5.05
CA ALA D 162 23.58 35.21 -5.84
C ALA D 162 23.65 34.91 -7.31
N GLY D 163 23.35 35.91 -8.11
CA GLY D 163 23.49 35.77 -9.53
C GLY D 163 23.07 36.99 -10.31
N TYR D 164 23.01 36.80 -11.62
CA TYR D 164 22.58 37.85 -12.51
C TYR D 164 21.85 37.25 -13.73
N ALA D 165 20.98 38.05 -14.30
CA ALA D 165 20.36 37.79 -15.60
C ALA D 165 20.92 38.85 -16.53
N LEU D 166 21.39 38.41 -17.68
CA LEU D 166 21.88 39.27 -18.74
C LEU D 166 20.88 39.17 -19.93
N TYR D 167 20.27 40.31 -20.29
CA TYR D 167 19.35 40.37 -21.41
C TYR D 167 20.16 40.92 -22.58
N GLY D 168 20.87 40.02 -23.25
CA GLY D 168 21.77 40.44 -24.33
C GLY D 168 21.26 39.86 -25.60
N SER D 169 22.14 39.31 -26.46
CA SER D 169 21.64 38.67 -27.69
C SER D 169 20.64 37.50 -27.35
N ALA D 170 20.89 36.83 -26.21
CA ALA D 170 19.93 35.90 -25.65
C ALA D 170 19.86 36.26 -24.20
N THR D 171 18.93 35.63 -23.48
CA THR D 171 18.81 35.85 -22.03
C THR D 171 19.47 34.70 -21.26
N LEU D 172 20.45 35.07 -20.43
CA LEU D 172 21.20 34.10 -19.66
C LEU D 172 21.08 34.41 -18.14
N VAL D 173 21.09 33.37 -17.29
CA VAL D 173 21.26 33.54 -15.84
C VAL D 173 22.57 32.86 -15.40
N ALA D 174 23.36 33.56 -14.59
CA ALA D 174 24.48 32.99 -13.92
C ALA D 174 24.03 32.84 -12.46
N LEU D 175 24.18 31.65 -11.91
CA LEU D 175 23.72 31.38 -10.55
C LEU D 175 24.73 30.57 -9.75
N SER D 176 24.96 30.98 -8.50
CA SER D 176 25.70 30.16 -7.49
C SER D 176 24.98 30.14 -6.18
N THR D 177 25.01 28.95 -5.57
CA THR D 177 24.52 28.78 -4.24
C THR D 177 25.70 28.30 -3.38
N GLY D 178 26.92 28.56 -3.85
CA GLY D 178 28.12 28.25 -3.08
C GLY D 178 28.89 27.04 -3.55
N GLN D 179 28.43 26.36 -4.60
CA GLN D 179 29.16 25.20 -5.11
C GLN D 179 29.57 25.48 -6.58
N GLY D 180 30.06 26.69 -6.84
CA GLY D 180 30.52 27.02 -8.16
C GLY D 180 29.46 27.83 -8.86
N VAL D 181 29.71 28.13 -10.13
CA VAL D 181 28.82 28.97 -10.92
C VAL D 181 28.22 28.14 -12.04
N ASP D 182 26.91 28.20 -12.17
CA ASP D 182 26.25 27.51 -13.25
C ASP D 182 25.60 28.52 -14.20
N LEU D 183 25.63 28.20 -15.48
CA LEU D 183 25.01 29.06 -16.53
C LEU D 183 23.77 28.41 -17.23
N PHE D 184 22.68 29.19 -17.28
CA PHE D 184 21.40 28.81 -17.84
C PHE D 184 20.99 29.85 -18.94
N MET D 185 20.38 29.37 -20.02
CA MET D 185 19.95 30.21 -21.15
C MET D 185 18.43 30.05 -21.26
N LEU D 186 17.71 31.15 -21.36
CA LEU D 186 16.27 31.11 -21.53
C LEU D 186 15.95 30.65 -22.96
N ASP D 187 15.20 29.55 -23.08
CA ASP D 187 14.56 29.17 -24.34
C ASP D 187 13.19 29.80 -24.34
N PRO D 188 13.00 30.88 -25.12
CA PRO D 188 11.71 31.57 -25.07
C PRO D 188 10.56 30.81 -25.76
N ALA D 189 10.89 29.84 -26.64
CA ALA D 189 9.87 28.99 -27.24
C ALA D 189 9.29 28.04 -26.13
N LEU D 190 10.16 27.56 -25.27
CA LEU D 190 9.74 26.69 -24.16
C LEU D 190 9.29 27.48 -22.94
N GLY D 191 9.87 28.64 -22.69
CA GLY D 191 9.55 29.37 -21.47
C GLY D 191 10.32 28.89 -20.26
N GLU D 192 11.48 28.30 -20.47
CA GLU D 192 12.29 27.75 -19.37
C GLU D 192 13.75 28.09 -19.60
N PHE D 193 14.47 28.18 -18.50
CA PHE D 193 15.92 28.25 -18.54
C PHE D 193 16.49 26.88 -18.59
N VAL D 194 17.47 26.71 -19.47
CA VAL D 194 18.13 25.43 -19.74
C VAL D 194 19.60 25.55 -19.31
N LEU D 195 20.08 24.57 -18.54
CA LEU D 195 21.48 24.50 -18.13
C LEU D 195 22.40 24.31 -19.35
N VAL D 196 23.34 25.23 -19.54
CA VAL D 196 24.23 25.15 -20.67
C VAL D 196 25.69 24.97 -20.22
N GLU D 197 26.04 25.42 -19.03
CA GLU D 197 27.35 25.15 -18.52
C GLU D 197 27.35 24.98 -17.02
N LYS D 198 27.88 23.86 -16.54
CA LYS D 198 27.97 23.59 -15.12
C LYS D 198 29.37 23.90 -14.56
N ASP D 199 29.43 24.55 -13.40
CA ASP D 199 30.67 24.79 -12.66
C ASP D 199 31.69 25.55 -13.51
N VAL D 200 31.32 26.75 -13.97
CA VAL D 200 32.20 27.48 -14.89
C VAL D 200 33.38 28.10 -14.13
N LYS D 201 34.54 28.04 -14.74
CA LYS D 201 35.76 28.57 -14.14
C LYS D 201 36.40 29.60 -15.04
N ILE D 202 36.74 30.74 -14.46
CA ILE D 202 37.36 31.83 -15.20
C ILE D 202 38.82 31.47 -15.53
N LYS D 203 39.34 31.91 -16.65
CA LYS D 203 40.76 31.75 -16.97
C LYS D 203 41.68 32.34 -15.92
N LYS D 204 42.83 31.73 -15.70
CA LYS D 204 43.79 32.27 -14.76
C LYS D 204 44.27 33.69 -15.20
N LYS D 205 44.38 33.85 -16.51
CA LYS D 205 44.81 35.10 -17.09
C LYS D 205 44.19 35.33 -18.46
N GLY D 206 43.68 36.53 -18.69
CA GLY D 206 42.99 36.86 -19.96
C GLY D 206 43.82 37.82 -20.80
N LYS D 207 43.17 38.44 -21.78
CA LYS D 207 43.80 39.35 -22.75
C LYS D 207 42.93 40.59 -23.10
N ILE D 208 41.99 40.92 -22.21
CA ILE D 208 41.05 42.01 -22.39
C ILE D 208 41.03 42.77 -21.08
N TYR D 209 41.05 44.11 -21.17
CA TYR D 209 40.90 44.98 -20.00
C TYR D 209 39.71 45.87 -20.29
N SER D 210 38.96 46.20 -19.25
CA SER D 210 37.66 46.80 -19.40
C SER D 210 37.48 47.86 -18.34
N LEU D 211 37.56 49.12 -18.79
CA LEU D 211 37.27 50.29 -17.96
C LEU D 211 37.02 51.50 -18.86
N ASN D 212 36.37 52.51 -18.28
CA ASN D 212 36.10 53.77 -18.94
C ASN D 212 37.34 54.66 -18.91
N GLU D 213 38.07 54.71 -20.01
CA GLU D 213 39.28 55.53 -20.07
C GLU D 213 38.96 57.02 -20.20
N GLY D 214 37.68 57.35 -20.39
CA GLY D 214 37.26 58.74 -20.40
C GLY D 214 37.50 59.39 -19.06
N TYR D 215 37.79 58.60 -18.01
CA TYR D 215 38.19 59.17 -16.73
C TYR D 215 39.70 59.19 -16.47
N ALA D 216 40.51 58.99 -17.52
CA ALA D 216 41.96 58.95 -17.44
C ALA D 216 42.57 60.12 -16.67
N LYS D 217 42.01 61.30 -16.89
CA LYS D 217 42.44 62.53 -16.25
C LYS D 217 42.32 62.43 -14.75
N TYR D 218 41.44 61.55 -14.26
CA TYR D 218 41.10 61.46 -12.87
C TYR D 218 41.63 60.22 -12.19
N PHE D 219 42.32 59.36 -12.92
CA PHE D 219 42.82 58.13 -12.34
C PHE D 219 43.89 58.39 -11.28
N ASP D 220 44.01 57.46 -10.32
CA ASP D 220 45.21 57.39 -9.47
C ASP D 220 46.40 56.87 -10.30
N ALA D 221 47.61 57.03 -9.77
CA ALA D 221 48.84 56.60 -10.43
C ALA D 221 48.83 55.08 -10.78
N ALA D 222 48.29 54.27 -9.85
CA ALA D 222 48.22 52.82 -10.05
C ALA D 222 47.43 52.43 -11.28
N THR D 223 46.27 53.03 -11.47
CA THR D 223 45.42 52.72 -12.61
C THR D 223 46.09 53.17 -13.89
N THR D 224 46.67 54.37 -13.84
CA THR D 224 47.38 54.93 -15.01
C THR D 224 48.50 53.95 -15.41
N GLU D 225 49.27 53.49 -14.43
CA GLU D 225 50.38 52.61 -14.70
C GLU D 225 49.88 51.28 -15.22
N TYR D 226 48.82 50.72 -14.59
CA TYR D 226 48.31 49.43 -15.08
C TYR D 226 47.81 49.51 -16.52
N VAL D 227 47.03 50.55 -16.81
CA VAL D 227 46.52 50.74 -18.22
C VAL D 227 47.68 50.84 -19.22
N GLN D 228 48.74 51.59 -18.88
CA GLN D 228 49.93 51.68 -19.75
C GLN D 228 50.59 50.33 -19.96
N LYS D 229 50.70 49.49 -18.92
CA LYS D 229 51.24 48.13 -19.10
C LYS D 229 50.36 47.28 -20.04
N LYS D 230 49.04 47.45 -20.01
CA LYS D 230 48.15 46.68 -20.91
C LYS D 230 48.33 47.06 -22.40
N LYS D 231 48.61 48.34 -22.64
CA LYS D 231 48.79 48.87 -23.98
C LYS D 231 50.22 48.79 -24.49
N PHE D 232 51.19 48.95 -23.57
CA PHE D 232 52.62 48.95 -23.90
C PHE D 232 53.39 47.94 -23.05
N PRO D 233 53.12 46.64 -23.22
CA PRO D 233 53.78 45.65 -22.35
C PRO D 233 55.29 45.68 -22.55
N GLU D 234 56.06 45.51 -21.48
CA GLU D 234 57.51 45.59 -21.60
C GLU D 234 58.19 44.27 -21.78
N ASP D 235 57.42 43.21 -21.83
CA ASP D 235 57.96 41.84 -21.83
C ASP D 235 57.86 41.15 -23.20
N GLY D 236 57.67 41.93 -24.25
CA GLY D 236 57.48 41.39 -25.61
C GLY D 236 56.11 40.76 -25.93
N SER D 237 55.16 40.78 -25.00
CA SER D 237 53.84 40.18 -25.25
C SER D 237 52.95 41.18 -26.01
N ALA D 238 51.88 40.71 -26.65
CA ALA D 238 50.94 41.57 -27.37
C ALA D 238 50.12 42.38 -26.37
N PRO D 239 49.84 43.65 -26.69
CA PRO D 239 48.98 44.42 -25.78
C PRO D 239 47.60 43.78 -25.63
N TYR D 240 46.91 44.04 -24.51
CA TYR D 240 45.57 43.52 -24.34
C TYR D 240 44.63 44.25 -25.32
N GLY D 241 43.56 43.57 -25.71
CA GLY D 241 42.39 44.19 -26.35
C GLY D 241 41.58 44.98 -25.29
N ALA D 242 40.89 46.03 -25.75
CA ALA D 242 39.96 46.72 -24.88
C ALA D 242 38.48 46.49 -25.28
N ARG D 243 37.64 46.42 -24.26
CA ARG D 243 36.15 46.36 -24.38
C ARG D 243 35.53 47.09 -23.19
N TYR D 244 34.48 47.87 -23.41
CA TYR D 244 33.73 48.54 -22.31
C TYR D 244 32.36 48.86 -22.88
N VAL D 245 31.42 47.97 -22.56
CA VAL D 245 30.04 48.14 -22.93
C VAL D 245 29.43 49.29 -22.16
N GLY D 246 29.81 49.47 -20.89
CA GLY D 246 29.18 50.47 -20.09
C GLY D 246 27.96 49.96 -19.35
N SER D 247 27.76 48.65 -19.39
CA SER D 247 26.63 47.97 -18.73
C SER D 247 27.32 46.92 -17.91
N MET D 248 27.30 47.06 -16.60
CA MET D 248 28.13 46.18 -15.73
C MET D 248 27.90 44.70 -15.96
N VAL D 249 26.64 44.26 -16.12
CA VAL D 249 26.38 42.85 -16.27
C VAL D 249 27.01 42.30 -17.55
N ALA D 250 26.98 43.08 -18.63
CA ALA D 250 27.54 42.64 -19.91
C ALA D 250 29.06 42.53 -19.84
N ASP D 251 29.69 43.55 -19.24
CA ASP D 251 31.15 43.57 -19.01
C ASP D 251 31.64 42.44 -18.05
N VAL D 252 30.92 42.22 -16.96
CA VAL D 252 31.25 41.16 -15.98
C VAL D 252 31.09 39.78 -16.62
N HIS D 253 30.02 39.60 -17.40
CA HIS D 253 29.76 38.33 -17.97
C HIS D 253 30.83 37.99 -19.02
N ARG D 254 31.19 38.94 -19.84
CA ARG D 254 32.30 38.74 -20.79
C ARG D 254 33.59 38.38 -20.03
N THR D 255 33.88 39.07 -18.93
CA THR D 255 35.11 38.78 -18.11
C THR D 255 35.12 37.33 -17.60
N LEU D 256 33.95 36.86 -17.12
CA LEU D 256 33.78 35.44 -16.75
C LEU D 256 34.09 34.49 -17.90
N VAL D 257 33.49 34.72 -19.05
CA VAL D 257 33.55 33.71 -20.11
C VAL D 257 34.80 33.80 -20.96
N TYR D 258 35.37 34.98 -21.14
CA TYR D 258 36.55 35.15 -21.99
C TYR D 258 37.84 35.38 -21.15
N GLY D 259 37.67 35.80 -19.89
CA GLY D 259 38.79 36.15 -19.06
C GLY D 259 39.20 37.60 -19.19
N GLY D 260 40.15 38.00 -18.35
CA GLY D 260 40.65 39.34 -18.32
C GLY D 260 40.19 40.07 -17.08
N ILE D 261 40.08 41.37 -17.20
CA ILE D 261 39.88 42.22 -16.04
C ILE D 261 38.85 43.31 -16.39
N PHE D 262 38.04 43.63 -15.40
CA PHE D 262 37.07 44.71 -15.45
C PHE D 262 37.30 45.59 -14.24
N LEU D 263 37.35 46.91 -14.48
CA LEU D 263 37.65 47.91 -13.46
C LEU D 263 36.69 49.09 -13.48
N TYR D 264 36.17 49.43 -12.32
CA TYR D 264 35.63 50.75 -12.05
C TYR D 264 36.28 51.18 -10.74
N PRO D 265 37.54 51.63 -10.82
CA PRO D 265 38.21 52.09 -9.60
C PRO D 265 37.72 53.44 -9.12
N ALA D 266 38.04 53.78 -7.88
CA ALA D 266 37.97 55.14 -7.40
C ALA D 266 38.73 56.08 -8.36
N ASN D 267 38.22 57.29 -8.51
CA ASN D 267 38.90 58.34 -9.26
C ASN D 267 38.65 59.69 -8.62
N GLN D 268 39.33 60.73 -9.08
CA GLN D 268 39.15 62.07 -8.48
C GLN D 268 37.69 62.55 -8.37
N LYS D 269 36.88 62.27 -9.37
CA LYS D 269 35.49 62.70 -9.35
C LYS D 269 34.57 61.73 -8.60
N SER D 270 34.94 60.48 -8.55
CA SER D 270 34.21 59.47 -7.76
C SER D 270 35.17 58.75 -6.79
N PRO D 271 35.48 59.40 -5.64
CA PRO D 271 36.54 58.89 -4.75
C PRO D 271 36.15 57.62 -4.01
N LYS D 272 34.85 57.30 -3.97
CA LYS D 272 34.30 56.05 -3.43
C LYS D 272 34.00 55.02 -4.54
N GLY D 273 34.40 55.30 -5.78
CA GLY D 273 33.93 54.50 -6.89
C GLY D 273 32.49 54.89 -7.29
N LYS D 274 31.93 54.18 -8.25
CA LYS D 274 30.55 54.45 -8.66
C LYS D 274 29.60 53.31 -8.29
N LEU D 275 30.05 52.07 -8.51
CA LEU D 275 29.19 50.91 -8.49
C LEU D 275 28.78 50.60 -7.05
N ARG D 276 27.61 49.99 -6.88
CA ARG D 276 26.99 49.89 -5.57
C ARG D 276 27.32 48.59 -4.90
N LEU D 277 27.76 48.67 -3.65
CA LEU D 277 28.21 47.50 -2.92
C LEU D 277 27.18 46.38 -2.81
N LEU D 278 26.01 46.69 -2.28
CA LEU D 278 25.08 45.65 -1.89
C LEU D 278 24.48 44.83 -3.04
N TYR D 279 24.15 45.50 -4.15
CA TYR D 279 23.33 44.87 -5.20
C TYR D 279 23.97 44.95 -6.60
N GLU D 280 25.19 45.47 -6.68
CA GLU D 280 26.03 45.34 -7.85
C GLU D 280 27.31 44.60 -7.55
N CYS D 281 28.14 45.16 -6.66
CA CYS D 281 29.47 44.62 -6.44
C CYS D 281 29.51 43.28 -5.65
N ASN D 282 28.77 43.21 -4.54
CA ASN D 282 28.78 41.96 -3.76
C ASN D 282 28.31 40.78 -4.60
N PRO D 283 27.19 40.96 -5.36
CA PRO D 283 26.76 39.78 -6.14
C PRO D 283 27.71 39.33 -7.21
N VAL D 284 28.33 40.26 -7.95
CA VAL D 284 29.22 39.88 -9.01
C VAL D 284 30.55 39.38 -8.44
N ALA D 285 30.99 39.96 -7.32
CA ALA D 285 32.19 39.50 -6.59
C ALA D 285 32.02 38.02 -6.18
N TYR D 286 30.82 37.66 -5.73
CA TYR D 286 30.49 36.28 -5.31
C TYR D 286 30.57 35.31 -6.50
N ILE D 287 29.98 35.69 -7.64
CA ILE D 287 30.01 34.86 -8.81
C ILE D 287 31.45 34.68 -9.32
N ILE D 288 32.19 35.77 -9.43
CA ILE D 288 33.54 35.74 -9.95
C ILE D 288 34.46 34.90 -9.03
N GLU D 289 34.35 35.05 -7.72
CA GLU D 289 35.16 34.22 -6.78
C GLU D 289 34.75 32.76 -6.86
N GLN D 290 33.44 32.51 -6.98
CA GLN D 290 32.99 31.13 -7.08
C GLN D 290 33.49 30.47 -8.32
N ALA D 291 33.77 31.28 -9.35
CA ALA D 291 34.33 30.77 -10.60
C ALA D 291 35.88 30.77 -10.58
N GLY D 292 36.52 31.14 -9.49
CA GLY D 292 37.99 31.03 -9.36
C GLY D 292 38.69 32.34 -9.71
N GLY D 293 37.95 33.43 -9.66
CA GLY D 293 38.48 34.75 -9.97
C GLY D 293 38.71 35.54 -8.71
N LEU D 294 39.07 36.81 -8.87
CA LEU D 294 39.28 37.71 -7.74
C LEU D 294 38.42 38.93 -7.88
N ALA D 295 37.94 39.46 -6.75
CA ALA D 295 37.14 40.67 -6.77
C ALA D 295 37.55 41.58 -5.62
N THR D 296 38.19 42.70 -5.97
CA THR D 296 38.82 43.58 -4.96
C THR D 296 38.35 45.04 -5.12
N THR D 297 38.44 45.79 -4.02
CA THR D 297 38.25 47.23 -4.09
C THR D 297 39.57 48.00 -4.33
N GLY D 298 40.68 47.28 -4.34
CA GLY D 298 42.01 47.86 -4.37
C GLY D 298 42.64 47.88 -2.98
N THR D 299 41.81 47.66 -1.97
CA THR D 299 42.22 47.72 -0.57
C THR D 299 41.98 46.38 0.16
N GLN D 300 40.90 45.70 -0.22
CA GLN D 300 40.48 44.43 0.35
C GLN D 300 39.53 43.69 -0.59
N PRO D 301 39.28 42.40 -0.32
CA PRO D 301 38.25 41.77 -1.19
C PRO D 301 36.89 42.41 -0.97
N VAL D 302 36.15 42.59 -2.05
CA VAL D 302 34.81 43.20 -2.01
C VAL D 302 33.92 42.48 -0.97
N LEU D 303 33.97 41.15 -1.00
CA LEU D 303 33.12 40.35 -0.12
C LEU D 303 33.46 40.50 1.36
N ASP D 304 34.62 41.11 1.69
CA ASP D 304 34.97 41.38 3.08
C ASP D 304 34.58 42.76 3.57
N VAL D 305 34.15 43.60 2.66
CA VAL D 305 33.79 44.93 3.08
C VAL D 305 32.52 44.80 3.91
N LYS D 306 32.52 45.43 5.07
CA LYS D 306 31.33 45.54 5.90
C LYS D 306 30.51 46.77 5.49
N PRO D 307 29.30 46.58 4.92
CA PRO D 307 28.53 47.75 4.45
C PRO D 307 28.11 48.70 5.56
N GLU D 308 28.17 50.00 5.30
CA GLU D 308 27.78 51.07 6.25
C GLU D 308 26.35 51.58 5.98
N ALA D 309 25.96 51.55 4.71
CA ALA D 309 24.62 51.96 4.29
C ALA D 309 24.22 51.21 3.00
N ILE D 310 22.92 51.10 2.78
CA ILE D 310 22.38 50.22 1.73
C ILE D 310 22.78 50.64 0.31
N HIS D 311 23.00 51.93 0.09
CA HIS D 311 23.36 52.45 -1.24
C HIS D 311 24.84 52.90 -1.30
N GLN D 312 25.66 52.39 -0.38
CA GLN D 312 27.10 52.65 -0.38
C GLN D 312 27.75 52.25 -1.72
N ARG D 313 28.68 53.08 -2.20
CA ARG D 313 29.47 52.76 -3.38
C ARG D 313 30.82 52.22 -2.99
N VAL D 314 31.42 51.41 -3.86
CA VAL D 314 32.77 50.95 -3.66
C VAL D 314 33.49 50.81 -5.01
N PRO D 315 34.82 50.98 -5.02
CA PRO D 315 35.58 50.63 -6.21
C PRO D 315 35.45 49.16 -6.49
N LEU D 316 35.52 48.78 -7.76
CA LEU D 316 35.45 47.38 -8.12
C LEU D 316 36.48 47.03 -9.17
N ILE D 317 37.27 45.99 -8.89
CA ILE D 317 38.20 45.46 -9.88
C ILE D 317 38.06 43.97 -9.73
N LEU D 318 37.76 43.30 -10.84
CA LEU D 318 37.50 41.87 -10.79
C LEU D 318 37.92 41.16 -12.06
N GLY D 319 38.10 39.85 -11.94
CA GLY D 319 38.43 39.04 -13.10
C GLY D 319 39.39 37.93 -12.85
N SER D 320 40.12 37.58 -13.91
CA SER D 320 41.08 36.52 -13.91
C SER D 320 42.12 36.83 -12.85
N PRO D 321 42.53 35.82 -12.05
CA PRO D 321 43.30 36.12 -10.84
C PRO D 321 44.67 36.73 -11.13
N GLU D 322 45.33 36.25 -12.17
CA GLU D 322 46.62 36.82 -12.49
C GLU D 322 46.51 38.29 -12.89
N ASP D 323 45.42 38.67 -13.56
CA ASP D 323 45.24 40.07 -13.97
C ASP D 323 44.92 40.96 -12.77
N VAL D 324 44.02 40.49 -11.91
CA VAL D 324 43.69 41.27 -10.72
C VAL D 324 44.97 41.43 -9.83
N GLN D 325 45.80 40.39 -9.76
CA GLN D 325 47.04 40.42 -8.93
C GLN D 325 48.04 41.43 -9.53
N GLU D 326 48.18 41.48 -10.85
CA GLU D 326 48.99 42.52 -11.51
C GLU D 326 48.46 43.91 -11.13
N TYR D 327 47.15 44.10 -11.14
CA TYR D 327 46.62 45.41 -10.81
C TYR D 327 46.96 45.72 -9.38
N LEU D 328 46.76 44.74 -8.51
CA LEU D 328 47.03 44.96 -7.11
C LEU D 328 48.53 45.30 -6.83
N THR D 329 49.45 44.67 -7.56
CA THR D 329 50.87 45.00 -7.45
C THR D 329 51.10 46.48 -7.83
N CYS D 330 50.40 47.00 -8.84
CA CYS D 330 50.44 48.44 -9.16
C CYS D 330 49.92 49.32 -8.03
N VAL D 331 48.79 48.95 -7.43
CA VAL D 331 48.24 49.74 -6.32
C VAL D 331 49.25 49.76 -5.15
N GLN D 332 49.75 48.57 -4.82
CA GLN D 332 50.64 48.38 -3.64
C GLN D 332 51.95 49.20 -3.87
N LYS D 333 52.47 49.17 -5.10
CA LYS D 333 53.74 49.84 -5.42
C LYS D 333 53.65 51.37 -5.46
N ASN D 334 52.45 51.90 -5.76
CA ASN D 334 52.19 53.35 -5.84
C ASN D 334 51.56 53.94 -4.57
N GLN D 335 51.36 53.10 -3.54
CA GLN D 335 50.64 53.52 -2.30
C GLN D 335 51.21 54.81 -1.66
N ALA D 336 52.50 55.11 -1.93
CA ALA D 336 53.12 56.48 -1.99
C ALA D 336 54.17 56.65 -0.92
P AMP E . 4.34 -14.19 7.71
O1P AMP E . 5.77 -14.49 7.28
O2P AMP E . 3.59 -15.43 8.15
O3P AMP E . 4.29 -12.94 8.56
O5' AMP E . 3.68 -13.99 6.26
C5' AMP E . 4.09 -12.87 5.44
C4' AMP E . 2.94 -12.54 4.49
O4' AMP E . 2.61 -13.71 3.73
C3' AMP E . 1.60 -12.16 5.14
O3' AMP E . 1.51 -10.79 5.61
C2' AMP E . 0.61 -12.53 4.05
O2' AMP E . 0.44 -11.46 3.12
C1' AMP E . 1.20 -13.83 3.46
N9 AMP E . 0.61 -15.01 4.22
C8 AMP E . 1.21 -15.64 5.29
N7 AMP E . 0.46 -16.65 5.79
C5 AMP E . -0.69 -16.64 5.04
C6 AMP E . -1.93 -17.45 5.06
N6 AMP E . -2.06 -18.45 5.99
N1 AMP E . -2.87 -17.16 4.11
C2 AMP E . -2.70 -16.18 3.18
N3 AMP E . -1.60 -15.37 3.12
C4 AMP E . -0.58 -15.58 4.01
P P6P F . -29.14 1.62 15.22
C1 P6P F . -25.33 -2.22 17.22
O1 P6P F . -25.83 -3.52 17.01
C2 P6P F . -24.55 -1.67 16.01
O2 P6P F . -23.23 -1.23 16.45
C3 P6P F . -24.38 -2.54 14.72
O3 P6P F . -24.17 -3.98 14.92
C4 P6P F . -25.60 -2.07 13.87
O4 P6P F . -25.42 -1.91 12.47
C5 P6P F . -25.99 -0.66 14.39
O5 P6P F . -25.32 -0.51 15.63
C6 P6P F . -27.50 -0.41 14.59
O6 P6P F . -27.74 0.82 15.26
O1P P6P F . -28.79 3.05 15.56
O2P P6P F . -30.08 1.16 16.29
O3P P6P F . -29.80 1.44 13.85
S SO4 G . -22.39 3.77 20.38
O1 SO4 G . -22.80 4.09 19.01
O2 SO4 G . -21.24 2.85 20.35
O3 SO4 G . -21.98 4.99 21.05
O4 SO4 G . -23.52 3.11 21.01
S SO4 H . -23.30 -3.34 20.30
O1 SO4 H . -24.62 -3.91 20.03
O2 SO4 H . -22.22 -4.10 19.69
O3 SO4 H . -23.27 -2.01 19.73
O4 SO4 H . -23.05 -3.30 21.74
S SO4 I . -38.66 -6.32 -11.30
O1 SO4 I . -39.57 -7.44 -11.53
O2 SO4 I . -37.71 -6.17 -12.43
O3 SO4 I . -39.47 -5.13 -11.27
O4 SO4 I . -37.88 -6.56 -10.07
C1 GOL J . -25.01 -11.03 -11.78
O1 GOL J . -24.17 -10.30 -10.92
C2 GOL J . -26.41 -10.44 -11.62
O2 GOL J . -27.23 -11.36 -10.88
C3 GOL J . -26.20 -9.13 -10.87
O3 GOL J . -27.31 -8.33 -10.63
C1 GOL K . -8.68 1.02 28.74
O1 GOL K . -7.80 0.52 27.72
C2 GOL K . -9.31 -0.12 29.47
O2 GOL K . -9.79 -0.85 28.43
C3 GOL K . -10.64 0.11 30.14
O3 GOL K . -11.46 0.42 29.06
C1 GOL L . -35.18 17.43 17.37
O1 GOL L . -35.74 17.42 16.09
C2 GOL L . -35.18 15.98 17.77
O2 GOL L . -36.15 15.37 16.94
C3 GOL L . -35.45 15.73 19.26
O3 GOL L . -36.19 14.50 19.44
P AMP M . 8.31 -31.61 6.34
O1P AMP M . 8.18 -32.96 5.70
O2P AMP M . 9.15 -30.64 5.50
O3P AMP M . 6.97 -30.98 6.73
O5' AMP M . 9.11 -31.69 7.72
C5' AMP M . 10.40 -32.31 7.73
C4' AMP M . 10.75 -32.87 9.10
O4' AMP M . 10.81 -31.83 10.10
C3' AMP M . 9.78 -33.93 9.64
O3' AMP M . 9.92 -35.24 9.05
C2' AMP M . 10.01 -33.84 11.13
O2' AMP M . 11.07 -34.66 11.60
C1' AMP M . 10.24 -32.33 11.32
N9 AMP M . 8.86 -31.70 11.49
C8 AMP M . 8.10 -31.19 10.47
N7 AMP M . 6.90 -30.71 10.93
C5 AMP M . 6.86 -30.94 12.26
C6 AMP M . 5.87 -30.69 13.32
N6 AMP M . 4.69 -30.10 13.03
N1 AMP M . 6.22 -31.08 14.55
C2 AMP M . 7.40 -31.67 14.86
N3 AMP M . 8.35 -31.96 13.94
C4 AMP M . 8.14 -31.60 12.64
P P6P N . -7.67 -60.78 24.20
C1 P6P N . -9.01 -55.85 21.07
O1 P6P N . -9.74 -57.02 20.78
C2 P6P N . -7.48 -56.09 20.94
O2 P6P N . -7.01 -55.96 19.53
C3 P6P N . -6.66 -55.09 21.77
O3 P6P N . -7.26 -53.75 21.70
C4 P6P N . -6.48 -55.80 23.12
O4 P6P N . -5.28 -55.54 23.86
C5 P6P N . -6.53 -57.30 22.76
O5 P6P N . -7.23 -57.38 21.53
C6 P6P N . -7.18 -58.22 23.81
O6 P6P N . -7.45 -59.52 23.26
O1P P6P N . -7.06 -60.58 25.59
O2P P6P N . -7.06 -61.98 23.51
O3P P6P N . -9.14 -61.17 24.27
S SO4 O . -10.75 -55.09 17.63
O1 SO4 O . -11.69 -55.17 16.50
O2 SO4 O . -9.82 -53.99 17.42
O3 SO4 O . -11.53 -55.06 18.86
O4 SO4 O . -9.89 -56.29 17.65
S SO4 P . -7.44 -61.08 15.32
O1 SO4 P . -7.08 -61.92 14.17
O2 SO4 P . -7.60 -59.72 14.80
O3 SO4 P . -8.64 -61.63 15.86
O4 SO4 P . -6.44 -61.05 16.37
C1 GOL Q . -8.57 -53.59 0.60
O1 GOL Q . -7.23 -54.05 0.70
C2 GOL Q . -9.39 -54.76 1.02
O2 GOL Q . -9.17 -54.96 2.37
C3 GOL Q . -10.87 -54.60 1.02
O3 GOL Q . -11.10 -55.39 2.16
P AMP R . 6.71 12.43 -2.23
O1P AMP R . 7.43 12.37 -0.89
O2P AMP R . 7.15 13.58 -3.12
O3P AMP R . 6.63 11.11 -2.89
O5' AMP R . 5.27 12.90 -1.70
C5' AMP R . 4.49 12.03 -0.87
C4' AMP R . 2.99 12.33 -1.05
O4' AMP R . 2.69 13.67 -0.59
C3' AMP R . 2.47 12.24 -2.49
O3' AMP R . 2.19 10.90 -2.94
C2' AMP R . 1.29 13.19 -2.46
O2' AMP R . 0.08 12.56 -2.07
C1' AMP R . 1.75 14.27 -1.48
N9 AMP R . 2.49 15.30 -2.28
C8 AMP R . 3.85 15.39 -2.48
N7 AMP R . 4.12 16.45 -3.29
C5 AMP R . 2.94 17.04 -3.59
C6 AMP R . 2.50 18.17 -4.46
N6 AMP R . 3.46 18.89 -5.08
N1 AMP R . 1.17 18.45 -4.52
C2 AMP R . 0.25 17.71 -3.87
N3 AMP R . 0.56 16.63 -3.12
C4 AMP R . 1.87 16.27 -2.95
P P6P S . -15.32 8.89 -32.43
C1 P6P S . -9.75 10.79 -30.54
O1 P6P S . -9.25 9.91 -31.53
C2 P6P S . -10.49 10.05 -29.42
O2 P6P S . -9.62 9.03 -28.79
C3 P6P S . -11.05 11.03 -28.35
O3 P6P S . -10.25 12.22 -28.26
C4 P6P S . -12.53 11.26 -28.72
O4 P6P S . -13.46 11.45 -27.64
C5 P6P S . -12.87 10.01 -29.55
O5 P6P S . -11.65 9.43 -29.99
C6 P6P S . -13.79 10.27 -30.76
O6 P6P S . -14.08 9.01 -31.42
O1P P6P S . -14.95 9.46 -33.79
O2P P6P S . -16.54 9.67 -32.01
O3P P6P S . -15.64 7.41 -32.48
S SO4 T . -6.16 9.92 -31.60
O1 SO4 T . -7.11 8.86 -31.92
O2 SO4 T . -4.83 9.42 -31.86
O3 SO4 T . -6.38 11.11 -32.42
O4 SO4 T . -6.21 10.28 -30.18
S SO4 U . -8.70 3.05 -31.72
O1 SO4 U . -8.48 1.62 -31.83
O2 SO4 U . -9.00 3.70 -33.00
O3 SO4 U . -9.89 3.29 -30.92
O4 SO4 U . -7.49 3.59 -31.16
C1 GOL V . 7.17 -0.72 -27.47
O1 GOL V . 6.21 -1.15 -26.51
C2 GOL V . 6.38 0.25 -28.32
O2 GOL V . 5.26 -0.50 -28.63
C3 GOL V . 6.67 0.58 -29.73
O3 GOL V . 5.35 0.51 -30.23
P AMP W . 15.71 26.50 3.39
O1P AMP W . 14.84 26.45 2.15
O2P AMP W . 15.75 27.87 4.00
O3P AMP W . 15.24 25.47 4.40
O5' AMP W . 17.20 26.07 3.02
C5' AMP W . 18.23 26.20 3.99
C4' AMP W . 19.59 26.22 3.35
O4' AMP W . 19.85 25.04 2.56
C3' AMP W . 19.77 27.44 2.43
O3' AMP W . 20.15 28.63 3.15
C2' AMP W . 20.75 26.91 1.40
O2' AMP W . 22.09 27.08 1.80
C1' AMP W . 20.40 25.44 1.29
N9 AMP W . 19.39 25.38 0.20
C8 AMP W . 18.03 25.39 0.30
N7 AMP W . 17.44 25.35 -0.91
C5 AMP W . 18.43 25.34 -1.83
C6 AMP W . 18.49 25.30 -3.31
N6 AMP W . 17.31 25.28 -4.00
N1 AMP W . 19.72 25.28 -3.89
C2 AMP W . 20.88 25.31 -3.15
N3 AMP W . 20.91 25.34 -1.78
C4 AMP W . 19.72 25.36 -1.10
P P6P X . 30.29 55.05 -16.57
C1 P6P X . 25.09 51.97 -15.53
O1 P6P X . 25.31 51.48 -16.85
C2 P6P X . 26.13 51.45 -14.51
O2 P6P X . 25.50 51.38 -13.18
C3 P6P X . 26.78 50.08 -14.77
O3 P6P X . 25.90 49.11 -15.39
C4 P6P X . 28.04 50.47 -15.56
O4 P6P X . 29.19 49.63 -15.44
C5 P6P X . 28.39 51.87 -15.10
O5 P6P X . 27.19 52.40 -14.58
C6 P6P X . 28.95 52.74 -16.25
O6 P6P X . 29.23 54.09 -15.84
O1P P6P X . 31.35 54.27 -17.30
O2P P6P X . 30.75 56.06 -15.57
O3P P6P X . 29.44 55.80 -17.56
S SO4 Y . 24.64 57.26 -10.10
O1 SO4 Y . 24.20 57.61 -11.43
O2 SO4 Y . 25.99 56.67 -10.13
O3 SO4 Y . 24.61 58.42 -9.19
O4 SO4 Y . 23.70 56.25 -9.60
S SO4 Z . 21.54 52.59 -14.72
O1 SO4 Z . 21.66 52.65 -16.19
O2 SO4 Z . 22.62 53.38 -14.14
O3 SO4 Z . 20.24 53.04 -14.31
O4 SO4 Z . 21.80 51.22 -14.29
C1 GOL AA . 11.17 54.80 -1.11
O1 GOL AA . 11.96 53.84 -0.41
C2 GOL AA . 11.42 54.94 -2.64
O2 GOL AA . 10.19 55.15 -3.31
C3 GOL AA . 12.20 56.17 -3.03
O3 GOL AA . 13.18 55.88 -4.01
#